data_7D14
#
_entry.id   7D14
#
_entity_poly.entity_id   1
_entity_poly.type   'polypeptide(L)'
_entity_poly.pdbx_seq_one_letter_code
;MSRRFTVTSLPPAASAASADPESRRHSVADPRRLPREDVKGDGNPKESSPFINSTDTEKGREYDGRNMALFEEEMDTSPM
VSSLLSGLANYTNLPQGSREHEEAENNEGGKKKPVQAPRMGTFMGVYLPCLQNIFGVILFLRLTWVVGIAGIMESFCMVF
ICCSCTMLTAISMSAIATNGVVPAGGSYYMISRSLGPEFGGAVGLCFYLGTTFAGAMYILGTIEILLAYLFPAMAIFKAE
DASGEAAAMLNNMRVYGTCVLTCMATVVFVGVKYVNKFALVFLGCVILSILAIYAGVIKSAFDPPNFPICLLGNRTLSRH
GFDVCAKLAWEGNETVTTRLWGLFCSSRLLNATCDEYFTRNNVTEIQGIPGAASGLIKENLWSSYLTKGVIVERRGMPSV
GLADGTPVDMDHPYVFSDMTSYFTLLVGIYFPSVTGIMAGSNRSGDLRDAQKSIPTGTILAIATTSAVYISSVVLFGACI
EGVVLRDKFGEAVNGNLVVGTLAWPSPWVIVIGSFFSTCGAGLQSLTGAPRLLQAISRDGIVPFLQVFGHGKANGEPTWA
LLLTACICEIGILIASLDEVAPILSMFFLMCYMFVNLACAVQTLLRTPNWRPRFRYYHWTLSFLGMSLCLALMFICSWYY
ALVAMLIAGLIYKYIEYRGAEKEWGDGIRGLSLSAARYALLRLEEGPPHTKNWRPQLLVLVRVDQDQNVVHPQLLSLTSQ
LKAGKGLTIVGSVLEGTFLDNHPQAQRAEESIRRLMEAEKVKGFCQVVISSNLRDGVSHLIQSGGLGGLQHNTVLVGWPR
NWRQKEDHQTWRNFIELVRETTAGHLALLVTKNVSMFPGNPERFSEGSIDVWWIVHDGGMLMLLPFLLRHHKVWRKCKMR
IFTVAQMDDNSIQMKKDLTTFLYHLRITAEVEVVEMHESDISAYTYEKTLVMEQRSQILKQMHLTKNEREREIQSITDES
RGSIRRKNPANPRLRLNVPEETACDNEEKPEEEVQLIHDQSAPSCPSSSPSPGEEPEGERETDPEVHLTWTKDKSVAEKN
KGPSPVSSEGIKDFFSMKPEWENLNQSNVRRMHTAVRLNEVIVNKSRDAKLVLLNMPGPPRNRNGDENYMEFLEVLTEQL
DRVMLVRGGGREVITIYS
;
_entity_poly.pdbx_strand_id   A,B
#
# COMPACT_ATOMS: atom_id res chain seq x y z
N LEU A 85 52.91 -6.96 7.89
CA LEU A 85 52.57 -5.89 8.83
C LEU A 85 51.18 -6.09 9.39
N SER A 86 51.10 -6.22 10.71
CA SER A 86 49.80 -6.33 11.37
C SER A 86 49.09 -5.00 11.34
N GLY A 87 47.82 -5.00 10.93
CA GLY A 87 47.08 -3.75 10.85
C GLY A 87 47.05 -3.13 9.47
N LEU A 88 47.99 -2.19 9.23
CA LEU A 88 47.93 -1.28 8.09
C LEU A 88 48.06 -1.97 6.75
N ALA A 89 48.58 -3.19 6.69
CA ALA A 89 48.61 -3.91 5.43
C ALA A 89 47.20 -4.37 5.07
N ASN A 90 46.79 -4.09 3.83
CA ASN A 90 45.50 -4.47 3.23
C ASN A 90 44.34 -3.89 4.05
N TYR A 91 44.27 -2.56 4.05
CA TYR A 91 43.21 -1.83 4.73
C TYR A 91 42.75 -0.67 3.87
N THR A 92 41.45 -0.63 3.56
CA THR A 92 40.84 0.54 2.94
C THR A 92 39.57 0.90 3.69
N ASN A 93 38.95 1.97 3.19
CA ASN A 93 37.66 2.47 3.66
C ASN A 93 36.61 2.44 2.53
N LEU A 94 37.07 2.26 1.29
CA LEU A 94 36.21 2.21 0.11
C LEU A 94 35.38 0.94 0.11
N PRO A 95 34.21 0.95 -0.52
CA PRO A 95 33.40 -0.28 -0.47
C PRO A 95 33.88 -1.34 -1.43
N GLN A 96 33.29 -2.53 -1.26
CA GLN A 96 33.77 -3.70 -1.97
C GLN A 96 33.28 -3.71 -3.42
N GLY A 97 31.97 -3.84 -3.62
CA GLY A 97 31.39 -3.56 -4.92
C GLY A 97 30.96 -4.80 -5.69
N SER A 98 31.10 -4.68 -7.02
CA SER A 98 30.57 -5.64 -7.97
C SER A 98 31.57 -6.72 -8.35
N ARG A 99 32.80 -6.31 -8.68
CA ARG A 99 33.81 -7.26 -9.16
C ARG A 99 34.22 -8.24 -8.06
N GLU A 100 34.31 -7.77 -6.82
CA GLU A 100 34.73 -8.64 -5.73
C GLU A 100 33.56 -9.43 -5.15
N HIS A 101 32.38 -9.37 -5.78
CA HIS A 101 31.32 -10.35 -5.61
C HIS A 101 31.33 -11.38 -6.72
N GLU A 102 31.64 -10.93 -7.94
CA GLU A 102 31.74 -11.81 -9.08
C GLU A 102 32.88 -12.80 -8.85
N GLU A 103 34.00 -12.32 -8.34
CA GLU A 103 35.13 -13.19 -8.05
C GLU A 103 34.80 -14.17 -6.93
N ALA A 104 34.03 -13.73 -5.94
CA ALA A 104 33.68 -14.60 -4.82
C ALA A 104 32.61 -15.61 -5.18
N GLU A 105 31.86 -15.40 -6.26
CA GLU A 105 30.85 -16.37 -6.67
C GLU A 105 31.27 -17.23 -7.86
N ASN A 106 32.13 -16.73 -8.74
CA ASN A 106 32.59 -17.55 -9.86
C ASN A 106 33.58 -18.61 -9.40
N ASN A 107 34.47 -18.26 -8.49
CA ASN A 107 35.53 -19.18 -8.05
C ASN A 107 35.18 -19.92 -6.77
N GLU A 108 33.90 -20.06 -6.46
CA GLU A 108 33.48 -20.82 -5.29
C GLU A 108 33.49 -22.32 -5.57
N ARG A 119 43.44 -11.59 3.88
CA ARG A 119 42.01 -11.68 4.17
C ARG A 119 41.78 -11.95 5.64
N MET A 120 40.53 -12.26 5.98
CA MET A 120 40.07 -12.63 7.33
C MET A 120 40.36 -11.51 8.33
N GLY A 121 39.85 -10.32 8.03
CA GLY A 121 40.03 -9.18 8.90
C GLY A 121 39.13 -9.28 10.12
N THR A 122 39.57 -8.68 11.21
CA THR A 122 38.88 -8.77 12.49
C THR A 122 37.78 -7.71 12.55
N PHE A 123 37.23 -7.50 13.75
CA PHE A 123 36.25 -6.43 13.94
C PHE A 123 36.89 -5.05 13.80
N MET A 124 38.19 -4.96 14.05
CA MET A 124 38.90 -3.69 13.98
C MET A 124 39.06 -3.19 12.55
N GLY A 125 38.83 -4.05 11.56
CA GLY A 125 38.73 -3.65 10.18
C GLY A 125 37.32 -3.38 9.69
N VAL A 126 36.33 -3.41 10.57
CA VAL A 126 34.95 -3.10 10.17
C VAL A 126 34.39 -2.10 11.16
N TYR A 127 35.13 -1.86 12.24
CA TYR A 127 34.80 -0.81 13.20
C TYR A 127 35.32 0.53 12.72
N LEU A 128 36.61 0.61 12.45
CA LEU A 128 37.29 1.81 11.95
C LEU A 128 36.78 2.32 10.59
N PRO A 129 36.40 1.50 9.61
CA PRO A 129 35.74 2.08 8.43
C PRO A 129 34.35 2.62 8.73
N CYS A 130 33.67 2.09 9.73
CA CYS A 130 32.41 2.69 10.14
C CYS A 130 32.62 3.99 10.87
N LEU A 131 33.78 4.17 11.49
CA LEU A 131 34.10 5.40 12.21
C LEU A 131 34.75 6.45 11.31
N GLN A 132 35.40 6.03 10.23
CA GLN A 132 36.15 6.97 9.41
C GLN A 132 35.24 7.87 8.60
N ASN A 133 34.24 7.30 7.94
CA ASN A 133 33.36 8.07 7.08
C ASN A 133 32.13 8.60 7.80
N ILE A 134 32.09 8.54 9.13
CA ILE A 134 30.98 9.13 9.87
C ILE A 134 31.41 10.42 10.57
N PHE A 135 32.71 10.61 10.81
CA PHE A 135 33.24 11.89 11.28
C PHE A 135 33.50 12.75 10.05
N GLY A 136 32.42 13.32 9.53
CA GLY A 136 32.51 14.08 8.31
C GLY A 136 32.98 15.49 8.52
N VAL A 137 32.29 16.44 7.92
CA VAL A 137 32.68 17.84 8.00
C VAL A 137 31.78 18.62 8.94
N ILE A 138 30.59 18.13 9.28
CA ILE A 138 29.80 18.86 10.26
C ILE A 138 30.15 18.31 11.64
N LEU A 139 31.37 18.61 12.06
CA LEU A 139 31.80 18.71 13.44
C LEU A 139 32.78 19.85 13.61
N PHE A 140 33.45 20.25 12.54
CA PHE A 140 34.59 21.14 12.57
C PHE A 140 34.23 22.56 12.21
N LEU A 141 33.20 22.75 11.41
CA LEU A 141 32.89 24.08 10.92
C LEU A 141 31.40 24.41 10.85
N ARG A 142 30.51 23.52 11.29
CA ARG A 142 29.11 23.87 11.44
C ARG A 142 28.49 23.40 12.74
N LEU A 143 29.16 22.58 13.53
CA LEU A 143 28.57 22.10 14.78
C LEU A 143 28.60 23.18 15.85
N THR A 144 29.68 23.96 15.92
CA THR A 144 29.74 25.04 16.88
C THR A 144 28.76 26.15 16.55
N TRP A 145 28.42 26.31 15.27
CA TRP A 145 27.34 27.23 14.91
C TRP A 145 25.99 26.71 15.37
N VAL A 146 25.82 25.40 15.44
CA VAL A 146 24.58 24.84 15.97
C VAL A 146 24.52 25.00 17.48
N VAL A 147 25.69 24.91 18.15
CA VAL A 147 25.74 25.16 19.59
C VAL A 147 25.47 26.63 19.89
N GLY A 148 25.91 27.53 19.01
CA GLY A 148 25.70 28.95 19.22
C GLY A 148 24.34 29.48 18.84
N ILE A 149 23.78 29.05 17.71
CA ILE A 149 22.57 29.64 17.16
C ILE A 149 21.36 28.82 17.58
N ALA A 150 21.52 27.98 18.59
CA ALA A 150 20.41 27.27 19.21
C ALA A 150 20.78 26.99 20.65
N GLY A 151 19.77 26.64 21.45
CA GLY A 151 20.02 26.34 22.84
C GLY A 151 20.79 25.04 23.00
N ILE A 152 21.53 24.94 24.11
CA ILE A 152 22.28 23.72 24.35
C ILE A 152 21.33 22.61 24.78
N MET A 153 20.20 22.96 25.38
CA MET A 153 19.18 22.01 25.80
C MET A 153 18.20 21.70 24.68
N GLU A 154 18.32 22.36 23.54
CA GLU A 154 17.61 21.99 22.34
C GLU A 154 18.51 21.24 21.36
N SER A 155 19.77 21.67 21.24
CA SER A 155 20.72 20.94 20.40
C SER A 155 21.08 19.61 21.01
N PHE A 156 21.00 19.49 22.34
CA PHE A 156 21.16 18.18 22.99
C PHE A 156 20.07 17.22 22.54
N CYS A 157 18.82 17.68 22.52
CA CYS A 157 17.72 16.85 22.03
C CYS A 157 17.84 16.56 20.54
N MET A 158 18.37 17.52 19.77
CA MET A 158 18.62 17.32 18.36
C MET A 158 19.62 16.20 18.13
N VAL A 159 20.76 16.25 18.83
CA VAL A 159 21.80 15.23 18.70
C VAL A 159 21.30 13.88 19.20
N PHE A 160 20.47 13.89 20.26
CA PHE A 160 19.93 12.64 20.78
C PHE A 160 18.96 11.99 19.81
N ILE A 161 18.08 12.76 19.19
CA ILE A 161 17.10 12.14 18.30
C ILE A 161 17.74 11.76 16.96
N CYS A 162 18.75 12.51 16.49
CA CYS A 162 19.47 12.09 15.30
C CYS A 162 20.38 10.89 15.58
N CYS A 163 20.81 10.71 16.83
CA CYS A 163 21.51 9.49 17.21
C CYS A 163 20.57 8.29 17.20
N SER A 164 19.40 8.44 17.82
CA SER A 164 18.46 7.33 17.91
C SER A 164 17.93 6.93 16.53
N CYS A 165 17.76 7.91 15.64
CA CYS A 165 17.25 7.67 14.29
C CYS A 165 18.15 6.75 13.48
N THR A 166 19.46 6.76 13.74
CA THR A 166 20.35 5.88 13.02
C THR A 166 20.81 4.67 13.82
N MET A 167 20.79 4.73 15.15
CA MET A 167 21.07 3.53 15.93
C MET A 167 19.92 2.52 15.82
N LEU A 168 18.69 3.01 15.73
CA LEU A 168 17.54 2.15 15.62
C LEU A 168 17.40 1.55 14.22
N THR A 169 18.20 2.03 13.27
CA THR A 169 18.37 1.43 11.95
C THR A 169 19.59 0.51 11.88
N ALA A 170 20.64 0.81 12.64
CA ALA A 170 21.76 -0.11 12.74
C ALA A 170 21.37 -1.39 13.48
N ILE A 171 20.35 -1.33 14.33
CA ILE A 171 19.75 -2.56 14.86
C ILE A 171 19.14 -3.39 13.73
N SER A 172 18.50 -2.75 12.75
CA SER A 172 17.99 -3.50 11.61
C SER A 172 19.10 -4.01 10.70
N MET A 173 20.22 -3.28 10.65
CA MET A 173 21.41 -3.82 9.99
C MET A 173 21.98 -5.02 10.72
N SER A 174 21.81 -5.07 12.03
CA SER A 174 22.17 -6.28 12.75
C SER A 174 21.19 -7.41 12.42
N ALA A 175 19.91 -7.08 12.30
CA ALA A 175 18.89 -8.08 12.00
C ALA A 175 18.96 -8.59 10.56
N ILE A 176 19.61 -7.86 9.66
CA ILE A 176 19.75 -8.33 8.29
C ILE A 176 21.04 -9.12 8.10
N ALA A 177 22.03 -8.94 8.96
CA ALA A 177 23.32 -9.56 8.78
C ALA A 177 23.38 -10.97 9.35
N THR A 178 22.28 -11.47 9.91
CA THR A 178 22.26 -12.80 10.50
C THR A 178 21.31 -13.76 9.79
N ASN A 179 20.41 -13.27 8.96
CA ASN A 179 19.45 -14.11 8.26
C ASN A 179 19.96 -14.41 6.85
N GLY A 180 21.08 -15.12 6.81
CA GLY A 180 21.66 -15.49 5.52
C GLY A 180 23.12 -15.86 5.68
N VAL A 181 23.88 -15.65 4.60
CA VAL A 181 25.29 -16.01 4.56
C VAL A 181 26.18 -14.80 4.28
N VAL A 182 25.61 -13.59 4.28
CA VAL A 182 26.20 -12.26 4.03
C VAL A 182 27.27 -12.27 2.93
N PRO A 183 26.87 -12.47 1.67
CA PRO A 183 27.78 -13.05 0.66
C PRO A 183 29.06 -12.31 0.32
N ALA A 184 28.97 -11.10 -0.22
CA ALA A 184 30.10 -10.34 -0.75
C ALA A 184 29.59 -8.98 -1.16
N GLY A 185 30.51 -8.13 -1.58
CA GLY A 185 30.14 -6.80 -1.97
C GLY A 185 29.80 -5.94 -0.77
N GLY A 186 29.24 -4.78 -1.05
CA GLY A 186 28.89 -3.83 -0.02
C GLY A 186 27.62 -4.20 0.71
N SER A 187 26.93 -3.17 1.21
CA SER A 187 25.64 -3.39 1.85
C SER A 187 24.55 -3.70 0.84
N TYR A 188 24.78 -3.36 -0.44
CA TYR A 188 23.76 -3.52 -1.47
C TYR A 188 23.44 -4.99 -1.72
N TYR A 189 24.47 -5.83 -1.83
CA TYR A 189 24.21 -7.24 -2.08
C TYR A 189 23.60 -7.92 -0.87
N MET A 190 23.94 -7.46 0.33
CA MET A 190 23.29 -7.95 1.55
C MET A 190 21.80 -7.65 1.54
N ILE A 191 21.45 -6.38 1.31
CA ILE A 191 20.04 -5.98 1.34
C ILE A 191 19.28 -6.58 0.16
N SER A 192 19.94 -6.72 -0.99
CA SER A 192 19.31 -7.32 -2.17
C SER A 192 19.00 -8.79 -1.95
N ARG A 193 20.00 -9.57 -1.50
CA ARG A 193 19.78 -11.00 -1.34
C ARG A 193 18.97 -11.31 -0.09
N SER A 194 18.79 -10.33 0.80
CA SER A 194 17.98 -10.62 1.99
C SER A 194 16.58 -10.04 1.88
N LEU A 195 16.32 -9.19 0.89
CA LEU A 195 14.99 -8.62 0.71
C LEU A 195 14.38 -8.83 -0.67
N GLY A 196 15.06 -9.53 -1.56
CA GLY A 196 14.59 -9.61 -2.92
C GLY A 196 15.11 -8.40 -3.67
N PRO A 197 14.85 -8.35 -4.98
CA PRO A 197 15.32 -7.20 -5.76
C PRO A 197 14.52 -5.93 -5.52
N GLU A 198 13.34 -6.04 -4.92
CA GLU A 198 12.38 -4.95 -4.99
C GLU A 198 12.65 -3.87 -3.95
N PHE A 199 12.93 -4.28 -2.70
CA PHE A 199 13.46 -3.33 -1.74
C PHE A 199 14.93 -3.03 -2.00
N GLY A 200 15.63 -3.95 -2.68
CA GLY A 200 17.03 -3.72 -2.96
C GLY A 200 17.28 -2.58 -3.92
N GLY A 201 16.44 -2.48 -4.96
CA GLY A 201 16.55 -1.36 -5.87
C GLY A 201 16.17 -0.03 -5.24
N ALA A 202 15.10 -0.02 -4.44
CA ALA A 202 14.64 1.20 -3.82
C ALA A 202 15.55 1.66 -2.68
N VAL A 203 16.31 0.76 -2.07
CA VAL A 203 17.31 1.17 -1.09
C VAL A 203 18.61 1.56 -1.78
N GLY A 204 19.01 0.84 -2.83
CA GLY A 204 20.25 1.14 -3.51
C GLY A 204 20.23 2.46 -4.26
N LEU A 205 19.10 2.80 -4.87
CA LEU A 205 19.02 4.08 -5.57
C LEU A 205 18.99 5.26 -4.61
N CYS A 206 18.31 5.11 -3.47
CA CYS A 206 18.31 6.18 -2.49
C CYS A 206 19.68 6.33 -1.82
N PHE A 207 20.38 5.21 -1.58
CA PHE A 207 21.71 5.32 -1.01
C PHE A 207 22.71 5.88 -2.02
N TYR A 208 22.53 5.58 -3.29
CA TYR A 208 23.36 6.19 -4.34
C TYR A 208 23.11 7.69 -4.44
N LEU A 209 21.84 8.11 -4.43
CA LEU A 209 21.53 9.53 -4.44
C LEU A 209 21.97 10.23 -3.16
N GLY A 210 22.10 9.50 -2.06
CA GLY A 210 22.68 10.10 -0.87
C GLY A 210 24.18 10.29 -1.00
N THR A 211 24.89 9.26 -1.47
CA THR A 211 26.34 9.35 -1.54
C THR A 211 26.80 10.29 -2.65
N THR A 212 26.03 10.43 -3.72
CA THR A 212 26.47 11.32 -4.79
C THR A 212 26.25 12.79 -4.45
N PHE A 213 25.44 13.09 -3.44
CA PHE A 213 25.41 14.42 -2.87
C PHE A 213 26.31 14.57 -1.65
N ALA A 214 26.72 13.46 -1.04
CA ALA A 214 27.84 13.52 -0.10
C ALA A 214 29.11 13.94 -0.84
N GLY A 215 29.28 13.44 -2.06
CA GLY A 215 30.38 13.86 -2.91
C GLY A 215 30.32 15.33 -3.32
N ALA A 216 29.18 15.99 -3.15
CA ALA A 216 29.06 17.42 -3.34
C ALA A 216 29.21 18.21 -2.04
N MET A 217 28.62 17.70 -0.97
CA MET A 217 28.64 18.42 0.31
C MET A 217 30.04 18.41 0.91
N TYR A 218 30.84 17.38 0.64
CA TYR A 218 32.21 17.42 1.11
C TYR A 218 33.15 18.12 0.14
N ILE A 219 32.84 18.14 -1.15
CA ILE A 219 33.69 18.89 -2.07
C ILE A 219 33.38 20.39 -2.00
N LEU A 220 32.25 20.77 -1.43
CA LEU A 220 31.90 22.17 -1.29
C LEU A 220 32.43 22.74 0.01
N GLY A 221 32.58 21.91 1.03
CA GLY A 221 33.15 22.31 2.29
C GLY A 221 34.65 22.09 2.40
N THR A 222 35.30 21.56 1.36
CA THR A 222 36.75 21.41 1.39
C THR A 222 37.46 22.59 0.76
N ILE A 223 36.75 23.50 0.10
CA ILE A 223 37.35 24.73 -0.39
C ILE A 223 36.71 25.96 0.22
N GLU A 224 35.80 25.79 1.18
CA GLU A 224 35.51 26.88 2.11
C GLU A 224 36.71 27.14 3.01
N ILE A 225 37.48 26.09 3.30
CA ILE A 225 38.69 26.22 4.12
C ILE A 225 39.74 27.05 3.40
N LEU A 226 39.81 26.94 2.07
CA LEU A 226 40.75 27.76 1.32
C LEU A 226 40.34 29.22 1.31
N LEU A 227 39.04 29.49 1.22
CA LEU A 227 38.56 30.85 1.08
C LEU A 227 38.17 31.49 2.40
N ALA A 228 38.37 30.81 3.53
CA ALA A 228 37.99 31.43 4.80
C ALA A 228 39.06 31.26 5.86
N TYR A 229 39.92 30.26 5.75
CA TYR A 229 40.87 29.99 6.82
C TYR A 229 42.28 29.85 6.30
N LEU A 230 42.44 29.36 5.08
CA LEU A 230 43.72 29.40 4.40
C LEU A 230 43.79 30.67 3.55
N PHE A 231 44.77 30.73 2.64
CA PHE A 231 45.01 31.94 1.86
C PHE A 231 43.87 32.20 0.88
N PRO A 232 43.21 33.36 0.94
CA PRO A 232 42.10 33.63 0.03
C PRO A 232 42.60 33.92 -1.38
N ALA A 233 41.99 33.25 -2.35
CA ALA A 233 42.29 33.42 -3.77
C ALA A 233 41.01 33.75 -4.52
N MET A 234 40.28 34.74 -4.01
CA MET A 234 38.90 34.99 -4.41
C MET A 234 38.82 35.54 -5.83
N ALA A 235 37.59 35.68 -6.30
CA ALA A 235 37.28 36.27 -7.60
C ALA A 235 36.33 37.43 -7.35
N ILE A 236 36.91 38.60 -7.07
CA ILE A 236 36.21 39.85 -6.74
C ILE A 236 35.20 39.71 -5.62
N ALA A 242 33.15 42.95 -4.05
CA ALA A 242 33.44 44.24 -3.42
C ALA A 242 32.20 45.12 -3.36
N SER A 243 32.21 46.08 -2.43
CA SER A 243 31.15 47.06 -2.22
C SER A 243 29.80 46.38 -1.94
N GLY A 244 29.75 45.71 -0.77
CA GLY A 244 28.59 44.97 -0.26
C GLY A 244 28.17 43.87 -1.24
N GLU A 245 29.09 42.93 -1.43
CA GLU A 245 28.90 41.79 -2.33
C GLU A 245 28.90 40.52 -1.48
N ALA A 246 27.71 40.02 -1.18
CA ALA A 246 27.54 38.77 -0.46
C ALA A 246 27.20 37.60 -1.38
N ALA A 247 26.79 37.87 -2.62
CA ALA A 247 26.55 36.84 -3.61
C ALA A 247 27.73 36.67 -4.55
N ALA A 248 28.76 37.50 -4.45
CA ALA A 248 29.98 37.27 -5.21
C ALA A 248 30.76 36.09 -4.67
N MET A 249 30.59 35.78 -3.38
CA MET A 249 31.22 34.60 -2.81
C MET A 249 30.61 33.32 -3.37
N LEU A 250 29.34 33.38 -3.77
CA LEU A 250 28.66 32.25 -4.39
C LEU A 250 29.30 31.89 -5.72
N ASN A 251 29.38 32.87 -6.63
CA ASN A 251 30.06 32.68 -7.92
C ASN A 251 31.55 32.47 -7.76
N ASN A 252 32.14 32.93 -6.65
CA ASN A 252 33.52 32.60 -6.33
C ASN A 252 33.65 31.11 -6.06
N MET A 253 32.75 30.56 -5.26
CA MET A 253 32.89 29.19 -4.80
C MET A 253 32.48 28.18 -5.85
N ARG A 254 31.62 28.57 -6.81
CA ARG A 254 31.19 27.66 -7.88
C ARG A 254 32.35 27.20 -8.75
N VAL A 255 33.22 28.14 -9.16
CA VAL A 255 34.26 27.81 -10.14
C VAL A 255 35.37 26.98 -9.50
N TYR A 256 35.74 27.30 -8.26
CA TYR A 256 36.75 26.51 -7.56
C TYR A 256 36.21 25.12 -7.20
N GLY A 257 34.92 25.04 -6.86
CA GLY A 257 34.33 23.74 -6.61
C GLY A 257 34.28 22.87 -7.84
N THR A 258 33.93 23.45 -8.99
CA THR A 258 33.90 22.70 -10.24
C THR A 258 35.31 22.26 -10.64
N CYS A 259 36.31 23.10 -10.39
CA CYS A 259 37.69 22.74 -10.70
C CYS A 259 38.17 21.59 -9.84
N VAL A 260 37.91 21.62 -8.54
CA VAL A 260 38.39 20.53 -7.68
C VAL A 260 37.53 19.27 -7.87
N LEU A 261 36.28 19.43 -8.33
CA LEU A 261 35.47 18.28 -8.67
C LEU A 261 36.02 17.56 -9.90
N THR A 262 36.41 18.31 -10.93
CA THR A 262 37.06 17.69 -12.07
C THR A 262 38.43 17.11 -11.70
N CYS A 263 39.12 17.74 -10.75
CA CYS A 263 40.41 17.24 -10.28
C CYS A 263 40.27 15.87 -9.63
N MET A 264 39.43 15.74 -8.61
CA MET A 264 39.31 14.44 -7.97
C MET A 264 38.25 13.55 -8.60
N ALA A 265 37.68 13.96 -9.73
CA ALA A 265 37.02 12.99 -10.61
C ALA A 265 37.98 12.43 -11.63
N THR A 266 39.04 13.17 -11.95
CA THR A 266 40.10 12.64 -12.79
C THR A 266 40.97 11.66 -12.00
N VAL A 267 41.38 12.04 -10.79
CA VAL A 267 42.32 11.23 -10.04
C VAL A 267 41.70 9.96 -9.48
N VAL A 268 40.36 9.84 -9.53
CA VAL A 268 39.73 8.60 -9.11
C VAL A 268 39.57 7.64 -10.29
N PHE A 269 39.50 8.14 -11.52
CA PHE A 269 39.35 7.29 -12.69
C PHE A 269 40.64 6.54 -12.98
N VAL A 270 41.76 7.27 -13.02
CA VAL A 270 43.08 6.68 -13.22
C VAL A 270 43.82 6.72 -11.88
N GLY A 271 44.49 5.62 -11.55
CA GLY A 271 45.22 5.55 -10.31
C GLY A 271 44.37 5.45 -9.07
N VAL A 272 43.46 4.47 -9.04
CA VAL A 272 42.69 4.20 -7.83
C VAL A 272 43.53 3.42 -6.82
N LYS A 273 44.66 2.87 -7.25
CA LYS A 273 45.62 2.31 -6.31
C LYS A 273 46.25 3.39 -5.43
N TYR A 274 46.25 4.64 -5.88
CA TYR A 274 46.74 5.73 -5.05
C TYR A 274 45.82 5.97 -3.86
N VAL A 275 44.50 6.00 -4.08
CA VAL A 275 43.59 6.18 -2.95
C VAL A 275 43.42 4.88 -2.17
N ASN A 276 43.75 3.74 -2.79
CA ASN A 276 44.01 2.53 -2.01
C ASN A 276 45.17 2.73 -1.04
N LYS A 277 46.24 3.39 -1.50
CA LYS A 277 47.43 3.54 -0.66
C LYS A 277 47.21 4.56 0.46
N PHE A 278 46.56 5.68 0.15
CA PHE A 278 46.37 6.76 1.11
C PHE A 278 45.18 6.53 2.05
N ALA A 279 44.70 5.30 2.18
CA ALA A 279 43.46 5.05 2.91
C ALA A 279 43.62 5.14 4.43
N LEU A 280 44.86 5.17 4.94
CA LEU A 280 45.06 5.17 6.39
C LEU A 280 45.39 6.54 6.94
N VAL A 281 46.02 7.42 6.16
CA VAL A 281 46.37 8.74 6.65
C VAL A 281 45.13 9.61 6.83
N PHE A 282 44.06 9.30 6.09
CA PHE A 282 42.80 10.02 6.23
C PHE A 282 42.13 9.74 7.57
N LEU A 283 42.43 8.60 8.19
CA LEU A 283 41.93 8.33 9.53
C LEU A 283 42.74 9.06 10.58
N GLY A 284 44.06 9.16 10.36
CA GLY A 284 44.91 9.92 11.27
C GLY A 284 44.58 11.40 11.27
N CYS A 285 44.24 11.94 10.09
CA CYS A 285 43.87 13.35 10.01
C CYS A 285 42.55 13.65 10.71
N VAL A 286 41.71 12.66 10.94
CA VAL A 286 40.54 12.85 11.79
C VAL A 286 40.93 12.73 13.26
N ILE A 287 41.62 11.64 13.60
CA ILE A 287 41.70 11.26 15.00
C ILE A 287 42.71 12.14 15.75
N LEU A 288 43.78 12.60 15.08
CA LEU A 288 44.72 13.49 15.73
C LEU A 288 44.10 14.85 16.00
N SER A 289 43.26 15.32 15.07
CA SER A 289 42.61 16.63 15.26
C SER A 289 41.57 16.58 16.36
N ILE A 290 40.80 15.49 16.43
CA ILE A 290 39.79 15.44 17.48
C ILE A 290 40.43 15.22 18.85
N LEU A 291 41.53 14.45 18.93
CA LEU A 291 42.26 14.38 20.18
C LEU A 291 42.95 15.68 20.51
N ALA A 292 43.31 16.47 19.50
CA ALA A 292 43.90 17.78 19.72
C ALA A 292 42.90 18.74 20.33
N ILE A 293 41.65 18.69 19.89
CA ILE A 293 40.70 19.62 20.50
C ILE A 293 40.25 19.14 21.88
N TYR A 294 40.28 17.81 22.13
CA TYR A 294 40.03 17.37 23.51
C TYR A 294 41.18 17.77 24.43
N ALA A 295 42.41 17.72 23.93
CA ALA A 295 43.55 18.21 24.73
C ALA A 295 43.50 19.72 24.93
N GLY A 296 43.00 20.46 23.93
CA GLY A 296 42.86 21.89 24.08
C GLY A 296 41.78 22.28 25.08
N VAL A 297 40.70 21.49 25.15
CA VAL A 297 39.73 21.73 26.21
C VAL A 297 40.30 21.33 27.56
N ILE A 298 41.10 20.25 27.61
CA ILE A 298 41.76 19.86 28.85
C ILE A 298 42.78 20.89 29.31
N LYS A 299 43.31 21.72 28.42
CA LYS A 299 44.15 22.83 28.84
C LYS A 299 43.33 23.89 29.58
N SER A 300 42.40 24.54 28.87
CA SER A 300 41.44 25.53 29.39
C SER A 300 42.14 26.68 30.12
N ALA A 301 43.13 27.27 29.46
CA ALA A 301 43.90 28.35 30.10
C ALA A 301 43.93 29.65 29.31
N PHE A 302 44.12 29.59 27.99
CA PHE A 302 44.41 30.78 27.21
C PHE A 302 43.25 31.12 26.27
N ASP A 303 43.37 32.28 25.61
CA ASP A 303 42.31 32.80 24.76
C ASP A 303 42.84 33.83 23.79
N PRO A 304 42.49 33.74 22.51
CA PRO A 304 42.60 34.91 21.62
C PRO A 304 41.41 35.83 21.82
N PRO A 305 41.63 37.07 22.24
CA PRO A 305 40.51 37.95 22.60
C PRO A 305 39.90 38.62 21.37
N ASN A 306 38.66 39.07 21.56
CA ASN A 306 37.91 39.79 20.54
C ASN A 306 37.77 41.27 20.91
N PHE A 307 37.01 42.00 20.12
CA PHE A 307 36.77 43.43 20.33
C PHE A 307 35.33 43.74 19.96
N PRO A 308 34.57 44.25 20.92
CA PRO A 308 33.14 44.45 20.74
C PRO A 308 32.78 45.92 20.87
N ILE A 309 31.59 46.24 20.38
CA ILE A 309 30.94 47.53 20.59
C ILE A 309 30.09 47.44 21.86
N CYS A 310 29.15 48.37 22.04
CA CYS A 310 28.27 48.36 23.22
C CYS A 310 27.45 47.09 23.30
N LEU A 311 26.72 46.76 22.24
CA LEU A 311 25.97 45.51 22.17
C LEU A 311 26.09 44.90 20.78
N LEU A 312 27.26 45.05 20.16
CA LEU A 312 27.47 44.50 18.82
C LEU A 312 28.68 43.58 18.82
N GLY A 313 29.10 43.13 17.64
CA GLY A 313 30.19 42.18 17.52
C GLY A 313 31.48 42.79 17.00
N ASN A 314 31.40 43.70 16.02
CA ASN A 314 32.52 44.49 15.49
C ASN A 314 33.62 43.58 14.93
N ARG A 315 33.29 42.93 13.81
CA ARG A 315 34.15 41.95 13.14
C ARG A 315 35.52 42.51 12.78
N THR A 316 36.55 42.00 13.46
CA THR A 316 37.88 42.61 13.48
C THR A 316 38.77 42.06 12.36
N LEU A 317 38.33 42.28 11.12
CA LEU A 317 39.15 41.91 9.98
C LEU A 317 40.33 42.87 9.83
N SER A 318 40.04 44.16 9.64
CA SER A 318 41.07 45.17 9.48
C SER A 318 41.16 46.14 10.65
N ARG A 319 40.19 46.12 11.57
CA ARG A 319 40.20 47.01 12.73
C ARG A 319 41.13 46.43 13.79
N HIS A 320 42.44 46.55 13.54
CA HIS A 320 43.47 46.01 14.42
C HIS A 320 43.96 47.04 15.43
N GLY A 321 43.12 48.01 15.80
CA GLY A 321 43.50 49.04 16.76
C GLY A 321 43.20 48.65 18.20
N PHE A 322 42.77 47.40 18.41
CA PHE A 322 42.53 46.79 19.72
C PHE A 322 41.50 47.57 20.54
N ASP A 323 40.28 47.64 20.00
CA ASP A 323 39.05 48.01 20.69
C ASP A 323 39.06 49.43 21.26
N VAL A 324 39.94 50.30 20.77
CA VAL A 324 40.05 51.66 21.27
C VAL A 324 39.85 52.65 20.13
N CYS A 325 39.15 53.74 20.42
CA CYS A 325 38.95 54.78 19.41
C CYS A 325 40.24 55.55 19.16
N ALA A 326 40.93 55.93 20.23
CA ALA A 326 42.18 56.71 20.11
C ALA A 326 42.98 56.51 21.38
N LYS A 327 44.19 55.97 21.25
CA LYS A 327 45.04 55.74 22.42
C LYS A 327 46.50 55.76 21.99
N LEU A 328 47.14 56.92 22.16
CA LEU A 328 48.58 57.11 22.00
C LEU A 328 48.94 58.43 22.69
N ALA A 329 50.15 58.93 22.41
CA ALA A 329 50.51 60.27 22.88
C ALA A 329 49.64 61.35 22.25
N TRP A 330 49.24 61.15 21.00
CA TRP A 330 48.20 61.93 20.35
C TRP A 330 47.06 60.99 19.97
N GLU A 331 45.93 61.56 19.56
CA GLU A 331 44.79 60.73 19.22
C GLU A 331 45.00 60.06 17.86
N GLY A 332 44.22 59.01 17.62
CA GLY A 332 44.24 58.28 16.36
C GLY A 332 42.81 58.18 15.82
N ASN A 333 42.69 57.73 14.57
CA ASN A 333 41.39 57.77 13.90
C ASN A 333 40.52 56.59 14.27
N GLU A 334 40.93 55.38 13.86
CA GLU A 334 40.11 54.15 13.88
C GLU A 334 38.71 54.41 13.33
N THR A 335 38.67 54.78 12.04
CA THR A 335 37.53 55.49 11.48
C THR A 335 36.27 54.63 11.33
N VAL A 336 36.39 53.31 11.44
CA VAL A 336 35.30 52.34 11.34
C VAL A 336 34.47 52.47 10.06
N ILE A 366 32.30 54.71 18.28
CA ILE A 366 31.57 55.61 17.41
C ILE A 366 30.25 56.05 18.04
N GLN A 367 29.35 55.10 18.27
CA GLN A 367 28.04 55.43 18.82
C GLN A 367 28.09 55.58 20.34
N GLY A 368 28.38 54.49 21.06
CA GLY A 368 28.36 54.53 22.51
C GLY A 368 29.73 54.25 23.14
N ILE A 369 30.32 53.08 22.90
CA ILE A 369 31.52 52.64 23.59
C ILE A 369 32.12 51.46 22.84
N PRO A 370 33.25 50.96 23.33
CA PRO A 370 33.92 49.81 22.72
C PRO A 370 34.72 49.10 23.81
N GLY A 371 34.17 47.99 24.31
CA GLY A 371 34.85 47.17 25.31
C GLY A 371 35.56 46.00 24.63
N ALA A 372 36.35 45.27 25.43
CA ALA A 372 37.14 44.15 24.92
C ALA A 372 37.07 42.99 25.90
N ALA A 373 36.12 42.09 25.68
CA ALA A 373 36.00 40.89 26.48
C ALA A 373 36.98 39.82 25.97
N SER A 374 36.96 38.66 26.63
CA SER A 374 37.72 37.50 26.19
C SER A 374 36.74 36.36 25.95
N GLY A 375 36.71 35.86 24.72
CA GLY A 375 35.65 34.94 24.32
C GLY A 375 35.86 33.54 24.88
N LEU A 376 37.06 32.99 24.72
CA LEU A 376 37.32 31.60 25.08
C LEU A 376 37.46 31.49 26.60
N ILE A 377 36.31 31.45 27.27
CA ILE A 377 36.28 31.27 28.71
C ILE A 377 36.45 29.79 29.05
N LYS A 378 36.62 29.52 30.34
CA LYS A 378 36.71 28.14 30.81
C LYS A 378 35.92 27.84 32.08
N GLU A 379 35.57 28.85 32.89
CA GLU A 379 34.96 28.59 34.18
C GLU A 379 33.48 28.26 34.05
N ASN A 380 32.69 29.19 33.53
CA ASN A 380 31.25 29.00 33.43
C ASN A 380 30.72 29.77 32.23
N LEU A 381 29.76 29.18 31.53
CA LEU A 381 29.10 29.85 30.41
C LEU A 381 27.62 30.08 30.66
N TRP A 382 26.88 29.01 30.99
CA TRP A 382 25.42 29.01 31.11
C TRP A 382 24.75 29.60 29.87
N SER A 383 25.04 28.99 28.72
CA SER A 383 24.51 29.40 27.42
C SER A 383 23.33 28.53 27.01
N SER A 384 22.48 28.15 27.96
CA SER A 384 21.45 27.16 27.75
C SER A 384 20.16 27.73 27.18
N TYR A 385 20.23 28.85 26.48
CA TYR A 385 19.06 29.46 25.88
C TYR A 385 19.21 29.50 24.36
N LEU A 386 18.07 29.51 23.67
CA LEU A 386 18.05 29.52 22.21
C LEU A 386 17.99 30.97 21.71
N THR A 387 19.01 31.39 20.98
CA THR A 387 19.13 32.74 20.45
C THR A 387 19.16 32.67 18.93
N LYS A 388 17.99 32.71 18.31
CA LYS A 388 17.84 32.50 16.87
C LYS A 388 17.82 33.83 16.15
N GLY A 389 18.98 34.25 15.63
CA GLY A 389 19.04 35.46 14.84
C GLY A 389 18.39 35.26 13.47
N VAL A 390 18.00 36.38 12.85
CA VAL A 390 17.37 36.34 11.52
C VAL A 390 17.89 37.50 10.69
N ILE A 391 19.00 37.27 9.98
CA ILE A 391 19.62 38.20 9.01
C ILE A 391 19.98 39.55 9.63
N VAL A 392 20.28 39.58 10.92
CA VAL A 392 20.56 40.81 11.66
C VAL A 392 21.98 40.78 12.21
N GLU A 393 22.30 41.78 13.03
CA GLU A 393 23.61 41.86 13.64
C GLU A 393 23.65 41.06 14.93
N ARG A 394 24.83 40.52 15.25
CA ARG A 394 24.99 39.76 16.47
C ARG A 394 25.03 40.69 17.68
N ARG A 395 24.70 40.14 18.85
CA ARG A 395 24.57 40.97 20.04
C ARG A 395 24.82 40.10 21.28
N GLY A 396 25.75 40.53 22.12
CA GLY A 396 25.97 39.86 23.39
C GLY A 396 24.81 40.15 24.34
N MET A 397 24.55 39.19 25.22
CA MET A 397 23.42 39.29 26.14
C MET A 397 23.75 40.26 27.26
N PRO A 398 23.27 41.50 27.11
CA PRO A 398 23.33 42.57 28.13
C PRO A 398 24.77 42.88 28.54
N SER A 399 25.54 43.41 27.59
CA SER A 399 26.93 43.74 27.90
C SER A 399 27.03 45.03 28.70
N VAL A 400 26.67 46.15 28.09
CA VAL A 400 26.56 47.41 28.83
C VAL A 400 25.17 48.01 28.76
N GLY A 401 24.69 48.35 27.56
CA GLY A 401 23.48 49.15 27.35
C GLY A 401 23.21 49.22 25.86
N LEU A 402 22.13 49.91 25.50
CA LEU A 402 21.79 50.21 24.11
C LEU A 402 20.96 51.49 24.10
N ALA A 403 21.32 52.43 23.21
CA ALA A 403 20.66 53.73 23.23
C ALA A 403 20.60 54.28 21.80
N ASP A 404 19.47 54.01 21.13
CA ASP A 404 19.10 54.55 19.82
C ASP A 404 17.65 54.16 19.54
N GLY A 405 16.96 55.00 18.75
CA GLY A 405 15.65 54.64 18.21
C GLY A 405 15.51 55.33 16.86
N THR A 406 15.92 54.63 15.81
CA THR A 406 15.93 55.13 14.43
C THR A 406 16.19 53.93 13.51
N PRO A 407 16.42 54.21 12.24
CA PRO A 407 16.83 53.17 11.30
C PRO A 407 18.31 52.87 11.47
N VAL A 408 18.67 51.61 11.26
CA VAL A 408 20.04 51.13 11.44
C VAL A 408 20.46 50.26 10.26
N ASP A 409 20.25 50.78 9.05
CA ASP A 409 20.48 50.02 7.82
C ASP A 409 21.86 50.28 7.22
N MET A 410 22.86 50.52 8.07
CA MET A 410 24.21 50.77 7.56
C MET A 410 24.90 49.47 7.17
N ASP A 411 26.04 49.61 6.51
CA ASP A 411 26.91 48.48 6.18
C ASP A 411 28.31 48.88 6.63
N HIS A 412 28.60 48.64 7.90
CA HIS A 412 29.86 49.02 8.53
C HIS A 412 30.57 47.78 9.04
N PRO A 413 31.65 48.00 9.81
CA PRO A 413 32.47 46.91 10.33
C PRO A 413 31.73 46.24 11.48
N TYR A 414 30.84 45.32 11.13
CA TYR A 414 30.07 44.56 12.09
C TYR A 414 29.81 43.17 11.54
N VAL A 415 29.65 42.21 12.44
CA VAL A 415 29.44 40.81 12.07
C VAL A 415 27.95 40.53 12.02
N PHE A 416 27.43 40.32 10.81
CA PHE A 416 26.02 40.04 10.60
C PHE A 416 25.75 38.54 10.63
N SER A 417 24.47 38.19 10.60
CA SER A 417 24.04 36.80 10.52
C SER A 417 23.50 36.52 9.13
N ASP A 418 23.71 35.27 8.68
CA ASP A 418 23.45 34.91 7.29
C ASP A 418 21.96 34.78 6.99
N MET A 419 21.30 33.84 7.64
CA MET A 419 19.89 33.59 7.37
C MET A 419 19.19 33.25 8.68
N THR A 420 17.87 33.09 8.60
CA THR A 420 17.09 32.70 9.75
C THR A 420 17.45 31.28 10.19
N SER A 421 17.30 31.02 11.48
CA SER A 421 17.91 29.85 12.10
C SER A 421 16.92 29.13 13.01
N TYR A 422 15.72 28.86 12.52
CA TYR A 422 14.76 28.12 13.31
C TYR A 422 15.13 26.62 13.34
N PHE A 423 14.34 25.85 14.10
CA PHE A 423 14.79 24.53 14.55
C PHE A 423 14.80 23.50 13.42
N THR A 424 13.69 23.42 12.67
CA THR A 424 13.58 22.41 11.62
C THR A 424 14.48 22.73 10.44
N LEU A 425 14.89 23.99 10.29
CA LEU A 425 15.95 24.30 9.35
C LEU A 425 17.30 23.83 9.85
N LEU A 426 17.47 23.66 11.15
CA LEU A 426 18.78 23.36 11.70
C LEU A 426 19.00 21.86 11.86
N VAL A 427 17.94 21.09 12.09
CA VAL A 427 18.11 19.64 12.19
C VAL A 427 18.46 19.03 10.84
N GLY A 428 18.01 19.64 9.74
CA GLY A 428 18.39 19.20 8.42
C GLY A 428 19.75 19.64 7.97
N ILE A 429 20.45 20.42 8.79
CA ILE A 429 21.83 20.80 8.52
C ILE A 429 22.70 19.95 9.43
N TYR A 430 22.17 19.57 10.60
CA TYR A 430 22.94 18.69 11.46
C TYR A 430 22.94 17.24 11.00
N PHE A 431 21.83 16.75 10.44
CA PHE A 431 21.70 15.33 10.12
C PHE A 431 22.77 14.71 9.20
N PRO A 432 23.42 15.41 8.23
CA PRO A 432 24.48 14.74 7.47
C PRO A 432 25.75 14.38 8.21
N SER A 433 25.79 14.53 9.53
CA SER A 433 26.95 14.14 10.31
C SER A 433 26.74 12.84 11.09
N VAL A 434 25.59 12.19 10.94
CA VAL A 434 25.34 10.89 11.56
C VAL A 434 25.04 9.83 10.50
N THR A 435 25.46 10.06 9.27
CA THR A 435 25.13 9.19 8.14
C THR A 435 26.35 8.39 7.71
N GLY A 436 26.10 7.18 7.24
CA GLY A 436 27.15 6.36 6.67
C GLY A 436 27.35 5.05 7.41
N ILE A 437 26.32 4.59 8.11
CA ILE A 437 26.49 3.39 8.93
C ILE A 437 26.43 2.13 8.07
N MET A 438 25.68 2.14 6.97
CA MET A 438 25.66 0.98 6.08
C MET A 438 26.92 0.89 5.23
N ALA A 439 27.74 1.93 5.21
CA ALA A 439 29.10 1.84 4.71
C ALA A 439 30.06 1.36 5.77
N GLY A 440 29.56 1.03 6.95
CA GLY A 440 30.29 0.31 7.96
C GLY A 440 30.14 -1.19 7.89
N SER A 441 29.44 -1.68 6.86
CA SER A 441 29.39 -3.11 6.56
C SER A 441 29.75 -3.37 5.11
N ASN A 442 30.37 -2.41 4.43
CA ASN A 442 30.74 -2.59 3.04
C ASN A 442 31.89 -3.55 2.84
N ARG A 443 32.59 -3.87 3.92
CA ARG A 443 33.68 -4.85 3.88
C ARG A 443 33.21 -6.26 4.21
N SER A 444 32.37 -6.86 3.36
CA SER A 444 31.90 -8.22 3.55
C SER A 444 32.90 -9.16 2.91
N GLY A 445 32.77 -10.44 3.20
CA GLY A 445 33.67 -11.43 2.61
C GLY A 445 35.08 -11.46 3.16
N ASP A 446 35.76 -10.31 3.17
CA ASP A 446 37.10 -10.16 3.70
C ASP A 446 37.15 -10.26 5.22
N LEU A 447 36.01 -10.26 5.89
CA LEU A 447 35.96 -10.65 7.30
C LEU A 447 36.12 -12.16 7.43
N ARG A 448 36.40 -12.61 8.65
CA ARG A 448 36.45 -14.05 8.88
C ARG A 448 35.14 -14.60 9.43
N ASP A 449 34.39 -13.80 10.19
CA ASP A 449 33.12 -14.27 10.77
C ASP A 449 31.92 -13.67 10.04
N ALA A 450 31.86 -12.34 9.97
CA ALA A 450 30.89 -11.54 9.23
C ALA A 450 29.44 -11.69 9.71
N GLN A 451 29.21 -12.44 10.78
CA GLN A 451 27.89 -12.49 11.39
C GLN A 451 27.88 -12.01 12.82
N LYS A 452 29.05 -11.81 13.42
CA LYS A 452 29.17 -11.04 14.65
C LYS A 452 29.93 -9.74 14.47
N SER A 453 30.81 -9.64 13.47
CA SER A 453 31.59 -8.43 13.29
C SER A 453 30.74 -7.28 12.74
N ILE A 454 29.70 -7.58 11.98
CA ILE A 454 28.82 -6.55 11.42
C ILE A 454 27.96 -5.92 12.52
N PRO A 455 27.29 -6.66 13.47
CA PRO A 455 26.60 -5.93 14.54
C PRO A 455 27.53 -5.25 15.54
N THR A 456 28.54 -5.95 16.05
CA THR A 456 29.35 -5.35 17.12
C THR A 456 30.37 -4.34 16.58
N GLY A 457 30.60 -4.32 15.27
CA GLY A 457 31.44 -3.31 14.65
C GLY A 457 30.67 -2.15 14.09
N THR A 458 29.36 -2.07 14.34
CA THR A 458 28.53 -0.93 13.96
C THR A 458 27.84 -0.29 15.15
N ILE A 459 27.29 -1.09 16.07
CA ILE A 459 26.63 -0.55 17.24
C ILE A 459 27.64 0.11 18.17
N LEU A 460 28.80 -0.53 18.36
CA LEU A 460 29.90 0.13 19.07
C LEU A 460 30.40 1.32 18.28
N ALA A 461 30.45 1.20 16.95
CA ALA A 461 30.95 2.28 16.13
C ALA A 461 29.97 3.43 15.97
N ILE A 462 28.73 3.26 16.40
CA ILE A 462 27.77 4.36 16.37
C ILE A 462 27.69 4.92 17.79
N ALA A 463 27.98 4.08 18.79
CA ALA A 463 27.97 4.55 20.16
C ALA A 463 29.20 5.40 20.47
N THR A 464 30.35 5.03 19.89
CA THR A 464 31.58 5.78 20.10
C THR A 464 31.58 7.12 19.37
N THR A 465 30.62 7.36 18.48
CA THR A 465 30.49 8.66 17.85
C THR A 465 29.35 9.46 18.44
N SER A 466 28.28 8.79 18.86
CA SER A 466 27.24 9.44 19.64
C SER A 466 27.79 9.99 20.95
N ALA A 467 28.74 9.27 21.57
CA ALA A 467 29.40 9.78 22.76
C ALA A 467 30.17 11.06 22.46
N VAL A 468 30.78 11.14 21.28
CA VAL A 468 31.51 12.34 20.89
C VAL A 468 30.54 13.50 20.66
N TYR A 469 29.47 13.26 19.91
CA TYR A 469 28.53 14.33 19.59
C TYR A 469 27.71 14.76 20.79
N ILE A 470 27.58 13.94 21.82
CA ILE A 470 26.87 14.34 23.02
C ILE A 470 27.80 14.99 24.05
N SER A 471 29.03 14.49 24.20
CA SER A 471 29.95 15.13 25.14
C SER A 471 30.46 16.45 24.59
N SER A 472 30.64 16.57 23.28
CA SER A 472 31.18 17.79 22.73
C SER A 472 30.15 18.92 22.68
N VAL A 473 28.87 18.60 22.59
CA VAL A 473 27.87 19.65 22.47
C VAL A 473 27.68 20.36 23.80
N VAL A 474 27.91 19.67 24.93
CA VAL A 474 27.92 20.35 26.22
C VAL A 474 29.33 20.75 26.62
N LEU A 475 30.34 20.22 25.96
CA LEU A 475 31.72 20.59 26.21
C LEU A 475 32.15 21.79 25.37
N PHE A 476 31.28 22.30 24.51
CA PHE A 476 31.40 23.66 24.01
C PHE A 476 30.62 24.66 24.84
N GLY A 477 30.49 24.41 26.13
CA GLY A 477 30.03 25.41 27.07
C GLY A 477 31.20 26.15 27.68
N ALA A 478 32.14 26.55 26.83
CA ALA A 478 33.34 27.29 27.18
C ALA A 478 33.50 28.55 26.34
N CYS A 479 33.12 28.50 25.07
CA CYS A 479 33.24 29.67 24.21
C CYS A 479 32.07 30.62 24.44
N ILE A 480 32.22 31.85 23.95
CA ILE A 480 31.21 32.90 24.11
C ILE A 480 30.99 33.54 22.75
N GLU A 481 29.71 33.62 22.36
CA GLU A 481 29.26 34.12 21.05
C GLU A 481 29.96 33.39 19.91
N GLY A 482 29.73 32.08 19.86
CA GLY A 482 30.14 31.26 18.73
C GLY A 482 28.99 31.12 17.76
N VAL A 483 28.38 32.25 17.41
CA VAL A 483 27.19 32.30 16.58
C VAL A 483 27.64 32.85 15.23
N VAL A 484 28.79 33.52 15.23
CA VAL A 484 29.42 33.94 14.00
C VAL A 484 29.92 32.72 13.22
N LEU A 485 29.44 32.58 11.98
CA LEU A 485 29.72 31.37 11.23
C LEU A 485 31.14 31.38 10.66
N ARG A 486 31.51 32.45 9.96
CA ARG A 486 32.77 32.42 9.21
C ARG A 486 33.97 32.64 10.12
N ASP A 487 34.09 33.82 10.73
CA ASP A 487 35.34 34.18 11.39
C ASP A 487 35.16 35.40 12.28
N LYS A 488 35.83 35.37 13.43
CA LYS A 488 36.20 36.57 14.19
C LYS A 488 37.69 36.44 14.48
N PHE A 489 38.49 37.25 13.78
CA PHE A 489 39.96 37.16 13.72
C PHE A 489 40.44 35.80 13.18
N GLY A 490 39.66 35.22 12.26
CA GLY A 490 40.10 34.18 11.31
C GLY A 490 40.59 32.91 12.00
N GLU A 491 39.66 32.23 12.68
CA GLU A 491 39.94 30.92 13.25
C GLU A 491 38.64 30.14 13.35
N ALA A 492 38.72 28.83 13.10
CA ALA A 492 37.49 28.02 13.07
C ALA A 492 37.06 27.59 14.47
N VAL A 493 37.88 26.79 15.14
CA VAL A 493 37.55 26.28 16.46
C VAL A 493 38.35 26.94 17.58
N ASN A 494 39.68 27.06 17.38
CA ASN A 494 40.59 27.81 18.24
C ASN A 494 40.59 27.32 19.68
N GLY A 495 40.43 26.01 19.88
CA GLY A 495 40.40 25.41 21.21
C GLY A 495 41.26 24.14 21.23
N ASN A 496 42.48 24.24 20.69
CA ASN A 496 43.35 23.08 20.59
C ASN A 496 44.80 23.53 20.73
N LEU A 497 45.68 22.55 20.91
CA LEU A 497 47.10 22.82 21.06
C LEU A 497 47.74 23.16 19.72
N TRP A 508 45.16 25.45 15.30
CA TRP A 508 45.75 25.63 13.98
C TRP A 508 46.11 24.28 13.37
N VAL A 509 46.13 23.24 14.21
CA VAL A 509 46.24 21.89 13.70
C VAL A 509 44.95 21.49 13.01
N ILE A 510 43.82 21.94 13.54
CA ILE A 510 42.52 21.48 13.05
C ILE A 510 42.19 22.10 11.69
N VAL A 511 42.75 23.26 11.36
CA VAL A 511 42.44 23.87 10.07
C VAL A 511 43.21 23.25 8.92
N ILE A 512 44.10 22.30 9.20
CA ILE A 512 44.66 21.46 8.15
C ILE A 512 44.33 19.98 8.35
N GLY A 513 44.06 19.55 9.59
CA GLY A 513 43.56 18.21 9.79
C GLY A 513 42.14 18.02 9.31
N SER A 514 41.36 19.10 9.31
CA SER A 514 40.00 19.08 8.79
C SER A 514 39.94 19.40 7.30
N PHE A 515 41.09 19.45 6.64
CA PHE A 515 41.17 19.60 5.20
C PHE A 515 41.35 18.26 4.51
N PHE A 516 42.35 17.48 4.95
CA PHE A 516 42.57 16.16 4.37
C PHE A 516 41.45 15.21 4.73
N SER A 517 40.84 15.39 5.90
CA SER A 517 39.68 14.60 6.29
C SER A 517 38.50 14.84 5.35
N THR A 518 38.23 16.11 5.05
CA THR A 518 37.12 16.43 4.16
C THR A 518 37.42 16.04 2.72
N CYS A 519 38.69 16.14 2.31
CA CYS A 519 39.10 15.68 0.99
C CYS A 519 38.93 14.17 0.86
N GLY A 520 39.33 13.42 1.89
CA GLY A 520 39.18 11.98 1.85
C GLY A 520 37.74 11.53 1.94
N ALA A 521 36.91 12.23 2.73
CA ALA A 521 35.50 11.89 2.80
C ALA A 521 34.71 12.37 1.59
N GLY A 522 35.28 13.27 0.78
CA GLY A 522 34.69 13.58 -0.50
C GLY A 522 35.21 12.76 -1.64
N LEU A 523 36.33 12.08 -1.43
CA LEU A 523 36.87 11.18 -2.44
C LEU A 523 36.41 9.74 -2.24
N GLN A 524 36.14 9.33 -1.00
CA GLN A 524 35.51 8.04 -0.74
C GLN A 524 34.11 7.99 -1.33
N SER A 525 33.35 9.08 -1.20
CA SER A 525 32.00 9.15 -1.77
C SER A 525 32.01 9.34 -3.28
N LEU A 526 33.17 9.43 -3.90
CA LEU A 526 33.21 9.57 -5.34
C LEU A 526 33.42 8.20 -5.96
N THR A 527 34.41 7.47 -5.44
CA THR A 527 34.70 6.12 -5.91
C THR A 527 33.56 5.16 -5.59
N GLY A 528 33.02 5.28 -4.38
CA GLY A 528 31.95 4.43 -3.91
C GLY A 528 30.64 4.52 -4.66
N ALA A 529 30.26 5.73 -5.04
CA ALA A 529 29.00 5.95 -5.74
C ALA A 529 28.93 5.32 -7.14
N PRO A 530 29.96 5.39 -8.02
CA PRO A 530 29.80 4.68 -9.31
C PRO A 530 29.83 3.18 -9.17
N ARG A 531 30.56 2.67 -8.18
CA ARG A 531 30.63 1.24 -7.93
C ARG A 531 29.30 0.68 -7.44
N LEU A 532 28.41 1.55 -6.95
CA LEU A 532 27.06 1.13 -6.59
C LEU A 532 26.15 1.11 -7.80
N LEU A 533 26.30 2.06 -8.73
CA LEU A 533 25.55 1.98 -9.98
C LEU A 533 25.96 0.77 -10.80
N GLN A 534 27.23 0.39 -10.74
CA GLN A 534 27.65 -0.85 -11.39
C GLN A 534 26.97 -2.07 -10.77
N ALA A 535 26.81 -2.10 -9.46
CA ALA A 535 26.15 -3.21 -8.79
C ALA A 535 24.64 -3.24 -9.03
N ILE A 536 24.01 -2.08 -9.19
CA ILE A 536 22.58 -2.07 -9.50
C ILE A 536 22.35 -2.42 -10.97
N SER A 537 23.22 -1.93 -11.85
CA SER A 537 23.03 -2.12 -13.27
C SER A 537 23.40 -3.52 -13.72
N ARG A 538 24.33 -4.14 -13.00
CA ARG A 538 24.78 -5.48 -13.33
C ARG A 538 23.70 -6.54 -13.17
N ASP A 539 22.86 -6.38 -12.15
CA ASP A 539 21.86 -7.40 -11.82
C ASP A 539 20.73 -7.43 -12.85
N GLY A 540 20.58 -6.37 -13.63
CA GLY A 540 19.44 -6.26 -14.52
C GLY A 540 18.14 -6.01 -13.80
N ILE A 541 18.18 -5.49 -12.58
CA ILE A 541 16.99 -5.16 -11.81
C ILE A 541 16.23 -4.03 -12.51
N VAL A 542 16.96 -3.04 -12.98
CA VAL A 542 16.38 -1.94 -13.74
C VAL A 542 16.80 -2.11 -15.20
N PRO A 543 15.88 -2.11 -16.15
CA PRO A 543 16.24 -2.45 -17.53
C PRO A 543 16.88 -1.30 -18.31
N PHE A 544 16.52 -0.04 -18.02
CA PHE A 544 17.17 1.05 -18.74
C PHE A 544 18.50 1.45 -18.11
N LEU A 545 18.91 0.77 -17.04
CA LEU A 545 20.28 0.86 -16.52
C LEU A 545 21.15 -0.22 -17.18
N GLN A 546 21.15 -0.22 -18.50
CA GLN A 546 21.94 -1.19 -19.25
C GLN A 546 23.35 -0.69 -19.54
N VAL A 547 23.50 0.61 -19.78
CA VAL A 547 24.77 1.17 -20.21
C VAL A 547 25.78 1.17 -19.06
N PHE A 548 25.30 1.28 -17.82
CA PHE A 548 26.14 1.64 -16.69
C PHE A 548 26.76 0.42 -16.00
N GLY A 549 26.96 -0.67 -16.73
CA GLY A 549 27.74 -1.77 -16.22
C GLY A 549 28.91 -2.07 -17.13
N HIS A 550 29.53 -1.02 -17.68
CA HIS A 550 30.55 -1.21 -18.70
C HIS A 550 31.88 -1.64 -18.08
N GLY A 551 32.51 -0.74 -17.32
CA GLY A 551 33.79 -1.04 -16.74
C GLY A 551 34.95 -1.04 -17.71
N LYS A 552 36.19 -1.10 -17.20
CA LYS A 552 37.38 -1.19 -18.05
C LYS A 552 38.24 -2.35 -17.55
N ALA A 553 37.86 -3.56 -17.98
CA ALA A 553 38.64 -4.80 -17.97
C ALA A 553 38.93 -5.40 -16.59
N ASN A 554 38.75 -4.62 -15.52
CA ASN A 554 38.76 -5.17 -14.16
C ASN A 554 38.00 -4.16 -13.29
N GLY A 555 36.71 -4.38 -13.10
CA GLY A 555 35.89 -3.45 -12.34
C GLY A 555 35.87 -2.09 -13.00
N GLU A 556 36.12 -1.04 -12.20
CA GLU A 556 36.40 0.33 -12.62
C GLU A 556 35.28 0.92 -13.45
N PRO A 557 34.14 1.25 -12.85
CA PRO A 557 33.01 1.78 -13.63
C PRO A 557 33.33 3.13 -14.26
N THR A 558 32.87 3.31 -15.49
CA THR A 558 33.25 4.45 -16.32
C THR A 558 32.07 5.38 -16.59
N TRP A 559 30.98 4.86 -17.15
CA TRP A 559 29.82 5.71 -17.44
C TRP A 559 29.10 6.12 -16.16
N ALA A 560 29.14 5.25 -15.14
CA ALA A 560 28.57 5.59 -13.84
C ALA A 560 29.33 6.74 -13.19
N LEU A 561 30.64 6.83 -13.42
CA LEU A 561 31.40 7.97 -12.91
C LEU A 561 31.03 9.24 -13.64
N LEU A 562 30.72 9.14 -14.93
CA LEU A 562 30.24 10.30 -15.68
C LEU A 562 28.90 10.79 -15.15
N LEU A 563 27.97 9.85 -14.88
CA LEU A 563 26.66 10.27 -14.40
C LEU A 563 26.74 10.80 -12.97
N THR A 564 27.58 10.21 -12.11
CA THR A 564 27.69 10.77 -10.78
C THR A 564 28.44 12.09 -10.78
N ALA A 565 29.31 12.33 -11.77
CA ALA A 565 29.91 13.64 -11.90
C ALA A 565 28.87 14.68 -12.33
N CYS A 566 27.95 14.28 -13.22
CA CYS A 566 26.91 15.22 -13.64
C CYS A 566 25.91 15.51 -12.52
N ILE A 567 25.45 14.47 -11.81
CA ILE A 567 24.45 14.70 -10.77
C ILE A 567 25.10 15.08 -9.44
N CYS A 568 26.42 15.19 -9.39
CA CYS A 568 27.10 15.94 -8.35
C CYS A 568 27.32 17.39 -8.76
N GLU A 569 27.51 17.63 -10.07
CA GLU A 569 27.66 18.97 -10.57
C GLU A 569 26.36 19.76 -10.46
N ILE A 570 25.20 19.10 -10.63
CA ILE A 570 23.95 19.83 -10.42
C ILE A 570 23.63 20.01 -8.94
N GLY A 571 24.46 19.48 -8.05
CA GLY A 571 24.34 19.77 -6.63
C GLY A 571 25.40 20.74 -6.18
N ILE A 572 26.44 20.94 -7.00
CA ILE A 572 27.46 21.93 -6.65
C ILE A 572 27.10 23.32 -7.17
N LEU A 573 26.18 23.41 -8.13
CA LEU A 573 25.70 24.72 -8.58
C LEU A 573 24.72 25.36 -7.60
N ILE A 574 24.20 24.60 -6.64
CA ILE A 574 23.49 25.23 -5.53
C ILE A 574 24.46 26.01 -4.67
N ALA A 575 25.66 25.44 -4.46
CA ALA A 575 26.86 26.17 -4.01
C ALA A 575 26.69 26.81 -2.65
N SER A 576 26.01 26.11 -1.74
CA SER A 576 25.99 26.53 -0.35
C SER A 576 25.85 25.28 0.51
N LEU A 577 26.66 25.20 1.56
CA LEU A 577 26.73 24.00 2.38
C LEU A 577 25.43 23.81 3.17
N ASP A 578 24.71 24.88 3.46
CA ASP A 578 23.51 24.83 4.26
C ASP A 578 22.25 24.55 3.45
N GLU A 579 22.36 24.41 2.13
CA GLU A 579 21.22 24.07 1.31
C GLU A 579 21.38 22.76 0.55
N VAL A 580 22.57 22.17 0.54
CA VAL A 580 22.73 20.82 0.02
C VAL A 580 22.58 19.78 1.13
N ALA A 581 22.58 20.20 2.38
CA ALA A 581 22.39 19.30 3.50
C ALA A 581 20.94 18.86 3.74
N PRO A 582 19.89 19.70 3.56
CA PRO A 582 18.53 19.15 3.66
C PRO A 582 18.05 18.42 2.41
N ILE A 583 18.95 18.23 1.44
CA ILE A 583 18.64 17.47 0.24
C ILE A 583 19.27 16.10 0.45
N LEU A 584 20.53 16.12 0.87
CA LEU A 584 21.29 14.92 1.15
C LEU A 584 20.68 14.19 2.35
N SER A 585 20.24 14.96 3.33
CA SER A 585 19.64 14.40 4.54
C SER A 585 18.37 13.62 4.24
N MET A 586 17.54 14.16 3.36
CA MET A 586 16.31 13.50 2.98
C MET A 586 16.54 12.19 2.21
N PHE A 587 17.62 12.12 1.41
CA PHE A 587 17.87 10.87 0.70
C PHE A 587 18.33 9.77 1.64
N PHE A 588 19.24 10.10 2.57
CA PHE A 588 19.61 9.09 3.56
C PHE A 588 18.47 8.77 4.52
N LEU A 589 17.55 9.70 4.76
CA LEU A 589 16.40 9.38 5.60
C LEU A 589 15.46 8.40 4.92
N MET A 590 15.21 8.54 3.62
CA MET A 590 14.33 7.54 3.02
C MET A 590 15.05 6.22 2.77
N CYS A 591 16.36 6.25 2.58
CA CYS A 591 17.11 5.00 2.50
C CYS A 591 17.11 4.26 3.84
N TYR A 592 17.22 4.99 4.95
CA TYR A 592 17.12 4.37 6.27
C TYR A 592 15.70 3.99 6.62
N MET A 593 14.72 4.61 5.99
CA MET A 593 13.33 4.33 6.30
C MET A 593 12.83 3.08 5.57
N PHE A 594 13.31 2.83 4.35
CA PHE A 594 12.87 1.62 3.65
C PHE A 594 13.44 0.35 4.27
N VAL A 595 14.62 0.43 4.88
CA VAL A 595 15.19 -0.74 5.56
C VAL A 595 14.35 -1.10 6.78
N ASN A 596 13.95 -0.09 7.56
CA ASN A 596 13.09 -0.35 8.71
C ASN A 596 11.69 -0.75 8.30
N LEU A 597 11.23 -0.30 7.13
CA LEU A 597 9.93 -0.75 6.65
C LEU A 597 9.98 -2.19 6.18
N ALA A 598 11.10 -2.60 5.60
CA ALA A 598 11.20 -3.96 5.08
C ALA A 598 11.41 -4.96 6.21
N CYS A 599 12.33 -4.67 7.12
CA CYS A 599 12.69 -5.61 8.17
C CYS A 599 11.68 -5.68 9.30
N ALA A 600 10.56 -4.97 9.19
CA ALA A 600 9.45 -5.16 10.10
C ALA A 600 8.25 -5.80 9.43
N VAL A 601 8.14 -5.71 8.11
CA VAL A 601 7.06 -6.39 7.41
C VAL A 601 7.47 -7.81 7.02
N GLN A 602 8.76 -8.11 6.98
CA GLN A 602 9.18 -9.49 6.77
C GLN A 602 8.95 -10.36 7.99
N THR A 603 8.75 -9.76 9.16
CA THR A 603 8.55 -10.53 10.39
C THR A 603 7.07 -10.80 10.65
N LEU A 604 6.21 -9.82 10.37
CA LEU A 604 4.77 -10.05 10.44
C LEU A 604 4.32 -11.04 9.36
N LEU A 605 4.54 -10.68 8.10
CA LEU A 605 4.28 -11.58 6.99
C LEU A 605 5.45 -12.55 6.91
N ARG A 606 5.23 -13.79 7.36
CA ARG A 606 6.30 -14.75 7.61
C ARG A 606 6.86 -15.25 6.28
N THR A 607 7.75 -14.43 5.71
CA THR A 607 8.49 -14.82 4.51
C THR A 607 9.42 -15.98 4.85
N PRO A 608 9.49 -17.02 3.99
CA PRO A 608 10.24 -18.25 4.38
C PRO A 608 11.73 -18.06 4.58
N ASN A 609 12.44 -17.38 3.69
CA ASN A 609 13.86 -17.15 3.91
C ASN A 609 14.13 -15.85 4.68
N TRP A 610 13.47 -15.71 5.83
CA TRP A 610 13.67 -14.58 6.73
C TRP A 610 13.64 -15.09 8.16
N ARG A 611 14.82 -15.39 8.71
CA ARG A 611 14.94 -15.84 10.09
C ARG A 611 16.22 -15.23 10.67
N PRO A 612 16.11 -14.13 11.39
CA PRO A 612 17.30 -13.50 11.97
C PRO A 612 17.78 -14.24 13.20
N ARG A 613 19.09 -14.20 13.42
CA ARG A 613 19.69 -14.85 14.58
C ARG A 613 20.61 -13.88 15.29
N PHE A 614 19.99 -12.89 15.93
CA PHE A 614 20.74 -11.87 16.65
C PHE A 614 19.94 -11.37 17.85
N ARG A 615 20.62 -10.73 18.79
CA ARG A 615 19.96 -10.20 19.98
C ARG A 615 18.98 -9.11 19.58
N TYR A 616 17.85 -9.06 20.29
CA TYR A 616 16.77 -8.10 20.04
C TYR A 616 16.25 -8.20 18.61
N TYR A 617 16.24 -7.07 17.90
CA TYR A 617 15.77 -6.98 16.52
C TYR A 617 14.30 -7.38 16.34
N HIS A 618 13.51 -7.07 17.35
CA HIS A 618 12.07 -7.31 17.34
C HIS A 618 11.38 -6.33 16.39
N TRP A 619 10.23 -6.74 15.87
CA TRP A 619 9.58 -5.96 14.82
C TRP A 619 9.03 -4.64 15.35
N THR A 620 8.71 -4.57 16.63
CA THR A 620 8.28 -3.31 17.24
C THR A 620 9.42 -2.31 17.24
N LEU A 621 10.66 -2.79 17.39
CA LEU A 621 11.82 -1.92 17.44
C LEU A 621 12.10 -1.33 16.05
N SER A 622 12.04 -2.16 15.02
CA SER A 622 12.19 -1.66 13.65
C SER A 622 11.00 -0.82 13.22
N PHE A 623 9.82 -1.06 13.80
CA PHE A 623 8.67 -0.20 13.52
C PHE A 623 8.85 1.18 14.12
N LEU A 624 9.43 1.24 15.33
CA LEU A 624 9.80 2.53 15.91
C LEU A 624 10.88 3.21 15.09
N GLY A 625 11.78 2.43 14.49
CA GLY A 625 12.75 3.01 13.56
C GLY A 625 12.09 3.62 12.33
N MET A 626 11.10 2.92 11.76
CA MET A 626 10.28 3.44 10.67
C MET A 626 9.63 4.77 11.04
N SER A 627 8.96 4.79 12.20
CA SER A 627 8.23 5.98 12.62
C SER A 627 9.17 7.15 12.89
N LEU A 628 10.33 6.89 13.50
CA LEU A 628 11.25 7.97 13.82
C LEU A 628 11.92 8.52 12.57
N CYS A 629 12.29 7.65 11.62
CA CYS A 629 12.87 8.13 10.37
C CYS A 629 11.85 8.90 9.55
N LEU A 630 10.58 8.47 9.60
CA LEU A 630 9.54 9.17 8.84
C LEU A 630 9.24 10.54 9.46
N ALA A 631 9.25 10.62 10.79
CA ALA A 631 9.03 11.91 11.46
C ALA A 631 10.17 12.88 11.20
N LEU A 632 11.42 12.40 11.27
CA LEU A 632 12.53 13.28 10.94
C LEU A 632 12.61 13.59 9.45
N MET A 633 11.96 12.80 8.60
CA MET A 633 11.83 13.17 7.20
C MET A 633 10.85 14.33 7.04
N PHE A 634 9.69 14.25 7.69
CA PHE A 634 8.71 15.31 7.52
C PHE A 634 9.03 16.57 8.30
N ILE A 635 9.92 16.50 9.29
CA ILE A 635 10.33 17.73 9.97
C ILE A 635 11.19 18.60 9.05
N CYS A 636 12.03 17.97 8.22
CA CYS A 636 12.97 18.72 7.39
C CYS A 636 12.26 19.50 6.28
N SER A 637 11.60 18.79 5.36
CA SER A 637 10.89 19.46 4.27
C SER A 637 9.79 18.52 3.79
N TRP A 638 8.55 18.80 4.17
CA TRP A 638 7.46 17.86 3.91
C TRP A 638 7.03 17.88 2.45
N TYR A 639 7.06 19.07 1.82
CA TYR A 639 6.66 19.17 0.41
C TYR A 639 7.68 18.54 -0.52
N TYR A 640 8.89 18.27 -0.04
CA TYR A 640 9.81 17.40 -0.74
C TYR A 640 9.73 15.97 -0.26
N ALA A 641 9.28 15.76 0.99
CA ALA A 641 9.14 14.41 1.52
C ALA A 641 8.08 13.61 0.77
N LEU A 642 6.93 14.23 0.51
CA LEU A 642 5.87 13.53 -0.22
C LEU A 642 6.30 13.26 -1.67
N VAL A 643 6.97 14.21 -2.31
CA VAL A 643 7.36 14.04 -3.71
C VAL A 643 8.44 12.98 -3.84
N ALA A 644 9.49 13.07 -3.03
CA ALA A 644 10.58 12.11 -3.12
C ALA A 644 10.26 10.79 -2.42
N MET A 645 9.11 10.66 -1.77
CA MET A 645 8.65 9.35 -1.32
C MET A 645 7.73 8.72 -2.36
N LEU A 646 6.92 9.52 -3.06
CA LEU A 646 6.15 8.99 -4.19
C LEU A 646 7.03 8.64 -5.38
N ILE A 647 8.21 9.23 -5.51
CA ILE A 647 9.14 8.75 -6.52
C ILE A 647 9.79 7.45 -6.08
N ALA A 648 10.21 7.37 -4.82
CA ALA A 648 10.83 6.14 -4.32
C ALA A 648 9.82 5.04 -4.06
N GLY A 649 8.54 5.37 -3.96
CA GLY A 649 7.49 4.39 -3.95
C GLY A 649 6.94 4.06 -5.33
N LEU A 650 7.59 4.55 -6.38
CA LEU A 650 7.22 4.26 -7.75
C LEU A 650 8.25 3.41 -8.46
N ILE A 651 9.51 3.43 -8.01
CA ILE A 651 10.46 2.46 -8.51
C ILE A 651 10.13 1.07 -7.98
N TYR A 652 9.56 1.01 -6.77
CA TYR A 652 9.18 -0.26 -6.16
C TYR A 652 8.06 -0.98 -6.92
N LYS A 653 7.26 -0.25 -7.70
CA LYS A 653 6.30 -0.91 -8.58
C LYS A 653 6.88 -1.19 -9.95
N TYR A 654 7.84 -0.38 -10.41
CA TYR A 654 8.42 -0.63 -11.72
C TYR A 654 9.32 -1.85 -11.72
N ILE A 655 10.03 -2.08 -10.60
CA ILE A 655 10.79 -3.31 -10.45
C ILE A 655 9.85 -4.50 -10.36
N GLU A 656 8.66 -4.30 -9.78
CA GLU A 656 7.72 -5.39 -9.67
C GLU A 656 7.11 -5.74 -11.02
N TYR A 657 6.88 -4.75 -11.86
CA TYR A 657 6.39 -5.02 -13.21
C TYR A 657 7.47 -5.68 -14.06
N ARG A 658 8.68 -5.15 -14.05
CA ARG A 658 9.72 -5.75 -14.89
C ARG A 658 10.28 -7.04 -14.31
N GLY A 659 9.96 -7.39 -13.08
CA GLY A 659 10.36 -8.67 -12.52
C GLY A 659 9.28 -9.72 -12.70
N ALA A 660 8.03 -9.31 -12.57
CA ALA A 660 6.92 -10.22 -12.79
C ALA A 660 6.62 -10.44 -14.27
N GLU A 661 7.33 -9.76 -15.16
CA GLU A 661 7.29 -10.06 -16.59
C GLU A 661 8.37 -11.05 -16.98
N LYS A 662 9.51 -11.07 -16.27
CA LYS A 662 10.62 -11.91 -16.66
C LYS A 662 10.35 -13.38 -16.35
N GLU A 663 9.70 -13.66 -15.22
CA GLU A 663 9.53 -15.04 -14.79
C GLU A 663 8.22 -15.66 -15.23
N TRP A 664 7.19 -14.86 -15.53
CA TRP A 664 5.94 -15.41 -16.01
C TRP A 664 5.67 -15.13 -17.48
N GLY A 665 6.38 -14.20 -18.09
CA GLY A 665 6.28 -13.97 -19.52
C GLY A 665 5.06 -13.21 -19.97
N ASP A 666 4.19 -12.79 -19.06
CA ASP A 666 2.93 -12.15 -19.42
C ASP A 666 2.82 -10.69 -19.00
N GLY A 667 3.42 -10.31 -17.89
CA GLY A 667 3.33 -8.94 -17.45
C GLY A 667 2.19 -8.68 -16.47
N ILE A 668 1.05 -8.23 -17.00
CA ILE A 668 -0.04 -7.76 -16.14
C ILE A 668 -0.72 -8.93 -15.42
N ARG A 669 -0.68 -10.14 -15.97
CA ARG A 669 -1.23 -11.31 -15.30
C ARG A 669 -0.21 -11.96 -14.38
N GLY A 670 1.07 -11.93 -14.77
CA GLY A 670 2.11 -12.51 -13.96
C GLY A 670 2.30 -11.80 -12.64
N LEU A 671 1.97 -10.50 -12.59
CA LEU A 671 1.97 -9.75 -11.34
C LEU A 671 0.97 -10.33 -10.34
N SER A 672 -0.28 -10.45 -10.78
CA SER A 672 -1.31 -11.00 -9.93
C SER A 672 -0.96 -12.44 -9.62
N LEU A 673 -0.46 -13.15 -10.62
CA LEU A 673 -0.10 -14.54 -10.46
C LEU A 673 1.02 -14.70 -9.44
N SER A 674 2.02 -13.83 -9.53
CA SER A 674 3.15 -13.88 -8.60
C SER A 674 2.67 -13.63 -7.19
N ALA A 675 1.76 -12.68 -7.04
CA ALA A 675 1.21 -12.34 -5.73
C ALA A 675 0.48 -13.53 -5.12
N ALA A 676 -0.21 -14.31 -5.96
CA ALA A 676 -0.84 -15.55 -5.49
C ALA A 676 0.20 -16.57 -5.07
N ARG A 677 1.32 -16.66 -5.80
CA ARG A 677 2.37 -17.61 -5.44
C ARG A 677 3.02 -17.24 -4.12
N TYR A 678 3.28 -15.94 -3.89
CA TYR A 678 3.83 -15.52 -2.60
C TYR A 678 2.82 -15.73 -1.47
N ALA A 679 1.54 -15.53 -1.75
CA ALA A 679 0.55 -15.73 -0.70
C ALA A 679 0.28 -17.19 -0.41
N LEU A 680 0.64 -18.10 -1.32
CA LEU A 680 0.58 -19.51 -0.99
C LEU A 680 1.85 -20.02 -0.32
N LEU A 681 3.02 -19.54 -0.76
CA LEU A 681 4.28 -20.01 -0.18
C LEU A 681 4.45 -19.53 1.26
N ARG A 682 3.98 -18.32 1.56
CA ARG A 682 3.98 -17.83 2.93
C ARG A 682 3.08 -18.70 3.81
N LEU A 683 2.02 -19.22 3.25
CA LEU A 683 1.11 -20.10 3.95
C LEU A 683 1.73 -21.49 4.11
N TRP A 693 -13.38 -26.03 12.10
CA TRP A 693 -13.70 -24.62 11.92
C TRP A 693 -14.65 -24.42 10.75
N ARG A 694 -14.46 -23.31 10.04
CA ARG A 694 -15.36 -22.93 8.96
C ARG A 694 -15.22 -23.88 7.78
N PRO A 695 -16.32 -24.41 7.24
CA PRO A 695 -16.22 -25.40 6.17
C PRO A 695 -15.92 -24.75 4.83
N GLN A 696 -14.83 -25.17 4.21
CA GLN A 696 -14.53 -24.85 2.82
C GLN A 696 -14.49 -26.15 2.05
N LEU A 697 -15.35 -26.26 1.05
CA LEU A 697 -15.79 -27.57 0.61
C LEU A 697 -15.52 -27.85 -0.86
N LEU A 698 -15.44 -29.14 -1.14
CA LEU A 698 -15.45 -29.68 -2.49
C LEU A 698 -16.79 -30.37 -2.68
N VAL A 699 -17.52 -30.00 -3.71
CA VAL A 699 -18.81 -30.60 -4.02
C VAL A 699 -18.65 -31.54 -5.20
N LEU A 700 -19.22 -32.73 -5.08
CA LEU A 700 -19.05 -33.80 -6.06
C LEU A 700 -20.35 -33.98 -6.83
N VAL A 701 -20.51 -33.22 -7.90
CA VAL A 701 -21.63 -33.41 -8.80
C VAL A 701 -21.20 -34.34 -9.92
N ARG A 702 -22.17 -34.90 -10.61
CA ARG A 702 -21.90 -35.78 -11.74
C ARG A 702 -22.66 -35.28 -12.95
N VAL A 703 -22.21 -35.74 -14.12
CA VAL A 703 -22.63 -35.20 -15.40
C VAL A 703 -23.51 -36.23 -16.10
N ASP A 704 -24.52 -35.75 -16.82
CA ASP A 704 -25.53 -36.58 -17.47
C ASP A 704 -25.00 -37.25 -18.74
N GLN A 705 -25.92 -37.75 -19.58
CA GLN A 705 -25.53 -38.39 -20.84
C GLN A 705 -24.87 -37.40 -21.80
N ASP A 706 -25.26 -36.13 -21.73
CA ASP A 706 -24.56 -35.07 -22.43
C ASP A 706 -23.47 -34.51 -21.52
N GLN A 707 -22.91 -33.37 -21.88
CA GLN A 707 -22.11 -32.59 -20.94
C GLN A 707 -23.03 -31.61 -20.22
N ASN A 708 -23.85 -32.16 -19.33
CA ASN A 708 -24.82 -31.38 -18.60
C ASN A 708 -24.86 -31.86 -17.14
N VAL A 709 -25.01 -30.89 -16.23
CA VAL A 709 -25.12 -31.23 -14.81
C VAL A 709 -26.47 -31.91 -14.55
N VAL A 710 -26.54 -32.66 -13.45
CA VAL A 710 -27.68 -33.52 -13.20
C VAL A 710 -28.52 -33.05 -12.00
N HIS A 711 -28.00 -32.20 -11.14
CA HIS A 711 -28.75 -31.73 -9.98
C HIS A 711 -28.27 -30.35 -9.57
N PRO A 712 -28.79 -29.29 -10.21
CA PRO A 712 -28.37 -27.93 -9.84
C PRO A 712 -28.87 -27.48 -8.47
N GLN A 713 -29.76 -28.23 -7.82
CA GLN A 713 -30.15 -27.90 -6.46
C GLN A 713 -29.02 -28.08 -5.48
N LEU A 714 -28.04 -28.93 -5.78
CA LEU A 714 -26.86 -29.06 -4.94
C LEU A 714 -26.01 -27.79 -5.01
N LEU A 715 -25.87 -27.22 -6.20
CA LEU A 715 -25.22 -25.92 -6.33
C LEU A 715 -26.03 -24.82 -5.65
N SER A 716 -27.36 -24.91 -5.70
CA SER A 716 -28.20 -23.94 -5.00
C SER A 716 -28.12 -24.09 -3.49
N LEU A 717 -27.76 -25.28 -3.00
CA LEU A 717 -27.56 -25.46 -1.57
C LEU A 717 -26.19 -24.99 -1.15
N THR A 718 -25.17 -25.22 -1.99
CA THR A 718 -23.84 -24.76 -1.61
C THR A 718 -23.64 -23.27 -1.85
N SER A 719 -24.53 -22.62 -2.60
CA SER A 719 -24.45 -21.18 -2.72
C SER A 719 -24.94 -20.48 -1.47
N GLN A 720 -25.93 -21.06 -0.79
CA GLN A 720 -26.50 -20.45 0.40
C GLN A 720 -25.90 -20.98 1.69
N LEU A 721 -25.18 -22.10 1.63
CA LEU A 721 -24.47 -22.58 2.80
C LEU A 721 -23.24 -21.73 3.09
N LYS A 722 -22.72 -21.05 2.08
CA LYS A 722 -21.41 -20.44 2.17
C LYS A 722 -21.38 -18.98 1.71
N ALA A 723 -22.30 -18.57 0.83
CA ALA A 723 -22.56 -17.17 0.47
C ALA A 723 -21.36 -16.49 -0.17
N GLY A 724 -20.57 -17.24 -0.93
CA GLY A 724 -19.45 -16.67 -1.66
C GLY A 724 -18.31 -16.21 -0.80
N LYS A 725 -18.13 -16.80 0.38
CA LYS A 725 -17.11 -16.39 1.33
C LYS A 725 -16.27 -17.60 1.70
N GLY A 726 -15.27 -17.89 0.87
CA GLY A 726 -14.35 -18.97 1.15
C GLY A 726 -14.01 -19.71 -0.12
N LEU A 727 -13.47 -20.92 0.06
CA LEU A 727 -12.99 -21.74 -1.05
C LEU A 727 -14.00 -22.84 -1.34
N THR A 728 -14.37 -22.98 -2.62
CA THR A 728 -15.33 -23.98 -3.08
C THR A 728 -14.79 -24.61 -4.35
N ILE A 729 -14.46 -25.89 -4.28
CA ILE A 729 -13.99 -26.62 -5.45
C ILE A 729 -15.10 -27.54 -5.92
N VAL A 730 -15.49 -27.43 -7.18
CA VAL A 730 -16.65 -28.10 -7.70
C VAL A 730 -16.15 -29.16 -8.67
N GLY A 731 -16.00 -30.40 -8.19
CA GLY A 731 -15.37 -31.42 -9.00
C GLY A 731 -16.36 -32.29 -9.73
N SER A 732 -15.84 -33.10 -10.66
CA SER A 732 -16.62 -34.07 -11.39
C SER A 732 -15.69 -35.19 -11.84
N VAL A 733 -16.25 -36.16 -12.56
CA VAL A 733 -15.48 -37.32 -12.99
C VAL A 733 -16.22 -37.93 -14.18
N LEU A 734 -15.45 -38.49 -15.12
CA LEU A 734 -15.98 -38.98 -16.39
C LEU A 734 -15.54 -40.42 -16.64
N GLU A 735 -15.69 -40.89 -17.88
CA GLU A 735 -15.15 -42.17 -18.30
C GLU A 735 -13.64 -42.05 -18.55
N GLY A 736 -13.03 -43.06 -19.17
CA GLY A 736 -11.58 -43.16 -19.18
C GLY A 736 -10.90 -42.54 -20.40
N THR A 737 -9.57 -42.61 -20.38
CA THR A 737 -8.68 -42.36 -21.53
C THR A 737 -8.78 -40.97 -22.14
N PHE A 738 -8.18 -39.97 -21.47
CA PHE A 738 -8.12 -38.55 -21.83
C PHE A 738 -7.95 -38.25 -23.32
N LEU A 739 -7.13 -39.06 -24.00
CA LEU A 739 -7.01 -39.00 -25.46
C LEU A 739 -8.37 -39.10 -26.15
N ASP A 740 -9.18 -40.06 -25.72
CA ASP A 740 -10.44 -40.31 -26.38
C ASP A 740 -11.56 -39.40 -25.90
N ASN A 741 -11.38 -38.68 -24.78
CA ASN A 741 -12.51 -38.01 -24.16
C ASN A 741 -12.25 -36.58 -23.72
N HIS A 742 -11.15 -35.94 -24.11
CA HIS A 742 -10.95 -34.55 -23.72
C HIS A 742 -11.96 -33.52 -24.26
N PRO A 743 -12.66 -33.70 -25.41
CA PRO A 743 -13.78 -32.77 -25.67
C PRO A 743 -14.96 -32.97 -24.73
N GLN A 744 -15.18 -34.18 -24.22
CA GLN A 744 -16.22 -34.41 -23.22
C GLN A 744 -15.95 -33.62 -21.96
N ALA A 745 -14.70 -33.67 -21.47
CA ALA A 745 -14.34 -32.91 -20.29
C ALA A 745 -14.33 -31.41 -20.56
N GLN A 746 -13.98 -31.00 -21.78
CA GLN A 746 -14.00 -29.59 -22.14
C GLN A 746 -15.42 -29.03 -22.08
N ARG A 747 -16.37 -29.73 -22.71
CA ARG A 747 -17.76 -29.26 -22.66
C ARG A 747 -18.36 -29.41 -21.28
N ALA A 748 -17.91 -30.40 -20.50
CA ALA A 748 -18.42 -30.56 -19.14
C ALA A 748 -17.97 -29.42 -18.24
N GLU A 749 -16.69 -29.02 -18.34
CA GLU A 749 -16.24 -27.92 -17.50
C GLU A 749 -16.80 -26.59 -18.00
N GLU A 750 -17.09 -26.48 -19.30
CA GLU A 750 -17.77 -25.29 -19.79
C GLU A 750 -19.19 -25.20 -19.24
N SER A 751 -19.91 -26.32 -19.20
CA SER A 751 -21.27 -26.33 -18.65
C SER A 751 -21.26 -26.05 -17.15
N ILE A 752 -20.32 -26.61 -16.42
CA ILE A 752 -20.33 -26.42 -14.98
C ILE A 752 -19.83 -25.01 -14.62
N ARG A 753 -19.00 -24.39 -15.48
CA ARG A 753 -18.63 -23.00 -15.27
C ARG A 753 -19.77 -22.07 -15.65
N ARG A 754 -20.60 -22.47 -16.62
CA ARG A 754 -21.82 -21.72 -16.91
C ARG A 754 -22.78 -21.77 -15.72
N LEU A 755 -22.89 -22.94 -15.08
CA LEU A 755 -23.79 -23.08 -13.94
C LEU A 755 -23.27 -22.35 -12.71
N MET A 756 -21.94 -22.34 -12.52
CA MET A 756 -21.35 -21.88 -11.26
C MET A 756 -21.58 -20.39 -11.03
N GLU A 757 -21.51 -19.59 -12.09
CA GLU A 757 -21.77 -18.17 -11.93
C GLU A 757 -23.26 -17.86 -11.89
N ALA A 758 -24.12 -18.76 -12.38
CA ALA A 758 -25.56 -18.52 -12.35
C ALA A 758 -26.12 -18.65 -10.95
N GLU A 759 -25.53 -19.51 -10.13
CA GLU A 759 -25.97 -19.67 -8.75
C GLU A 759 -25.26 -18.72 -7.80
N LYS A 760 -24.40 -17.84 -8.33
CA LYS A 760 -23.66 -16.82 -7.56
C LYS A 760 -22.77 -17.45 -6.49
N VAL A 761 -21.96 -18.43 -6.89
CA VAL A 761 -20.93 -19.01 -6.03
C VAL A 761 -19.59 -18.81 -6.73
N LYS A 762 -18.58 -18.42 -5.94
CA LYS A 762 -17.27 -18.04 -6.46
C LYS A 762 -16.29 -19.15 -6.12
N GLY A 763 -15.91 -19.94 -7.11
CA GLY A 763 -15.04 -21.06 -6.88
C GLY A 763 -14.41 -21.56 -8.15
N PHE A 764 -13.79 -22.73 -8.06
CA PHE A 764 -12.99 -23.29 -9.14
C PHE A 764 -13.51 -24.67 -9.51
N CYS A 765 -13.53 -24.97 -10.80
CA CYS A 765 -13.98 -26.27 -11.28
C CYS A 765 -12.80 -27.10 -11.75
N GLN A 766 -12.83 -28.40 -11.45
CA GLN A 766 -11.84 -29.35 -11.94
C GLN A 766 -12.56 -30.60 -12.40
N VAL A 767 -12.31 -31.01 -13.64
CA VAL A 767 -12.97 -32.16 -14.25
C VAL A 767 -11.90 -33.17 -14.62
N VAL A 768 -11.99 -34.36 -14.04
CA VAL A 768 -10.95 -35.37 -14.14
C VAL A 768 -11.48 -36.53 -14.97
N ILE A 769 -10.71 -36.95 -15.97
CA ILE A 769 -10.99 -38.15 -16.75
C ILE A 769 -10.18 -39.28 -16.15
N SER A 770 -10.86 -40.37 -15.79
CA SER A 770 -10.17 -41.52 -15.23
C SER A 770 -10.88 -42.79 -15.68
N SER A 771 -10.14 -43.89 -15.67
CA SER A 771 -10.66 -45.15 -16.18
C SER A 771 -11.76 -45.69 -15.28
N ASN A 772 -11.45 -45.96 -14.02
CA ASN A 772 -12.45 -46.38 -13.06
C ASN A 772 -13.11 -45.15 -12.46
N LEU A 773 -14.38 -45.30 -12.10
CA LEU A 773 -15.12 -44.17 -11.54
C LEU A 773 -14.73 -43.93 -10.09
N ARG A 774 -14.20 -44.93 -9.40
CA ARG A 774 -13.84 -44.76 -7.99
C ARG A 774 -12.60 -43.89 -7.83
N ASP A 775 -11.49 -44.28 -8.44
CA ASP A 775 -10.24 -43.56 -8.24
C ASP A 775 -10.13 -42.30 -9.09
N GLY A 776 -11.22 -41.86 -9.71
CA GLY A 776 -11.36 -40.49 -10.16
C GLY A 776 -12.09 -39.65 -9.17
N VAL A 777 -12.43 -40.21 -8.02
CA VAL A 777 -12.90 -39.45 -6.87
C VAL A 777 -11.83 -39.42 -5.78
N SER A 778 -11.17 -40.55 -5.55
CA SER A 778 -10.07 -40.60 -4.60
C SER A 778 -8.79 -39.95 -5.12
N HIS A 779 -8.76 -39.51 -6.38
CA HIS A 779 -7.67 -38.69 -6.87
C HIS A 779 -8.06 -37.21 -6.94
N LEU A 780 -9.24 -36.85 -6.46
CA LEU A 780 -9.63 -35.48 -6.19
C LEU A 780 -9.57 -35.13 -4.72
N ILE A 781 -9.92 -36.08 -3.86
CA ILE A 781 -9.94 -35.81 -2.42
C ILE A 781 -8.53 -35.65 -1.89
N GLN A 782 -7.58 -36.44 -2.41
CA GLN A 782 -6.21 -36.33 -1.96
C GLN A 782 -5.54 -35.09 -2.51
N SER A 783 -5.95 -34.65 -3.70
CA SER A 783 -5.34 -33.50 -4.37
C SER A 783 -6.46 -32.55 -4.78
N GLY A 784 -6.83 -31.66 -3.88
CA GLY A 784 -7.83 -30.67 -4.18
C GLY A 784 -7.20 -29.34 -4.52
N GLY A 785 -7.14 -28.44 -3.55
CA GLY A 785 -6.48 -27.17 -3.76
C GLY A 785 -4.98 -27.31 -3.84
N LEU A 786 -4.32 -26.19 -4.12
CA LEU A 786 -2.90 -26.27 -4.47
C LEU A 786 -2.02 -26.37 -3.23
N GLY A 787 -2.01 -25.35 -2.40
CA GLY A 787 -1.07 -25.31 -1.30
C GLY A 787 -1.75 -25.49 0.04
N GLY A 788 -1.91 -24.40 0.76
CA GLY A 788 -2.69 -24.42 1.98
C GLY A 788 -4.16 -24.17 1.77
N LEU A 789 -4.61 -24.07 0.52
CA LEU A 789 -6.03 -23.98 0.19
C LEU A 789 -6.65 -25.36 0.10
N GLN A 790 -6.46 -26.18 1.12
CA GLN A 790 -7.07 -27.50 1.15
C GLN A 790 -8.54 -27.38 1.49
N HIS A 791 -9.38 -28.12 0.77
CA HIS A 791 -10.78 -28.22 1.11
C HIS A 791 -10.95 -28.92 2.46
N ASN A 792 -11.78 -28.33 3.33
CA ASN A 792 -11.97 -28.87 4.66
C ASN A 792 -13.01 -29.97 4.70
N THR A 793 -13.92 -30.02 3.73
CA THR A 793 -14.99 -31.00 3.76
C THR A 793 -15.48 -31.29 2.35
N VAL A 794 -16.24 -32.38 2.24
CA VAL A 794 -16.74 -32.88 0.96
C VAL A 794 -18.24 -32.99 1.03
N LEU A 795 -18.93 -32.39 0.08
CA LEU A 795 -20.38 -32.44 0.00
C LEU A 795 -20.80 -33.23 -1.22
N VAL A 796 -21.81 -34.08 -1.05
CA VAL A 796 -22.19 -35.05 -2.07
C VAL A 796 -23.67 -35.38 -1.91
N GLY A 797 -24.30 -35.77 -3.01
CA GLY A 797 -25.68 -36.23 -2.98
C GLY A 797 -25.78 -37.72 -2.73
N TRP A 798 -26.89 -38.11 -2.12
CA TRP A 798 -27.14 -39.52 -1.84
C TRP A 798 -27.38 -40.28 -3.14
N PRO A 799 -26.93 -41.53 -3.23
CA PRO A 799 -27.29 -42.34 -4.41
C PRO A 799 -28.75 -42.74 -4.39
N ARG A 800 -29.54 -42.10 -5.26
CA ARG A 800 -30.99 -42.27 -5.22
C ARG A 800 -31.40 -43.66 -5.69
N ASN A 801 -30.86 -44.11 -6.83
CA ASN A 801 -31.20 -45.42 -7.38
C ASN A 801 -30.29 -46.50 -6.82
N TRP A 802 -30.26 -46.59 -5.50
CA TRP A 802 -29.64 -47.73 -4.84
C TRP A 802 -30.50 -48.96 -5.05
N ARG A 803 -29.82 -50.14 -5.06
CA ARG A 803 -30.40 -51.50 -5.21
C ARG A 803 -31.35 -51.63 -6.40
N GLN A 804 -31.09 -50.87 -7.47
CA GLN A 804 -31.93 -50.93 -8.66
C GLN A 804 -31.34 -51.88 -9.70
N LYS A 805 -30.10 -51.63 -10.12
CA LYS A 805 -29.45 -52.49 -11.10
C LYS A 805 -29.00 -53.80 -10.45
N GLU A 806 -28.57 -54.72 -11.30
CA GLU A 806 -28.17 -56.04 -10.82
C GLU A 806 -26.78 -56.02 -10.19
N ASP A 807 -25.83 -55.35 -10.85
CA ASP A 807 -24.44 -55.27 -10.41
C ASP A 807 -23.95 -53.83 -10.51
N HIS A 808 -24.73 -52.92 -9.91
CA HIS A 808 -24.50 -51.48 -10.05
C HIS A 808 -23.15 -51.05 -9.51
N GLN A 809 -22.86 -51.42 -8.25
CA GLN A 809 -21.62 -51.07 -7.53
C GLN A 809 -21.38 -49.56 -7.49
N THR A 810 -22.47 -48.81 -7.36
CA THR A 810 -22.39 -47.37 -7.16
C THR A 810 -22.57 -46.99 -5.70
N TRP A 811 -22.94 -47.93 -4.85
CA TRP A 811 -23.02 -47.70 -3.42
C TRP A 811 -21.81 -48.25 -2.68
N ARG A 812 -21.12 -49.24 -3.25
CA ARG A 812 -19.77 -49.57 -2.80
C ARG A 812 -18.85 -48.38 -2.98
N ASN A 813 -19.05 -47.63 -4.07
CA ASN A 813 -18.45 -46.32 -4.26
C ASN A 813 -18.78 -45.39 -3.09
N PHE A 814 -20.03 -45.39 -2.63
CA PHE A 814 -20.42 -44.46 -1.58
C PHE A 814 -19.86 -44.86 -0.23
N ILE A 815 -19.88 -46.15 0.11
CA ILE A 815 -19.36 -46.58 1.40
C ILE A 815 -17.85 -46.45 1.43
N GLU A 816 -17.19 -46.71 0.30
CA GLU A 816 -15.76 -46.47 0.21
C GLU A 816 -15.45 -44.98 0.29
N LEU A 817 -16.37 -44.13 -0.21
CA LEU A 817 -16.22 -42.68 -0.04
C LEU A 817 -16.32 -42.27 1.41
N VAL A 818 -17.25 -42.87 2.16
CA VAL A 818 -17.42 -42.49 3.56
C VAL A 818 -16.22 -42.93 4.38
N ARG A 819 -15.73 -44.15 4.13
CA ARG A 819 -14.52 -44.63 4.81
C ARG A 819 -13.30 -43.79 4.43
N GLU A 820 -13.20 -43.42 3.15
CA GLU A 820 -12.14 -42.53 2.65
C GLU A 820 -12.14 -41.19 3.36
N THR A 821 -13.30 -40.55 3.46
CA THR A 821 -13.41 -39.23 4.06
C THR A 821 -13.16 -39.26 5.55
N THR A 822 -13.64 -40.31 6.24
CA THR A 822 -13.41 -40.41 7.67
C THR A 822 -11.95 -40.72 7.99
N ALA A 823 -11.33 -41.65 7.26
CA ALA A 823 -9.94 -41.98 7.51
C ALA A 823 -8.97 -40.99 6.88
N GLY A 824 -9.47 -39.99 6.17
CA GLY A 824 -8.63 -38.90 5.72
C GLY A 824 -8.65 -37.69 6.62
N HIS A 825 -9.29 -37.77 7.78
CA HIS A 825 -9.53 -36.65 8.71
C HIS A 825 -10.20 -35.48 7.98
N LEU A 826 -11.40 -35.75 7.50
CA LEU A 826 -12.09 -34.84 6.60
C LEU A 826 -13.58 -35.01 6.84
N ALA A 827 -14.34 -33.93 6.74
CA ALA A 827 -15.75 -33.98 7.06
C ALA A 827 -16.59 -34.25 5.81
N LEU A 828 -17.78 -34.80 6.03
CA LEU A 828 -18.66 -35.21 4.95
C LEU A 828 -20.06 -34.64 5.16
N LEU A 829 -20.66 -34.15 4.07
CA LEU A 829 -22.01 -33.57 4.07
C LEU A 829 -22.79 -34.23 2.93
N VAL A 830 -23.68 -35.16 3.24
CA VAL A 830 -24.42 -35.86 2.21
C VAL A 830 -25.89 -35.45 2.26
N THR A 831 -26.39 -34.90 1.15
CA THR A 831 -27.79 -34.52 1.04
C THR A 831 -28.58 -35.69 0.51
N LYS A 832 -29.74 -35.95 1.10
CA LYS A 832 -30.47 -37.18 0.76
C LYS A 832 -31.46 -36.98 -0.38
N ASN A 833 -32.46 -36.13 -0.19
CA ASN A 833 -33.41 -35.80 -1.24
C ASN A 833 -32.90 -34.53 -1.89
N VAL A 834 -32.09 -34.70 -2.94
CA VAL A 834 -31.40 -33.56 -3.54
C VAL A 834 -32.36 -32.66 -4.30
N SER A 835 -33.43 -33.22 -4.86
CA SER A 835 -34.48 -32.36 -5.34
C SER A 835 -35.35 -31.90 -4.18
N MET A 836 -36.12 -30.84 -4.43
CA MET A 836 -36.86 -30.07 -3.42
C MET A 836 -35.89 -29.53 -2.34
N PHE A 837 -34.92 -28.75 -2.83
CA PHE A 837 -34.19 -27.77 -2.08
C PHE A 837 -34.43 -26.40 -2.70
N PRO A 838 -34.61 -25.36 -1.89
CA PRO A 838 -35.01 -24.06 -2.46
C PRO A 838 -33.87 -23.39 -3.18
N GLY A 839 -34.19 -22.80 -4.33
CA GLY A 839 -33.24 -22.04 -5.11
C GLY A 839 -33.42 -20.56 -4.91
N ASN A 840 -34.11 -19.91 -5.84
CA ASN A 840 -34.39 -18.49 -5.76
C ASN A 840 -35.51 -18.23 -4.76
N PRO A 841 -36.49 -19.11 -4.66
CA PRO A 841 -37.67 -18.82 -3.83
C PRO A 841 -37.37 -18.93 -2.35
N GLU A 842 -37.94 -18.01 -1.58
CA GLU A 842 -37.68 -17.92 -0.15
C GLU A 842 -38.56 -18.92 0.60
N ARG A 843 -38.57 -18.82 1.93
CA ARG A 843 -39.35 -19.74 2.75
C ARG A 843 -39.80 -19.00 4.01
N PHE A 844 -40.78 -19.59 4.68
CA PHE A 844 -41.33 -19.02 5.91
C PHE A 844 -41.92 -20.10 6.81
N SER A 848 -38.80 -24.09 9.93
CA SER A 848 -38.38 -24.53 11.26
C SER A 848 -37.27 -25.57 11.18
N ILE A 849 -36.04 -25.09 11.06
CA ILE A 849 -34.87 -25.96 10.91
C ILE A 849 -34.66 -26.74 12.21
N ASP A 850 -34.55 -28.06 12.10
CA ASP A 850 -34.45 -28.93 13.25
C ASP A 850 -33.17 -29.74 13.15
N VAL A 851 -32.37 -29.72 14.22
CA VAL A 851 -31.14 -30.52 14.24
C VAL A 851 -31.25 -31.56 15.33
N TRP A 852 -30.56 -32.69 15.11
CA TRP A 852 -30.65 -33.87 15.95
C TRP A 852 -29.25 -34.25 16.41
N TRP A 853 -28.87 -33.77 17.58
CA TRP A 853 -27.60 -34.07 18.22
C TRP A 853 -27.61 -35.53 18.65
N ILE A 854 -26.94 -36.37 17.90
CA ILE A 854 -26.49 -37.65 18.42
C ILE A 854 -25.15 -37.35 19.10
N VAL A 855 -24.69 -38.28 19.95
CA VAL A 855 -23.62 -38.01 20.92
C VAL A 855 -22.29 -37.63 20.25
N HIS A 856 -22.07 -38.06 19.02
CA HIS A 856 -20.82 -37.76 18.33
C HIS A 856 -20.95 -36.56 17.40
N ASP A 857 -19.81 -35.90 17.18
CA ASP A 857 -19.57 -34.93 16.10
C ASP A 857 -20.39 -33.66 16.22
N GLY A 858 -20.85 -33.32 17.43
CA GLY A 858 -21.61 -32.10 17.61
C GLY A 858 -20.76 -30.85 17.53
N GLY A 859 -21.42 -29.72 17.66
CA GLY A 859 -20.73 -28.45 17.49
C GLY A 859 -20.70 -28.00 16.04
N MET A 860 -20.30 -28.90 15.14
CA MET A 860 -20.52 -28.73 13.71
C MET A 860 -22.02 -28.69 13.39
N LEU A 861 -22.83 -29.37 14.20
CA LEU A 861 -24.27 -29.43 14.00
C LEU A 861 -24.96 -28.10 14.23
N MET A 862 -24.30 -27.16 14.92
CA MET A 862 -24.91 -25.87 15.18
C MET A 862 -24.24 -24.72 14.46
N LEU A 863 -23.11 -24.97 13.81
CA LEU A 863 -22.55 -23.94 12.94
C LEU A 863 -23.33 -23.82 11.65
N LEU A 864 -23.75 -24.96 11.09
CA LEU A 864 -24.40 -25.02 9.79
C LEU A 864 -25.77 -24.33 9.75
N PRO A 865 -26.68 -24.47 10.74
CA PRO A 865 -27.86 -23.60 10.70
C PRO A 865 -27.53 -22.15 11.00
N PHE A 866 -26.49 -21.91 11.80
CA PHE A 866 -26.05 -20.55 12.07
C PHE A 866 -25.48 -19.89 10.81
N LEU A 867 -25.01 -20.68 9.85
CA LEU A 867 -24.60 -20.16 8.56
C LEU A 867 -25.75 -20.12 7.55
N LEU A 868 -26.74 -20.98 7.70
CA LEU A 868 -27.84 -21.00 6.74
C LEU A 868 -28.80 -19.83 6.90
N ARG A 869 -28.98 -19.32 8.12
CA ARG A 869 -30.01 -18.29 8.31
C ARG A 869 -29.57 -16.93 7.80
N HIS A 870 -28.27 -16.71 7.55
CA HIS A 870 -27.84 -15.46 6.95
C HIS A 870 -28.29 -15.33 5.50
N HIS A 871 -28.61 -16.45 4.84
CA HIS A 871 -29.27 -16.45 3.55
C HIS A 871 -30.73 -16.80 3.76
N LYS A 872 -31.56 -16.48 2.77
CA LYS A 872 -33.00 -16.72 2.85
C LYS A 872 -33.35 -18.20 2.82
N LYS A 876 -34.73 -17.84 6.61
CA LYS A 876 -34.84 -17.37 7.99
C LYS A 876 -36.06 -17.96 8.70
N CYS A 877 -35.83 -19.05 9.43
CA CYS A 877 -36.87 -19.71 10.19
C CYS A 877 -36.40 -19.95 11.62
N LYS A 878 -37.17 -20.68 12.41
CA LYS A 878 -36.77 -21.05 13.74
C LYS A 878 -35.92 -22.31 13.70
N MET A 879 -35.37 -22.70 14.84
CA MET A 879 -34.56 -23.90 14.91
C MET A 879 -34.78 -24.60 16.23
N ARG A 880 -34.62 -25.93 16.19
CA ARG A 880 -34.91 -26.80 17.32
C ARG A 880 -33.69 -27.69 17.54
N ILE A 881 -32.99 -27.47 18.64
CA ILE A 881 -31.93 -28.37 19.06
C ILE A 881 -32.58 -29.57 19.72
N PHE A 882 -32.27 -30.78 19.24
CA PHE A 882 -32.83 -32.00 19.80
C PHE A 882 -31.67 -32.94 20.15
N THR A 883 -31.27 -32.95 21.42
CA THR A 883 -30.21 -33.85 21.83
C THR A 883 -30.78 -35.19 22.28
N VAL A 884 -29.89 -36.16 22.48
CA VAL A 884 -30.28 -37.49 22.97
C VAL A 884 -29.40 -37.85 24.15
N ALA A 885 -29.94 -38.70 25.03
CA ALA A 885 -29.23 -39.16 26.22
C ALA A 885 -29.89 -40.46 26.69
N GLN A 886 -29.37 -41.00 27.78
CA GLN A 886 -29.90 -42.24 28.36
C GLN A 886 -29.89 -42.19 29.88
N ILE A 892 -30.52 -34.62 31.71
CA ILE A 892 -30.78 -34.25 33.09
C ILE A 892 -30.36 -32.81 33.34
N GLN A 893 -29.12 -32.63 33.81
CA GLN A 893 -28.57 -31.30 33.98
C GLN A 893 -28.04 -30.71 32.68
N MET A 894 -27.98 -31.50 31.61
CA MET A 894 -27.43 -31.01 30.35
C MET A 894 -28.38 -30.05 29.65
N LYS A 895 -29.66 -30.04 30.04
CA LYS A 895 -30.59 -29.08 29.47
C LYS A 895 -30.22 -27.65 29.87
N LYS A 896 -29.89 -27.45 31.14
CA LYS A 896 -29.48 -26.13 31.62
C LYS A 896 -28.14 -25.72 31.02
N ASP A 897 -27.22 -26.67 30.89
CA ASP A 897 -25.93 -26.38 30.29
C ASP A 897 -26.06 -26.02 28.81
N LEU A 898 -26.91 -26.74 28.09
CA LEU A 898 -27.12 -26.42 26.67
C LEU A 898 -27.87 -25.11 26.49
N THR A 899 -28.79 -24.81 27.40
CA THR A 899 -29.50 -23.52 27.33
C THR A 899 -28.56 -22.36 27.62
N THR A 900 -27.68 -22.52 28.61
CA THR A 900 -26.69 -21.49 28.89
C THR A 900 -25.67 -21.37 27.77
N PHE A 901 -25.37 -22.47 27.08
CA PHE A 901 -24.45 -22.40 25.95
C PHE A 901 -25.08 -21.70 24.75
N LEU A 902 -26.35 -21.99 24.48
CA LEU A 902 -27.03 -21.34 23.36
C LEU A 902 -27.35 -19.89 23.66
N TYR A 903 -27.54 -19.54 24.93
CA TYR A 903 -27.77 -18.15 25.29
C TYR A 903 -26.47 -17.36 25.37
N HIS A 904 -25.37 -18.03 25.71
CA HIS A 904 -24.09 -17.32 25.85
C HIS A 904 -23.55 -16.91 24.49
N LEU A 905 -23.89 -17.64 23.43
CA LEU A 905 -23.55 -17.20 22.09
C LEU A 905 -24.53 -16.18 21.55
N ARG A 906 -25.73 -16.09 22.18
CA ARG A 906 -26.82 -15.20 21.78
C ARG A 906 -27.18 -15.38 20.31
N ILE A 907 -27.25 -16.64 19.88
CA ILE A 907 -27.34 -16.95 18.45
C ILE A 907 -28.74 -16.67 17.91
N THR A 908 -29.74 -17.39 18.40
CA THR A 908 -31.06 -17.38 17.78
C THR A 908 -32.08 -17.79 18.83
N ALA A 909 -33.27 -18.16 18.36
CA ALA A 909 -34.40 -18.56 19.21
C ALA A 909 -34.48 -20.07 19.35
N GLU A 910 -33.33 -20.72 19.46
CA GLU A 910 -33.25 -22.18 19.51
C GLU A 910 -33.85 -22.72 20.80
N VAL A 911 -34.80 -23.65 20.66
CA VAL A 911 -35.34 -24.35 21.81
C VAL A 911 -34.43 -25.53 22.15
N GLU A 912 -34.89 -26.38 23.07
CA GLU A 912 -34.11 -27.54 23.49
C GLU A 912 -35.02 -28.60 24.06
N VAL A 913 -34.87 -29.82 23.56
CA VAL A 913 -35.66 -30.94 24.02
C VAL A 913 -34.69 -32.05 24.41
N VAL A 914 -34.92 -32.66 25.56
CA VAL A 914 -34.05 -33.73 26.00
C VAL A 914 -34.73 -35.05 25.68
N GLU A 915 -34.05 -35.88 24.90
CA GLU A 915 -34.59 -37.17 24.52
C GLU A 915 -33.73 -38.29 25.08
N MET A 916 -34.36 -39.24 25.75
CA MET A 916 -33.64 -40.36 26.33
C MET A 916 -34.04 -41.65 25.64
N HIS A 917 -33.05 -42.38 25.14
CA HIS A 917 -33.29 -43.64 24.48
C HIS A 917 -32.51 -44.73 25.19
N GLU A 918 -33.18 -45.83 25.53
CA GLU A 918 -32.51 -46.92 26.23
C GLU A 918 -31.41 -47.49 25.36
N SER A 919 -31.70 -47.67 24.08
CA SER A 919 -30.69 -48.20 23.15
C SER A 919 -30.51 -47.38 21.88
N ASP A 920 -29.26 -47.07 21.57
CA ASP A 920 -28.90 -46.35 20.36
C ASP A 920 -27.47 -46.74 20.00
N ILE A 921 -27.28 -47.24 18.79
CA ILE A 921 -25.98 -47.75 18.36
C ILE A 921 -25.08 -46.59 17.94
N SER A 922 -23.96 -46.95 17.30
CA SER A 922 -22.88 -46.03 16.91
C SER A 922 -22.34 -45.28 18.13
N ALA A 923 -21.76 -46.05 19.06
CA ALA A 923 -21.23 -45.50 20.30
C ALA A 923 -19.93 -46.19 20.65
N TYR A 924 -19.00 -45.41 21.22
CA TYR A 924 -17.75 -45.91 21.76
C TYR A 924 -17.25 -44.90 22.77
N THR A 925 -16.86 -45.40 23.95
CA THR A 925 -16.53 -44.52 25.07
C THR A 925 -15.08 -44.04 25.03
N TYR A 926 -14.20 -44.75 24.34
CA TYR A 926 -12.80 -44.37 24.26
C TYR A 926 -12.51 -43.49 23.05
N GLU A 927 -13.30 -42.43 22.89
CA GLU A 927 -13.10 -41.45 21.84
C GLU A 927 -13.00 -40.03 22.36
N LYS A 928 -13.72 -39.70 23.45
CA LYS A 928 -13.58 -38.40 24.07
C LYS A 928 -12.21 -38.23 24.72
N THR A 929 -11.60 -39.33 25.17
CA THR A 929 -10.22 -39.28 25.63
C THR A 929 -9.25 -39.13 24.47
N LEU A 930 -9.65 -39.52 23.25
CA LEU A 930 -8.85 -39.24 22.08
C LEU A 930 -9.09 -37.83 21.55
N VAL A 931 -10.30 -37.29 21.77
CA VAL A 931 -10.58 -35.92 21.34
C VAL A 931 -9.97 -34.91 22.29
N MET A 932 -9.89 -35.23 23.59
CA MET A 932 -9.33 -34.30 24.55
C MET A 932 -7.82 -34.17 24.42
N GLU A 933 -7.16 -35.18 23.85
CA GLU A 933 -5.73 -35.06 23.58
C GLU A 933 -5.45 -34.06 22.47
N GLN A 934 -6.37 -33.93 21.52
CA GLN A 934 -6.26 -32.90 20.49
C GLN A 934 -6.77 -31.56 20.99
N ARG A 935 -7.75 -31.57 21.90
CA ARG A 935 -8.29 -30.32 22.42
C ARG A 935 -7.28 -29.65 23.35
N SER A 936 -6.61 -30.41 24.20
CA SER A 936 -5.61 -29.86 25.10
C SER A 936 -4.35 -29.42 24.36
N GLN A 937 -4.10 -29.98 23.18
CA GLN A 937 -2.96 -29.56 22.36
C GLN A 937 -3.18 -28.20 21.71
N ILE A 938 -4.41 -27.70 21.69
CA ILE A 938 -4.71 -26.39 21.13
C ILE A 938 -4.63 -25.31 22.21
N GLN A 941 -6.74 -23.53 25.88
CA GLN A 941 -6.99 -22.11 26.07
C GLN A 941 -8.04 -21.87 27.16
N MET A 942 -8.37 -20.61 27.39
CA MET A 942 -9.35 -20.22 28.39
C MET A 942 -10.58 -19.63 27.72
N HIS A 943 -11.66 -19.53 28.51
CA HIS A 943 -13.00 -19.10 28.08
C HIS A 943 -13.49 -19.94 26.89
N LEU A 944 -13.59 -21.25 27.14
CA LEU A 944 -14.01 -22.21 26.13
C LEU A 944 -15.51 -22.07 25.90
N THR A 945 -15.88 -21.35 24.84
CA THR A 945 -17.28 -21.23 24.43
C THR A 945 -17.64 -22.28 23.37
N LYS A 946 -17.36 -23.54 23.72
CA LYS A 946 -17.60 -24.66 22.83
C LYS A 946 -18.45 -25.70 23.53
N ASN A 947 -19.10 -26.55 22.74
CA ASN A 947 -20.04 -27.54 23.26
C ASN A 947 -19.27 -28.78 23.69
N GLU A 948 -19.10 -28.97 24.99
CA GLU A 948 -18.49 -30.16 25.56
C GLU A 948 -19.44 -30.74 26.60
N ARG A 949 -19.90 -31.96 26.36
CA ARG A 949 -20.87 -32.62 27.23
C ARG A 949 -20.17 -33.65 28.10
N GLU A 950 -20.50 -33.64 29.39
CA GLU A 950 -19.81 -34.51 30.35
C GLU A 950 -20.39 -35.92 30.34
N ARG A 951 -21.67 -36.05 30.66
CA ARG A 951 -22.30 -37.37 30.79
C ARG A 951 -22.56 -38.01 29.43
N ALA A 1075 -27.01 -57.10 15.83
CA ALA A 1075 -27.39 -56.24 14.70
C ALA A 1075 -28.01 -54.95 15.20
N VAL A 1076 -27.47 -53.82 14.74
CA VAL A 1076 -28.01 -52.51 15.10
C VAL A 1076 -29.35 -52.30 14.41
N ARG A 1077 -30.40 -52.09 15.20
CA ARG A 1077 -31.74 -52.03 14.65
C ARG A 1077 -31.99 -50.70 13.93
N LEU A 1078 -31.95 -49.59 14.70
CA LEU A 1078 -32.29 -48.23 14.23
C LEU A 1078 -33.67 -48.19 13.57
N ASN A 1079 -34.62 -48.91 14.17
CA ASN A 1079 -35.99 -48.94 13.69
C ASN A 1079 -36.96 -48.29 14.66
N GLU A 1080 -36.47 -47.82 15.82
CA GLU A 1080 -37.30 -47.03 16.72
C GLU A 1080 -37.73 -45.73 16.04
N VAL A 1081 -36.75 -44.88 15.70
CA VAL A 1081 -36.89 -43.69 14.88
C VAL A 1081 -37.91 -42.71 15.47
N ILE A 1082 -37.57 -42.18 16.64
CA ILE A 1082 -38.37 -41.15 17.29
C ILE A 1082 -38.20 -39.78 16.65
N VAL A 1083 -37.36 -39.66 15.62
CA VAL A 1083 -37.11 -38.41 14.92
C VAL A 1083 -38.13 -38.15 13.82
N ASN A 1084 -39.31 -38.75 13.90
CA ASN A 1084 -40.44 -38.40 13.04
C ASN A 1084 -41.68 -38.01 13.82
N LYS A 1085 -41.68 -38.16 15.15
CA LYS A 1085 -42.81 -37.71 15.95
C LYS A 1085 -42.88 -36.19 16.01
N SER A 1086 -41.73 -35.52 15.97
CA SER A 1086 -41.65 -34.06 15.85
C SER A 1086 -40.70 -33.77 14.69
N ARG A 1087 -41.24 -33.80 13.48
CA ARG A 1087 -40.46 -33.65 12.25
C ARG A 1087 -41.42 -33.32 11.12
N ASP A 1088 -40.92 -33.47 9.88
CA ASP A 1088 -41.64 -33.18 8.64
C ASP A 1088 -42.07 -31.72 8.59
N ALA A 1089 -41.14 -30.82 8.95
CA ALA A 1089 -41.37 -29.39 8.89
C ALA A 1089 -40.41 -28.68 7.95
N LYS A 1090 -39.10 -28.88 8.11
CA LYS A 1090 -38.11 -28.17 7.31
C LYS A 1090 -36.88 -29.04 7.20
N LEU A 1091 -35.74 -28.43 6.88
CA LEU A 1091 -34.46 -29.13 6.76
C LEU A 1091 -34.05 -29.79 8.07
N VAL A 1092 -33.65 -31.06 7.98
CA VAL A 1092 -33.31 -31.88 9.13
C VAL A 1092 -31.82 -32.23 9.04
N LEU A 1093 -31.15 -32.30 10.18
CA LEU A 1093 -29.74 -32.67 10.24
C LEU A 1093 -29.54 -33.81 11.23
N LEU A 1094 -28.70 -34.79 10.85
CA LEU A 1094 -28.38 -35.90 11.73
C LEU A 1094 -26.91 -36.25 11.60
N ASN A 1095 -26.46 -37.12 12.50
CA ASN A 1095 -25.13 -37.72 12.44
C ASN A 1095 -25.24 -39.09 11.79
N MET A 1096 -24.34 -39.37 10.87
CA MET A 1096 -24.35 -40.74 10.37
C MET A 1096 -23.61 -41.66 11.36
N PRO A 1097 -23.97 -42.92 11.40
CA PRO A 1097 -23.17 -43.90 12.15
C PRO A 1097 -21.85 -44.16 11.45
N GLY A 1098 -20.88 -44.60 12.24
CA GLY A 1098 -19.58 -44.97 11.74
C GLY A 1098 -19.65 -46.21 10.87
N PRO A 1099 -18.82 -46.28 9.83
CA PRO A 1099 -18.84 -47.44 8.95
C PRO A 1099 -18.23 -48.65 9.64
N PRO A 1100 -18.71 -49.86 9.34
CA PRO A 1100 -18.17 -51.06 9.96
C PRO A 1100 -16.83 -51.47 9.37
N ASP A 1106 -14.14 -53.59 6.61
CA ASP A 1106 -14.84 -54.82 6.97
C ASP A 1106 -15.87 -55.18 5.92
N GLU A 1107 -16.55 -56.30 6.13
CA GLU A 1107 -17.61 -56.75 5.24
C GLU A 1107 -18.95 -56.21 5.73
N ASN A 1108 -20.04 -56.72 5.14
CA ASN A 1108 -21.42 -56.39 5.47
C ASN A 1108 -21.71 -54.90 5.32
N TYR A 1109 -21.28 -54.35 4.18
CA TYR A 1109 -21.58 -52.96 3.86
C TYR A 1109 -23.03 -52.76 3.48
N MET A 1110 -23.71 -53.81 2.99
CA MET A 1110 -25.13 -53.71 2.70
C MET A 1110 -25.98 -53.65 3.96
N GLU A 1111 -25.47 -54.16 5.08
CA GLU A 1111 -26.15 -53.98 6.35
C GLU A 1111 -25.96 -52.59 6.92
N PHE A 1112 -24.89 -51.88 6.52
CA PHE A 1112 -24.73 -50.50 6.93
C PHE A 1112 -25.77 -49.60 6.29
N LEU A 1113 -26.29 -49.98 5.12
CA LEU A 1113 -27.30 -49.17 4.44
C LEU A 1113 -28.66 -49.31 5.12
N GLU A 1114 -28.73 -48.75 6.33
CA GLU A 1114 -29.99 -48.43 6.96
C GLU A 1114 -30.35 -47.02 6.54
N VAL A 1115 -31.63 -46.80 6.27
CA VAL A 1115 -32.09 -45.53 5.73
C VAL A 1115 -33.04 -44.90 6.73
N LEU A 1116 -32.71 -43.70 7.16
CA LEU A 1116 -33.55 -42.91 8.07
C LEU A 1116 -34.39 -41.92 7.28
N THR A 1117 -35.13 -42.45 6.30
CA THR A 1117 -36.06 -41.65 5.52
C THR A 1117 -37.43 -42.30 5.57
N GLU A 1118 -37.87 -42.67 6.78
CA GLU A 1118 -39.21 -43.21 6.96
C GLU A 1118 -40.27 -42.19 6.58
N GLN A 1119 -40.11 -40.96 7.07
CA GLN A 1119 -41.00 -39.88 6.66
C GLN A 1119 -40.29 -38.54 6.46
N LEU A 1120 -38.96 -38.48 6.56
CA LEU A 1120 -38.25 -37.21 6.48
C LEU A 1120 -38.21 -36.73 5.03
N ASP A 1121 -38.68 -35.52 4.80
CA ASP A 1121 -38.79 -35.00 3.44
C ASP A 1121 -37.43 -34.57 2.89
N ARG A 1122 -36.77 -33.65 3.59
CA ARG A 1122 -35.42 -33.24 3.23
C ARG A 1122 -34.52 -33.35 4.46
N VAL A 1123 -33.30 -33.83 4.26
CA VAL A 1123 -32.39 -34.08 5.36
C VAL A 1123 -30.97 -34.06 4.80
N MET A 1124 -30.06 -33.46 5.56
CA MET A 1124 -28.65 -33.37 5.19
C MET A 1124 -27.84 -34.05 6.29
N LEU A 1125 -27.42 -35.29 6.03
CA LEU A 1125 -26.66 -36.06 6.99
C LEU A 1125 -25.23 -35.56 7.05
N VAL A 1126 -24.73 -35.29 8.25
CA VAL A 1126 -23.38 -34.78 8.41
C VAL A 1126 -22.54 -35.86 9.07
N ARG A 1127 -21.22 -35.74 8.92
CA ARG A 1127 -20.28 -36.57 9.65
C ARG A 1127 -18.96 -35.84 9.78
N GLY A 1128 -18.57 -35.52 11.00
CA GLY A 1128 -17.36 -34.77 11.20
C GLY A 1128 -16.12 -35.61 11.18
N GLY A 1129 -14.98 -34.94 11.18
CA GLY A 1129 -13.69 -35.58 11.35
C GLY A 1129 -13.31 -35.64 12.80
N GLY A 1130 -12.01 -35.55 13.07
CA GLY A 1130 -11.55 -35.55 14.44
C GLY A 1130 -11.23 -34.16 14.96
N ARG A 1131 -10.47 -33.39 14.17
CA ARG A 1131 -9.95 -32.10 14.59
C ARG A 1131 -10.89 -31.01 14.12
N GLU A 1132 -11.86 -30.67 14.96
CA GLU A 1132 -12.83 -29.60 14.67
C GLU A 1132 -12.96 -28.69 15.89
N VAL A 1133 -12.14 -27.64 15.93
CA VAL A 1133 -12.20 -26.63 16.97
C VAL A 1133 -13.17 -25.54 16.52
N ILE A 1134 -14.21 -25.30 17.32
CA ILE A 1134 -15.39 -24.59 16.86
C ILE A 1134 -15.65 -23.38 17.77
N THR A 1135 -14.56 -22.73 18.21
CA THR A 1135 -14.54 -21.83 19.36
C THR A 1135 -15.53 -20.67 19.27
N ILE A 1136 -15.42 -19.85 18.24
CA ILE A 1136 -16.22 -18.63 18.16
C ILE A 1136 -17.37 -18.82 17.19
N TYR A 1137 -18.53 -18.24 17.55
CA TYR A 1137 -19.76 -18.22 16.74
C TYR A 1137 -20.26 -19.62 16.43
N SER A 1138 -20.18 -20.51 17.41
CA SER A 1138 -20.54 -21.92 17.20
C SER A 1138 -22.03 -22.13 17.01
N LEU B 85 -51.70 14.21 -6.20
CA LEU B 85 -50.98 15.43 -6.54
C LEU B 85 -49.67 15.11 -7.23
N SER B 86 -49.51 15.59 -8.46
CA SER B 86 -48.27 15.40 -9.20
C SER B 86 -47.19 16.29 -8.59
N GLY B 87 -46.02 15.70 -8.32
CA GLY B 87 -44.95 16.46 -7.72
C GLY B 87 -44.84 16.34 -6.22
N LEU B 88 -45.47 17.27 -5.50
CA LEU B 88 -45.22 17.48 -4.07
C LEU B 88 -45.67 16.32 -3.19
N ALA B 89 -46.54 15.44 -3.69
CA ALA B 89 -46.89 14.25 -2.93
C ALA B 89 -45.72 13.27 -2.93
N ASN B 90 -45.36 12.79 -1.74
CA ASN B 90 -44.30 11.81 -1.49
C ASN B 90 -42.95 12.32 -2.02
N TYR B 91 -42.48 13.39 -1.39
CA TYR B 91 -41.19 13.99 -1.73
C TYR B 91 -40.47 14.40 -0.46
N THR B 92 -39.25 13.89 -0.27
CA THR B 92 -38.37 14.39 0.78
C THR B 92 -36.99 14.64 0.20
N ASN B 93 -36.12 15.11 1.09
CA ASN B 93 -34.70 15.35 0.83
C ASN B 93 -33.81 14.47 1.72
N LEU B 94 -34.41 13.88 2.77
CA LEU B 94 -33.70 13.02 3.72
C LEU B 94 -33.30 11.71 3.05
N PRO B 95 -32.24 11.07 3.52
CA PRO B 95 -31.84 9.83 2.84
C PRO B 95 -32.69 8.64 3.21
N GLN B 96 -32.49 7.56 2.46
CA GLN B 96 -33.36 6.40 2.57
C GLN B 96 -33.02 5.57 3.79
N GLY B 97 -31.83 4.97 3.82
CA GLY B 97 -31.30 4.40 5.05
C GLY B 97 -31.33 2.89 5.11
N SER B 98 -31.53 2.40 6.34
CA SER B 98 -31.40 1.00 6.68
C SER B 98 -32.71 0.23 6.59
N ARG B 99 -33.78 0.79 7.16
CA ARG B 99 -35.06 0.09 7.20
C ARG B 99 -35.66 -0.08 5.81
N GLU B 100 -35.51 0.92 4.95
CA GLU B 100 -36.06 0.84 3.62
C GLU B 100 -35.16 0.10 2.64
N HIS B 101 -34.07 -0.51 3.13
CA HIS B 101 -33.34 -1.56 2.44
C HIS B 101 -33.75 -2.93 2.94
N GLU B 102 -34.02 -3.04 4.24
CA GLU B 102 -34.48 -4.28 4.83
C GLU B 102 -35.84 -4.64 4.25
N GLU B 103 -36.72 -3.65 4.12
CA GLU B 103 -38.04 -3.89 3.53
C GLU B 103 -37.92 -4.28 2.06
N ALA B 104 -36.97 -3.69 1.34
CA ALA B 104 -36.82 -3.99 -0.07
C ALA B 104 -36.14 -5.32 -0.33
N GLU B 105 -35.46 -5.88 0.66
CA GLU B 105 -34.82 -7.18 0.50
C GLU B 105 -35.58 -8.33 1.16
N ASN B 106 -36.32 -8.07 2.24
CA ASN B 106 -37.09 -9.13 2.88
C ASN B 106 -38.32 -9.50 2.04
N ASN B 107 -38.98 -8.50 1.47
CA ASN B 107 -40.22 -8.72 0.74
C ASN B 107 -40.01 -8.85 -0.76
N GLU B 108 -38.81 -9.21 -1.20
CA GLU B 108 -38.55 -9.41 -2.62
C GLU B 108 -39.04 -10.77 -3.09
N ARG B 119 -44.45 5.59 -5.58
CA ARG B 119 -43.09 5.21 -5.98
C ARG B 119 -42.83 5.62 -7.42
N MET B 120 -41.71 5.12 -7.95
CA MET B 120 -41.28 5.32 -9.34
C MET B 120 -41.13 6.81 -9.68
N GLY B 121 -40.31 7.49 -8.88
CA GLY B 121 -40.07 8.91 -9.10
C GLY B 121 -39.14 9.11 -10.28
N THR B 122 -39.29 10.26 -10.93
CA THR B 122 -38.55 10.58 -12.14
C THR B 122 -37.18 11.15 -11.78
N PHE B 123 -36.49 11.72 -12.78
CA PHE B 123 -35.23 12.39 -12.51
C PHE B 123 -35.43 13.66 -11.69
N MET B 124 -36.61 14.26 -11.78
CA MET B 124 -36.90 15.49 -11.05
C MET B 124 -37.02 15.28 -9.55
N GLY B 125 -37.14 14.03 -9.10
CA GLY B 125 -37.05 13.69 -7.71
C GLY B 125 -35.66 13.24 -7.26
N VAL B 126 -34.65 13.33 -8.12
CA VAL B 126 -33.29 12.97 -7.73
C VAL B 126 -32.37 14.10 -8.17
N TYR B 127 -32.90 15.02 -8.94
CA TYR B 127 -32.20 16.25 -9.32
C TYR B 127 -32.33 17.30 -8.22
N LEU B 128 -33.55 17.63 -7.85
CA LEU B 128 -33.87 18.59 -6.80
C LEU B 128 -33.35 18.23 -5.41
N PRO B 129 -33.32 16.96 -4.96
CA PRO B 129 -32.60 16.69 -3.69
C PRO B 129 -31.10 16.85 -3.80
N CYS B 130 -30.54 16.67 -4.99
CA CYS B 130 -29.12 16.97 -5.16
C CYS B 130 -28.86 18.47 -5.16
N LEU B 131 -29.85 19.26 -5.54
CA LEU B 131 -29.73 20.71 -5.57
C LEU B 131 -30.10 21.35 -4.24
N GLN B 132 -30.93 20.70 -3.43
CA GLN B 132 -31.43 21.33 -2.22
C GLN B 132 -30.35 21.41 -1.14
N ASN B 133 -29.64 20.32 -0.91
CA ASN B 133 -28.64 20.28 0.14
C ASN B 133 -27.25 20.68 -0.33
N ILE B 134 -27.12 21.24 -1.53
CA ILE B 134 -25.83 21.74 -1.99
C ILE B 134 -25.79 23.27 -1.97
N PHE B 135 -26.94 23.93 -1.99
CA PHE B 135 -27.03 25.38 -1.75
C PHE B 135 -27.10 25.60 -0.25
N GLY B 136 -25.95 25.49 0.39
CA GLY B 136 -25.90 25.56 1.84
C GLY B 136 -25.90 26.98 2.35
N VAL B 137 -25.01 27.27 3.27
CA VAL B 137 -24.95 28.59 3.89
C VAL B 137 -23.78 29.41 3.37
N ILE B 138 -22.78 28.80 2.75
CA ILE B 138 -21.71 29.60 2.17
C ILE B 138 -22.11 29.91 0.73
N LEU B 139 -23.14 30.73 0.60
CA LEU B 139 -23.40 31.60 -0.53
C LEU B 139 -23.97 32.93 -0.07
N PHE B 140 -24.57 32.95 1.10
CA PHE B 140 -25.39 34.06 1.58
C PHE B 140 -24.64 34.96 2.54
N LEU B 141 -23.67 34.42 3.26
CA LEU B 141 -23.00 35.19 4.30
C LEU B 141 -21.50 34.98 4.40
N ARG B 142 -20.89 34.17 3.52
CA ARG B 142 -19.44 34.11 3.46
C ARG B 142 -18.89 34.15 2.05
N LEU B 143 -19.71 34.04 1.01
CA LEU B 143 -19.20 34.05 -0.36
C LEU B 143 -18.81 35.46 -0.79
N THR B 144 -19.60 36.46 -0.40
CA THR B 144 -19.24 37.83 -0.73
C THR B 144 -18.00 38.30 0.01
N TRP B 145 -17.73 37.72 1.19
CA TRP B 145 -16.46 37.98 1.86
C TRP B 145 -15.30 37.36 1.11
N VAL B 146 -15.53 36.25 0.41
CA VAL B 146 -14.48 35.66 -0.41
C VAL B 146 -14.25 36.50 -1.66
N VAL B 147 -15.32 37.08 -2.21
CA VAL B 147 -15.18 37.98 -3.34
C VAL B 147 -14.44 39.26 -2.93
N GLY B 148 -14.67 39.72 -1.71
CA GLY B 148 -14.03 40.93 -1.23
C GLY B 148 -12.59 40.78 -0.75
N ILE B 149 -12.30 39.71 -0.01
CA ILE B 149 -11.01 39.58 0.66
C ILE B 149 -10.07 38.72 -0.18
N ALA B 150 -10.41 38.56 -1.46
CA ALA B 150 -9.52 37.91 -2.42
C ALA B 150 -9.84 38.47 -3.79
N GLY B 151 -8.91 38.26 -4.73
CA GLY B 151 -9.13 38.75 -6.07
C GLY B 151 -10.23 37.98 -6.78
N ILE B 152 -10.87 38.63 -7.74
CA ILE B 152 -11.94 37.97 -8.47
C ILE B 152 -11.34 36.96 -9.44
N MET B 153 -10.10 37.20 -9.90
CA MET B 153 -9.40 36.29 -10.78
C MET B 153 -8.66 35.21 -10.02
N GLU B 154 -8.66 35.26 -8.70
CA GLU B 154 -8.20 34.16 -7.87
C GLU B 154 -9.36 33.36 -7.30
N SER B 155 -10.44 34.05 -6.89
CA SER B 155 -11.63 33.33 -6.43
C SER B 155 -12.34 32.63 -7.57
N PHE B 156 -12.18 33.13 -8.81
CA PHE B 156 -12.68 32.41 -9.97
C PHE B 156 -11.97 31.06 -10.12
N CYS B 157 -10.64 31.05 -9.97
CA CYS B 157 -9.90 29.80 -10.03
C CYS B 157 -10.22 28.90 -8.84
N MET B 158 -10.49 29.49 -7.67
CA MET B 158 -10.91 28.74 -6.50
C MET B 158 -12.23 28.00 -6.75
N VAL B 159 -13.23 28.73 -7.25
CA VAL B 159 -14.53 28.14 -7.55
C VAL B 159 -14.42 27.11 -8.66
N PHE B 160 -13.56 27.36 -9.65
CA PHE B 160 -13.38 26.40 -10.74
C PHE B 160 -12.74 25.10 -10.27
N ILE B 161 -11.70 25.19 -9.42
CA ILE B 161 -11.04 23.96 -9.02
C ILE B 161 -11.88 23.21 -7.96
N CYS B 162 -12.65 23.91 -7.13
CA CYS B 162 -13.55 23.22 -6.23
C CYS B 162 -14.76 22.65 -6.96
N CYS B 163 -15.12 23.22 -8.11
CA CYS B 163 -16.12 22.60 -8.98
C CYS B 163 -15.60 21.31 -9.60
N SER B 164 -14.39 21.37 -10.16
CA SER B 164 -13.83 20.20 -10.83
C SER B 164 -13.56 19.07 -9.86
N CYS B 165 -13.18 19.41 -8.62
CA CYS B 165 -12.88 18.42 -7.58
C CYS B 165 -14.08 17.55 -7.23
N THR B 166 -15.29 18.08 -7.36
CA THR B 166 -16.47 17.28 -7.08
C THR B 166 -17.21 16.80 -8.33
N MET B 167 -17.05 17.48 -9.47
CA MET B 167 -17.62 16.92 -10.70
C MET B 167 -16.86 15.69 -11.15
N LEU B 168 -15.54 15.68 -10.94
CA LEU B 168 -14.71 14.56 -11.34
C LEU B 168 -14.88 13.36 -10.40
N THR B 169 -15.57 13.55 -9.28
CA THR B 169 -16.03 12.49 -8.38
C THR B 169 -17.46 12.07 -8.67
N ALA B 170 -18.31 13.00 -9.11
CA ALA B 170 -19.65 12.63 -9.56
C ALA B 170 -19.60 11.80 -10.83
N ILE B 171 -18.55 11.94 -11.64
CA ILE B 171 -18.30 10.99 -12.72
C ILE B 171 -18.08 9.58 -12.17
N SER B 172 -17.35 9.45 -11.06
CA SER B 172 -17.19 8.13 -10.45
C SER B 172 -18.47 7.64 -9.81
N MET B 173 -19.32 8.54 -9.34
CA MET B 173 -20.67 8.16 -8.92
C MET B 173 -21.51 7.68 -10.09
N SER B 174 -21.27 8.20 -11.28
CA SER B 174 -21.92 7.65 -12.45
C SER B 174 -21.36 6.27 -12.76
N ALA B 175 -20.05 6.09 -12.60
CA ALA B 175 -19.41 4.80 -12.89
C ALA B 175 -19.75 3.73 -11.86
N ILE B 176 -20.22 4.11 -10.67
CA ILE B 176 -20.61 3.11 -9.68
C ILE B 176 -22.09 2.76 -9.78
N ALA B 177 -22.90 3.62 -10.39
CA ALA B 177 -24.33 3.41 -10.43
C ALA B 177 -24.77 2.53 -11.58
N THR B 178 -23.83 2.06 -12.40
CA THR B 178 -24.17 1.22 -13.54
C THR B 178 -23.62 -0.19 -13.44
N ASN B 179 -22.67 -0.45 -12.55
CA ASN B 179 -22.08 -1.78 -12.41
C ASN B 179 -22.78 -2.54 -11.27
N GLY B 180 -24.06 -2.80 -11.48
CA GLY B 180 -24.83 -3.53 -10.48
C GLY B 180 -26.31 -3.31 -10.69
N VAL B 181 -27.06 -3.42 -9.58
CA VAL B 181 -28.50 -3.31 -9.61
C VAL B 181 -29.00 -2.17 -8.73
N VAL B 182 -28.10 -1.34 -8.20
CA VAL B 182 -28.27 -0.17 -7.30
C VAL B 182 -29.38 -0.37 -6.27
N PRO B 183 -29.17 -1.25 -5.28
CA PRO B 183 -30.29 -1.93 -4.60
C PRO B 183 -31.32 -1.08 -3.86
N ALA B 184 -30.90 -0.36 -2.82
CA ALA B 184 -31.79 0.36 -1.92
C ALA B 184 -30.92 1.14 -0.95
N GLY B 185 -31.58 1.92 -0.11
CA GLY B 185 -30.84 2.73 0.84
C GLY B 185 -30.17 3.90 0.16
N GLY B 186 -29.31 4.56 0.91
CA GLY B 186 -28.59 5.72 0.42
C GLY B 186 -27.44 5.38 -0.48
N SER B 187 -26.43 6.25 -0.49
CA SER B 187 -25.23 5.96 -1.26
C SER B 187 -24.36 4.91 -0.59
N TYR B 188 -24.60 4.65 0.71
CA TYR B 188 -23.76 3.73 1.46
C TYR B 188 -23.92 2.30 0.97
N TYR B 189 -25.16 1.86 0.73
CA TYR B 189 -25.36 0.49 0.27
C TYR B 189 -24.89 0.32 -1.15
N MET B 190 -24.97 1.37 -1.98
CA MET B 190 -24.41 1.34 -3.32
C MET B 190 -22.90 1.13 -3.28
N ILE B 191 -22.19 1.96 -2.49
CA ILE B 191 -20.74 1.88 -2.43
C ILE B 191 -20.30 0.59 -1.75
N SER B 192 -21.07 0.13 -0.76
CA SER B 192 -20.74 -1.10 -0.05
C SER B 192 -20.88 -2.32 -0.96
N ARG B 193 -22.03 -2.44 -1.65
CA ARG B 193 -22.24 -3.62 -2.47
C ARG B 193 -21.46 -3.54 -3.78
N SER B 194 -20.91 -2.37 -4.12
CA SER B 194 -20.14 -2.29 -5.36
C SER B 194 -18.64 -2.28 -5.10
N LEU B 195 -18.23 -2.13 -3.84
CA LEU B 195 -16.80 -2.15 -3.51
C LEU B 195 -16.40 -3.15 -2.46
N GLY B 196 -17.33 -3.96 -1.95
CA GLY B 196 -17.02 -4.80 -0.83
C GLY B 196 -17.22 -4.00 0.44
N PRO B 197 -17.06 -4.64 1.61
CA PRO B 197 -17.22 -3.92 2.86
C PRO B 197 -16.06 -3.00 3.20
N GLU B 198 -14.92 -3.16 2.53
CA GLU B 198 -13.68 -2.59 3.02
C GLU B 198 -13.53 -1.13 2.64
N PHE B 199 -13.81 -0.80 1.38
CA PHE B 199 -13.94 0.61 1.03
C PHE B 199 -15.27 1.17 1.50
N GLY B 200 -16.27 0.33 1.71
CA GLY B 200 -17.56 0.80 2.17
C GLY B 200 -17.52 1.36 3.57
N GLY B 201 -16.78 0.71 4.47
CA GLY B 201 -16.62 1.25 5.81
C GLY B 201 -15.80 2.52 5.84
N ALA B 202 -14.72 2.57 5.08
CA ALA B 202 -13.85 3.75 5.07
C ALA B 202 -14.48 4.93 4.36
N VAL B 203 -15.43 4.70 3.46
CA VAL B 203 -16.18 5.81 2.86
C VAL B 203 -17.35 6.21 3.75
N GLY B 204 -18.03 5.24 4.36
CA GLY B 204 -19.18 5.55 5.20
C GLY B 204 -18.82 6.28 6.47
N LEU B 205 -17.69 5.93 7.08
CA LEU B 205 -17.28 6.63 8.30
C LEU B 205 -16.83 8.06 8.00
N CYS B 206 -16.12 8.26 6.89
CA CYS B 206 -15.72 9.61 6.53
C CYS B 206 -16.91 10.46 6.11
N PHE B 207 -17.90 9.88 5.43
CA PHE B 207 -19.09 10.62 5.08
C PHE B 207 -19.94 10.93 6.30
N TYR B 208 -19.97 10.02 7.27
CA TYR B 208 -20.65 10.29 8.53
C TYR B 208 -19.97 11.40 9.30
N LEU B 209 -18.64 11.37 9.40
CA LEU B 209 -17.92 12.44 10.07
C LEU B 209 -18.02 13.76 9.32
N GLY B 210 -18.27 13.72 8.01
CA GLY B 210 -18.54 14.95 7.29
C GLY B 210 -19.92 15.51 7.59
N THR B 211 -20.94 14.65 7.58
CA THR B 211 -22.29 15.14 7.80
C THR B 211 -22.54 15.53 9.25
N THR B 212 -21.85 14.90 10.20
CA THR B 212 -22.09 15.27 11.59
C THR B 212 -21.41 16.58 11.98
N PHE B 213 -20.47 17.06 11.17
CA PHE B 213 -19.98 18.42 11.28
C PHE B 213 -20.70 19.38 10.36
N ALA B 214 -21.37 18.89 9.32
CA ALA B 214 -22.34 19.72 8.61
C ALA B 214 -23.47 20.11 9.55
N GLY B 215 -23.89 19.18 10.40
CA GLY B 215 -24.87 19.46 11.43
C GLY B 215 -24.42 20.46 12.48
N ALA B 216 -23.10 20.73 12.55
CA ALA B 216 -22.58 21.80 13.39
C ALA B 216 -22.37 23.10 12.63
N MET B 217 -21.87 23.01 11.40
CA MET B 217 -21.58 24.21 10.62
C MET B 217 -22.85 24.92 10.20
N TYR B 218 -23.94 24.18 10.01
CA TYR B 218 -25.20 24.86 9.72
C TYR B 218 -25.95 25.27 10.96
N ILE B 219 -25.76 24.59 12.09
CA ILE B 219 -26.42 25.03 13.32
C ILE B 219 -25.67 26.21 13.94
N LEU B 220 -24.42 26.43 13.53
CA LEU B 220 -23.66 27.56 14.05
C LEU B 220 -23.88 28.81 13.21
N GLY B 221 -24.19 28.64 11.94
CA GLY B 221 -24.52 29.75 11.06
C GLY B 221 -25.98 30.06 10.96
N THR B 222 -26.85 29.34 11.68
CA THR B 222 -28.27 29.67 11.70
C THR B 222 -28.65 30.56 12.86
N ILE B 223 -27.74 30.80 13.81
CA ILE B 223 -27.99 31.77 14.87
C ILE B 223 -26.95 32.88 14.87
N GLU B 224 -26.06 32.92 13.87
CA GLU B 224 -25.38 34.16 13.55
C GLU B 224 -26.36 35.17 12.97
N ILE B 225 -27.39 34.68 12.28
CA ILE B 225 -28.43 35.53 11.71
C ILE B 225 -29.23 36.21 12.82
N LEU B 226 -29.44 35.51 13.93
CA LEU B 226 -30.15 36.12 15.05
C LEU B 226 -29.31 37.21 15.71
N LEU B 227 -28.01 36.98 15.82
CA LEU B 227 -27.14 37.90 16.56
C LEU B 227 -26.47 38.92 15.66
N ALA B 228 -26.77 38.96 14.37
CA ALA B 228 -26.13 39.94 13.52
C ALA B 228 -27.10 40.64 12.59
N TYR B 229 -28.23 40.01 12.27
CA TYR B 229 -29.12 40.59 11.28
C TYR B 229 -30.55 40.67 11.78
N LEU B 230 -30.94 39.74 12.63
CA LEU B 230 -32.21 39.84 13.35
C LEU B 230 -31.97 40.51 14.69
N PHE B 231 -32.94 40.44 15.59
CA PHE B 231 -32.87 41.14 16.87
C PHE B 231 -31.79 40.54 17.76
N PRO B 232 -30.80 41.33 18.21
CA PRO B 232 -29.75 40.78 19.05
C PRO B 232 -30.25 40.51 20.46
N ALA B 233 -29.95 39.31 20.97
CA ALA B 233 -30.30 38.88 22.30
C ALA B 233 -29.06 38.41 23.04
N MET B 234 -28.02 39.25 22.99
CA MET B 234 -26.67 38.85 23.36
C MET B 234 -26.54 38.61 24.86
N ALA B 235 -25.36 38.11 25.25
CA ALA B 235 -24.99 37.90 26.65
C ALA B 235 -23.72 38.69 26.91
N ILE B 236 -23.90 39.97 27.25
CA ILE B 236 -22.83 40.94 27.51
C ILE B 236 -21.82 41.06 26.37
N ALA B 242 -18.76 43.84 26.38
CA ALA B 242 -18.60 45.29 26.45
C ALA B 242 -17.14 45.66 26.72
N SER B 243 -16.78 46.90 26.34
CA SER B 243 -15.46 47.49 26.55
C SER B 243 -14.36 46.65 25.88
N GLY B 244 -14.41 46.64 24.54
CA GLY B 244 -13.50 45.90 23.66
C GLY B 244 -13.51 44.40 23.96
N GLU B 245 -14.69 43.81 23.76
CA GLU B 245 -14.94 42.39 23.98
C GLU B 245 -15.24 41.74 22.65
N ALA B 246 -14.24 41.10 22.05
CA ALA B 246 -14.41 40.35 20.82
C ALA B 246 -14.51 38.85 21.05
N ALA B 247 -14.14 38.37 22.24
CA ALA B 247 -14.32 36.98 22.61
C ALA B 247 -15.57 36.74 23.44
N ALA B 248 -16.27 37.81 23.82
CA ALA B 248 -17.57 37.62 24.47
C ALA B 248 -18.63 37.15 23.50
N MET B 249 -18.46 37.43 22.20
CA MET B 249 -19.36 36.92 21.18
C MET B 249 -19.21 35.41 21.03
N LEU B 250 -18.02 34.89 21.31
CA LEU B 250 -17.78 33.45 21.27
C LEU B 250 -18.61 32.72 22.33
N ASN B 251 -18.46 33.13 23.59
CA ASN B 251 -19.26 32.58 24.68
C ASN B 251 -20.73 32.94 24.55
N ASN B 252 -21.06 34.02 23.85
CA ASN B 252 -22.44 34.31 23.51
C ASN B 252 -23.00 33.25 22.59
N MET B 253 -22.25 32.89 21.55
CA MET B 253 -22.76 32.02 20.51
C MET B 253 -22.76 30.55 20.93
N ARG B 254 -21.90 30.18 21.89
CA ARG B 254 -21.86 28.79 22.38
C ARG B 254 -23.17 28.35 23.01
N VAL B 255 -23.74 29.20 23.88
CA VAL B 255 -24.91 28.78 24.65
C VAL B 255 -26.16 28.74 23.78
N TYR B 256 -26.32 29.70 22.86
CA TYR B 256 -27.46 29.69 21.96
C TYR B 256 -27.34 28.54 20.95
N GLY B 257 -26.12 28.23 20.52
CA GLY B 257 -25.92 27.10 19.63
C GLY B 257 -26.24 25.78 20.31
N THR B 258 -25.82 25.62 21.57
CA THR B 258 -26.13 24.39 22.31
C THR B 258 -27.64 24.27 22.55
N CYS B 259 -28.31 25.40 22.80
CA CYS B 259 -29.75 25.38 23.01
C CYS B 259 -30.50 24.97 21.75
N VAL B 260 -30.12 25.54 20.60
CA VAL B 260 -30.84 25.18 19.37
C VAL B 260 -30.42 23.79 18.88
N LEU B 261 -29.23 23.32 19.27
CA LEU B 261 -28.84 21.95 18.96
C LEU B 261 -29.68 20.95 19.73
N THR B 262 -29.91 21.21 21.03
CA THR B 262 -30.82 20.35 21.78
C THR B 262 -32.25 20.47 21.28
N CYS B 263 -32.63 21.65 20.80
CA CYS B 263 -33.97 21.86 20.24
C CYS B 263 -34.22 20.98 19.02
N MET B 264 -33.36 21.09 18.00
CA MET B 264 -33.59 20.29 16.81
C MET B 264 -32.92 18.93 16.88
N ALA B 265 -32.34 18.56 18.02
CA ALA B 265 -32.07 17.15 18.27
C ALA B 265 -33.24 16.50 18.98
N THR B 266 -34.05 17.28 19.69
CA THR B 266 -35.28 16.77 20.25
C THR B 266 -36.35 16.59 19.17
N VAL B 267 -36.52 17.60 18.32
CA VAL B 267 -37.60 17.57 17.35
C VAL B 267 -37.35 16.60 16.20
N VAL B 268 -36.12 16.07 16.09
CA VAL B 268 -35.86 15.04 15.10
C VAL B 268 -36.08 13.65 15.66
N PHE B 269 -35.98 13.47 16.98
CA PHE B 269 -36.19 12.16 17.59
C PHE B 269 -37.67 11.80 17.59
N VAL B 270 -38.51 12.72 18.06
CA VAL B 270 -39.96 12.55 18.04
C VAL B 270 -40.53 13.42 16.95
N GLY B 271 -41.48 12.89 16.19
CA GLY B 271 -42.10 13.64 15.12
C GLY B 271 -41.21 13.87 13.92
N VAL B 272 -40.65 12.80 13.37
CA VAL B 272 -39.90 12.91 12.11
C VAL B 272 -40.85 13.00 10.93
N LYS B 273 -42.13 12.69 11.13
CA LYS B 273 -43.14 12.96 10.10
C LYS B 273 -43.33 14.46 9.88
N TYR B 274 -42.99 15.28 10.87
CA TYR B 274 -43.05 16.73 10.70
C TYR B 274 -42.01 17.21 9.69
N VAL B 275 -40.76 16.72 9.80
CA VAL B 275 -39.75 17.12 8.84
C VAL B 275 -39.93 16.37 7.52
N ASN B 276 -40.63 15.23 7.54
CA ASN B 276 -41.18 14.67 6.31
C ASN B 276 -42.13 15.65 5.65
N LYS B 277 -42.99 16.31 6.42
CA LYS B 277 -44.00 17.19 5.85
C LYS B 277 -43.39 18.49 5.34
N PHE B 278 -42.46 19.08 6.10
CA PHE B 278 -41.86 20.36 5.74
C PHE B 278 -40.73 20.26 4.72
N ALA B 279 -40.65 19.15 3.98
CA ALA B 279 -39.49 18.91 3.12
C ALA B 279 -39.49 19.75 1.85
N LEU B 280 -40.60 20.39 1.52
CA LEU B 280 -40.69 21.13 0.26
C LEU B 280 -40.55 22.63 0.44
N VAL B 281 -40.93 23.17 1.60
CA VAL B 281 -40.82 24.62 1.81
C VAL B 281 -39.36 25.03 1.97
N PHE B 282 -38.50 24.10 2.40
CA PHE B 282 -37.08 24.38 2.51
C PHE B 282 -36.42 24.57 1.16
N LEU B 283 -36.99 24.02 0.09
CA LEU B 283 -36.50 24.27 -1.25
C LEU B 283 -36.95 25.62 -1.76
N GLY B 284 -38.19 26.00 -1.42
CA GLY B 284 -38.69 27.31 -1.80
C GLY B 284 -37.93 28.44 -1.13
N CYS B 285 -37.55 28.24 0.14
CA CYS B 285 -36.77 29.24 0.85
C CYS B 285 -35.36 29.42 0.28
N VAL B 286 -34.85 28.45 -0.46
CA VAL B 286 -33.61 28.65 -1.20
C VAL B 286 -33.89 29.36 -2.51
N ILE B 287 -34.86 28.83 -3.28
CA ILE B 287 -34.93 29.21 -4.68
C ILE B 287 -35.57 30.59 -4.86
N LEU B 288 -36.49 30.98 -3.96
CA LEU B 288 -37.06 32.31 -4.05
C LEU B 288 -36.04 33.37 -3.68
N SER B 289 -35.16 33.08 -2.71
CA SER B 289 -34.15 34.04 -2.31
C SER B 289 -33.08 34.20 -3.38
N ILE B 290 -32.68 33.10 -4.01
CA ILE B 290 -31.64 33.24 -5.04
C ILE B 290 -32.21 33.90 -6.29
N LEU B 291 -33.48 33.64 -6.64
CA LEU B 291 -34.09 34.39 -7.73
C LEU B 291 -34.32 35.84 -7.34
N ALA B 292 -34.51 36.12 -6.05
CA ALA B 292 -34.65 37.50 -5.59
C ALA B 292 -33.36 38.27 -5.75
N ILE B 293 -32.22 37.64 -5.48
CA ILE B 293 -30.99 38.41 -5.65
C ILE B 293 -30.59 38.51 -7.11
N TYR B 294 -31.00 37.54 -7.96
CA TYR B 294 -30.78 37.76 -9.39
C TYR B 294 -31.68 38.87 -9.93
N ALA B 295 -32.91 38.98 -9.43
CA ALA B 295 -33.78 40.10 -9.81
C ALA B 295 -33.25 41.42 -9.28
N GLY B 296 -32.63 41.41 -8.09
CA GLY B 296 -32.05 42.63 -7.56
C GLY B 296 -30.83 43.09 -8.33
N VAL B 297 -30.04 42.14 -8.85
CA VAL B 297 -28.95 42.54 -9.73
C VAL B 297 -29.50 43.02 -11.07
N ILE B 298 -30.58 42.40 -11.56
CA ILE B 298 -31.23 42.85 -12.79
C ILE B 298 -31.86 44.24 -12.64
N LYS B 299 -32.17 44.67 -11.41
CA LYS B 299 -32.60 46.05 -11.20
C LYS B 299 -31.44 47.02 -11.41
N SER B 300 -30.41 46.93 -10.55
CA SER B 300 -29.16 47.70 -10.61
C SER B 300 -29.42 49.22 -10.66
N ALA B 301 -30.24 49.70 -9.72
CA ALA B 301 -30.58 51.13 -9.72
C ALA B 301 -30.28 51.84 -8.41
N PHE B 302 -30.57 51.23 -7.26
CA PHE B 302 -30.56 51.94 -5.99
C PHE B 302 -29.44 51.41 -5.10
N ASP B 303 -29.25 52.10 -3.96
CA ASP B 303 -28.15 51.80 -3.05
C ASP B 303 -28.42 52.37 -1.67
N PRO B 304 -28.22 51.58 -0.61
CA PRO B 304 -28.05 52.16 0.73
C PRO B 304 -26.62 52.65 0.91
N PRO B 305 -26.42 53.95 1.12
CA PRO B 305 -25.06 54.50 1.16
C PRO B 305 -24.38 54.29 2.50
N ASN B 306 -23.06 54.37 2.46
CA ASN B 306 -22.21 54.26 3.64
C ASN B 306 -21.59 55.61 3.99
N PHE B 307 -20.71 55.61 4.98
CA PHE B 307 -20.04 56.82 5.46
C PHE B 307 -18.61 56.47 5.82
N PRO B 308 -17.66 57.10 5.15
CA PRO B 308 -16.26 56.75 5.30
C PRO B 308 -15.45 57.91 5.86
N ILE B 309 -14.26 57.59 6.34
CA ILE B 309 -13.24 58.56 6.71
C ILE B 309 -12.35 58.82 5.50
N CYS B 310 -11.16 59.39 5.70
CA CYS B 310 -10.24 59.66 4.60
C CYS B 310 -9.83 58.39 3.87
N LEU B 311 -9.33 57.40 4.60
CA LEU B 311 -9.00 56.11 4.00
C LEU B 311 -9.41 54.99 4.94
N LEU B 312 -10.53 55.17 5.65
CA LEU B 312 -11.01 54.15 6.58
C LEU B 312 -12.44 53.75 6.24
N GLY B 313 -13.07 52.97 7.10
CA GLY B 313 -14.41 52.45 6.83
C GLY B 313 -15.49 53.10 7.68
N ASN B 314 -15.21 53.37 8.97
CA ASN B 314 -16.08 54.11 9.89
C ASN B 314 -17.45 53.44 10.03
N ARG B 315 -17.42 52.27 10.69
CA ARG B 315 -18.59 51.42 10.86
C ARG B 315 -19.76 52.13 11.55
N THR B 316 -20.83 52.34 10.79
CA THR B 316 -21.89 53.27 11.16
C THR B 316 -23.00 52.55 11.95
N LEU B 317 -22.63 52.01 13.11
CA LEU B 317 -23.61 51.42 14.00
C LEU B 317 -24.45 52.51 14.67
N SER B 318 -23.80 53.39 15.43
CA SER B 318 -24.48 54.47 16.12
C SER B 318 -24.18 55.85 15.56
N ARG B 319 -23.19 55.97 14.67
CA ARG B 319 -22.84 57.26 14.07
C ARG B 319 -23.80 57.56 12.93
N HIS B 320 -25.03 57.94 13.31
CA HIS B 320 -26.10 58.23 12.36
C HIS B 320 -26.17 59.71 12.00
N GLY B 321 -25.05 60.43 12.07
CA GLY B 321 -25.02 61.84 11.74
C GLY B 321 -24.74 62.10 10.27
N PHE B 322 -24.68 61.04 9.46
CA PHE B 322 -24.53 61.08 8.01
C PHE B 322 -23.25 61.79 7.57
N ASP B 323 -22.12 61.23 8.00
CA ASP B 323 -20.78 61.49 7.46
C ASP B 323 -20.31 62.93 7.65
N VAL B 324 -20.92 63.69 8.55
CA VAL B 324 -20.56 65.08 8.75
C VAL B 324 -20.18 65.30 10.21
N CYS B 325 -19.15 66.13 10.42
CA CYS B 325 -18.73 66.45 11.78
C CYS B 325 -19.74 67.36 12.46
N ALA B 326 -20.20 68.39 11.76
CA ALA B 326 -21.14 69.36 12.32
C ALA B 326 -21.87 70.04 11.17
N LYS B 327 -23.19 69.90 11.12
CA LYS B 327 -23.97 70.52 10.04
C LYS B 327 -25.38 70.79 10.55
N LEU B 328 -25.63 72.03 10.99
CA LEU B 328 -26.95 72.55 11.33
C LEU B 328 -26.84 74.06 11.37
N ALA B 329 -27.85 74.73 11.95
CA ALA B 329 -27.76 76.17 12.19
C ALA B 329 -26.64 76.49 13.18
N TRP B 330 -26.43 75.62 14.16
CA TRP B 330 -25.25 75.64 15.02
C TRP B 330 -24.50 74.33 14.82
N GLU B 331 -23.28 74.27 15.36
CA GLU B 331 -22.48 73.06 15.19
C GLU B 331 -23.00 71.94 16.08
N GLY B 332 -22.59 70.71 15.75
CA GLY B 332 -22.94 69.52 16.51
C GLY B 332 -21.65 68.76 16.83
N ASN B 333 -21.78 67.76 17.70
CA ASN B 333 -20.59 67.09 18.21
C ASN B 333 -20.09 66.00 17.26
N GLU B 334 -20.89 64.93 17.09
CA GLU B 334 -20.49 63.68 16.43
C GLU B 334 -19.12 63.20 16.92
N THR B 335 -19.07 62.89 18.23
CA THR B 335 -17.82 62.87 18.98
C THR B 335 -16.90 61.71 18.61
N VAL B 336 -17.41 60.70 17.90
CA VAL B 336 -16.66 59.52 17.44
C VAL B 336 -15.96 58.77 18.57
N ILE B 366 -12.54 63.83 12.25
CA ILE B 366 -11.63 63.94 13.38
C ILE B 366 -10.20 64.19 12.94
N GLN B 367 -9.62 63.24 12.20
CA GLN B 367 -8.23 63.38 11.79
C GLN B 367 -8.10 64.23 10.52
N GLY B 368 -8.66 63.75 9.41
CA GLY B 368 -8.50 64.46 8.14
C GLY B 368 -9.83 64.94 7.56
N ILE B 369 -10.77 64.04 7.26
CA ILE B 369 -11.99 64.38 6.54
C ILE B 369 -12.97 63.22 6.69
N PRO B 370 -14.16 63.39 6.11
CA PRO B 370 -15.19 62.35 6.15
C PRO B 370 -16.08 62.52 4.92
N GLY B 371 -15.86 61.68 3.91
CA GLY B 371 -16.67 61.67 2.70
C GLY B 371 -17.76 60.61 2.80
N ALA B 372 -18.65 60.61 1.81
CA ALA B 372 -19.80 59.69 1.79
C ALA B 372 -19.99 59.17 0.37
N ALA B 373 -19.39 58.03 0.07
CA ALA B 373 -19.58 57.37 -1.21
C ALA B 373 -20.86 56.55 -1.20
N SER B 374 -21.15 55.90 -2.32
CA SER B 374 -22.27 54.96 -2.43
C SER B 374 -21.69 53.61 -2.83
N GLY B 375 -21.92 52.61 -1.98
CA GLY B 375 -21.23 51.33 -2.15
C GLY B 375 -21.80 50.51 -3.29
N LEU B 376 -23.13 50.34 -3.31
CA LEU B 376 -23.77 49.43 -4.27
C LEU B 376 -23.80 50.10 -5.65
N ILE B 377 -22.67 50.04 -6.33
CA ILE B 377 -22.57 50.55 -7.68
C ILE B 377 -23.16 49.54 -8.67
N LYS B 378 -23.30 49.98 -9.92
CA LYS B 378 -23.77 49.08 -10.98
C LYS B 378 -22.99 49.19 -12.29
N GLU B 379 -22.29 50.29 -12.55
CA GLU B 379 -21.68 50.51 -13.85
C GLU B 379 -20.39 49.72 -14.01
N ASN B 380 -19.40 50.01 -13.17
CA ASN B 380 -18.11 49.35 -13.28
C ASN B 380 -17.47 49.27 -11.91
N LEU B 381 -16.79 48.16 -11.63
CA LEU B 381 -16.06 47.99 -10.39
C LEU B 381 -14.56 47.84 -10.60
N TRP B 382 -14.15 46.89 -11.46
CA TRP B 382 -12.76 46.48 -11.68
C TRP B 382 -12.05 46.19 -10.36
N SER B 383 -12.60 45.24 -9.62
CA SER B 383 -12.08 44.80 -8.32
C SER B 383 -11.26 43.52 -8.45
N SER B 384 -10.49 43.40 -9.53
CA SER B 384 -9.83 42.16 -9.89
C SER B 384 -8.48 41.97 -9.22
N TYR B 385 -8.26 42.59 -8.07
CA TYR B 385 -7.01 42.46 -7.34
C TYR B 385 -7.26 41.83 -5.98
N LEU B 386 -6.24 41.15 -5.45
CA LEU B 386 -6.33 40.48 -4.16
C LEU B 386 -5.89 41.42 -3.05
N THR B 387 -6.79 41.73 -2.13
CA THR B 387 -6.54 42.64 -1.02
C THR B 387 -6.71 41.87 0.28
N LYS B 388 -5.63 41.26 0.76
CA LYS B 388 -5.68 40.35 1.90
C LYS B 388 -5.31 41.12 3.18
N GLY B 389 -6.32 41.57 3.91
CA GLY B 389 -6.09 42.22 5.19
C GLY B 389 -5.64 41.22 6.24
N VAL B 390 -4.98 41.72 7.28
CA VAL B 390 -4.50 40.87 8.39
C VAL B 390 -4.71 41.60 9.71
N ILE B 391 -5.89 41.41 10.31
CA ILE B 391 -6.28 41.92 11.64
C ILE B 391 -6.15 43.44 11.76
N VAL B 392 -6.34 44.17 10.66
CA VAL B 392 -6.16 45.61 10.62
C VAL B 392 -7.47 46.28 10.22
N GLU B 393 -7.41 47.59 10.01
CA GLU B 393 -8.58 48.35 9.61
C GLU B 393 -8.74 48.30 8.09
N ARG B 394 -10.00 48.37 7.64
CA ARG B 394 -10.29 48.36 6.22
C ARG B 394 -9.94 49.72 5.61
N ARG B 395 -9.71 49.71 4.30
CA ARG B 395 -9.23 50.91 3.63
C ARG B 395 -9.62 50.86 2.16
N GLY B 396 -10.31 51.90 1.69
CA GLY B 396 -10.62 52.01 0.28
C GLY B 396 -9.35 52.34 -0.52
N MET B 397 -9.32 51.88 -1.76
CA MET B 397 -8.14 52.04 -2.61
C MET B 397 -8.07 53.48 -3.11
N PRO B 398 -7.25 54.29 -2.43
CA PRO B 398 -6.90 55.66 -2.81
C PRO B 398 -8.13 56.57 -2.92
N SER B 399 -8.79 56.79 -1.79
CA SER B 399 -9.98 57.63 -1.79
C SER B 399 -9.61 59.11 -1.87
N VAL B 400 -8.98 59.65 -0.83
CA VAL B 400 -8.44 60.99 -0.90
C VAL B 400 -6.93 61.03 -0.66
N GLY B 401 -6.48 60.61 0.52
CA GLY B 401 -5.11 60.79 0.98
C GLY B 401 -4.95 60.07 2.32
N LEU B 402 -3.75 60.14 2.87
CA LEU B 402 -3.44 59.63 4.20
C LEU B 402 -2.28 60.43 4.76
N ALA B 403 -2.40 60.89 6.00
CA ALA B 403 -1.37 61.78 6.56
C ALA B 403 -1.26 61.55 8.07
N ASP B 404 -0.34 60.66 8.45
CA ASP B 404 0.08 60.38 9.82
C ASP B 404 1.32 59.49 9.78
N GLY B 405 2.15 59.60 10.81
CA GLY B 405 3.23 58.63 11.02
C GLY B 405 3.47 58.53 12.53
N THR B 406 2.78 57.59 13.15
CA THR B 406 2.82 57.35 14.60
C THR B 406 2.13 56.01 14.85
N PRO B 407 1.89 55.71 16.13
CA PRO B 407 1.11 54.53 16.49
C PRO B 407 -0.38 54.82 16.31
N VAL B 408 -1.13 53.78 15.93
CA VAL B 408 -2.55 53.89 15.65
C VAL B 408 -3.30 52.74 16.30
N ASP B 409 -3.05 52.53 17.59
CA ASP B 409 -3.60 51.41 18.33
C ASP B 409 -4.88 51.76 19.08
N MET B 410 -5.70 52.66 18.53
CA MET B 410 -6.92 53.05 19.18
C MET B 410 -8.01 51.99 18.97
N ASP B 411 -9.12 52.15 19.71
CA ASP B 411 -10.31 51.33 19.53
C ASP B 411 -11.49 52.30 19.42
N HIS B 412 -11.73 52.78 18.21
CA HIS B 412 -12.75 53.78 17.94
C HIS B 412 -13.76 53.21 16.95
N PRO B 413 -14.65 54.09 16.47
CA PRO B 413 -15.72 53.68 15.56
C PRO B 413 -15.13 53.44 14.18
N TYR B 414 -14.59 52.24 13.98
CA TYR B 414 -14.01 51.83 12.72
C TYR B 414 -14.23 50.35 12.53
N VAL B 415 -14.30 49.92 11.26
CA VAL B 415 -14.56 48.52 10.92
C VAL B 415 -13.23 47.80 10.72
N PHE B 416 -12.90 46.90 11.64
CA PHE B 416 -11.66 46.15 11.60
C PHE B 416 -11.86 44.84 10.84
N SER B 417 -10.76 44.14 10.60
CA SER B 417 -10.77 42.82 9.99
C SER B 417 -10.48 41.76 11.04
N ASP B 418 -11.08 40.58 10.86
CA ASP B 418 -11.06 39.56 11.90
C ASP B 418 -9.71 38.86 11.98
N MET B 419 -9.31 38.17 10.91
CA MET B 419 -8.07 37.41 10.92
C MET B 419 -7.40 37.54 9.56
N THR B 420 -6.20 36.97 9.46
CA THR B 420 -5.48 36.94 8.19
C THR B 420 -6.23 36.08 7.17
N SER B 421 -6.06 36.43 5.91
CA SER B 421 -6.94 35.94 4.86
C SER B 421 -6.16 35.48 3.64
N TYR B 422 -5.14 34.65 3.86
CA TYR B 422 -4.39 34.11 2.74
C TYR B 422 -5.18 33.01 2.03
N PHE B 423 -4.61 32.48 0.95
CA PHE B 423 -5.39 31.74 -0.04
C PHE B 423 -5.80 30.36 0.46
N THR B 424 -4.85 29.60 1.00
CA THR B 424 -5.14 28.24 1.43
C THR B 424 -5.98 28.22 2.70
N LEU B 425 -6.01 29.32 3.45
CA LEU B 425 -7.00 29.45 4.51
C LEU B 425 -8.38 29.71 3.95
N LEU B 426 -8.47 30.23 2.74
CA LEU B 426 -9.77 30.64 2.21
C LEU B 426 -10.43 29.55 1.37
N VAL B 427 -9.64 28.69 0.73
CA VAL B 427 -10.22 27.59 -0.03
C VAL B 427 -10.86 26.57 0.90
N GLY B 428 -10.33 26.41 2.11
CA GLY B 428 -10.93 25.55 3.10
C GLY B 428 -12.13 26.11 3.80
N ILE B 429 -12.49 27.35 3.50
CA ILE B 429 -13.71 27.97 4.02
C ILE B 429 -14.72 27.95 2.88
N TYR B 430 -14.23 28.02 1.64
CA TYR B 430 -15.16 27.94 0.52
C TYR B 430 -15.63 26.52 0.24
N PHE B 431 -14.78 25.52 0.42
CA PHE B 431 -15.13 24.14 0.02
C PHE B 431 -16.39 23.53 0.62
N PRO B 432 -16.87 23.86 1.86
CA PRO B 432 -18.15 23.26 2.29
C PRO B 432 -19.42 23.71 1.56
N SER B 433 -19.30 24.46 0.47
CA SER B 433 -20.45 24.86 -0.32
C SER B 433 -20.58 24.10 -1.63
N VAL B 434 -19.69 23.13 -1.89
CA VAL B 434 -19.81 22.27 -3.05
C VAL B 434 -19.92 20.80 -2.65
N THR B 435 -20.35 20.54 -1.43
CA THR B 435 -20.40 19.19 -0.89
C THR B 435 -21.83 18.70 -0.78
N GLY B 436 -22.01 17.40 -0.97
CA GLY B 436 -23.30 16.77 -0.77
C GLY B 436 -23.82 16.10 -2.02
N ILE B 437 -22.93 15.74 -2.94
CA ILE B 437 -23.39 15.17 -4.19
C ILE B 437 -23.78 13.70 -4.05
N MET B 438 -23.15 12.97 -3.14
CA MET B 438 -23.58 11.59 -2.90
C MET B 438 -24.86 11.50 -2.10
N ALA B 439 -25.32 12.61 -1.54
CA ALA B 439 -26.68 12.70 -1.03
C ALA B 439 -27.65 13.10 -2.12
N GLY B 440 -27.18 13.22 -3.35
CA GLY B 440 -28.01 13.33 -4.52
C GLY B 440 -28.33 12.01 -5.17
N SER B 441 -27.91 10.91 -4.56
CA SER B 441 -28.31 9.57 -4.98
C SER B 441 -28.86 8.77 -3.80
N ASN B 442 -29.21 9.45 -2.70
CA ASN B 442 -29.73 8.75 -1.53
C ASN B 442 -31.13 8.21 -1.73
N ARG B 443 -31.80 8.68 -2.77
CA ARG B 443 -33.13 8.18 -3.12
C ARG B 443 -33.09 7.02 -4.11
N SER B 444 -32.54 5.88 -3.71
CA SER B 444 -32.50 4.69 -4.55
C SER B 444 -33.79 3.92 -4.36
N GLY B 445 -34.03 2.96 -5.23
CA GLY B 445 -35.23 2.13 -5.12
C GLY B 445 -36.54 2.80 -5.50
N ASP B 446 -36.82 3.97 -4.92
CA ASP B 446 -38.01 4.75 -5.22
C ASP B 446 -37.97 5.40 -6.60
N LEU B 447 -36.83 5.36 -7.28
CA LEU B 447 -36.79 5.69 -8.69
C LEU B 447 -37.39 4.55 -9.51
N ARG B 448 -37.69 4.83 -10.77
CA ARG B 448 -38.15 3.77 -11.65
C ARG B 448 -37.03 3.17 -12.49
N ASP B 449 -36.00 3.96 -12.84
CA ASP B 449 -34.90 3.46 -13.65
C ASP B 449 -33.65 3.24 -12.82
N ALA B 450 -33.18 4.29 -12.13
CA ALA B 450 -32.08 4.32 -11.18
C ALA B 450 -30.72 3.97 -11.79
N GLN B 451 -30.63 3.78 -13.09
CA GLN B 451 -29.34 3.62 -13.76
C GLN B 451 -29.07 4.69 -14.79
N LYS B 452 -30.07 5.50 -15.14
CA LYS B 452 -29.85 6.74 -15.85
C LYS B 452 -30.18 7.97 -15.02
N SER B 453 -31.08 7.85 -14.02
CA SER B 453 -31.46 9.01 -13.23
C SER B 453 -30.35 9.44 -12.28
N ILE B 454 -29.52 8.51 -11.82
CA ILE B 454 -28.41 8.84 -10.92
C ILE B 454 -27.32 9.62 -11.64
N PRO B 455 -26.83 9.25 -12.87
CA PRO B 455 -25.87 10.14 -13.52
C PRO B 455 -26.45 11.46 -14.01
N THR B 456 -27.59 11.44 -14.72
CA THR B 456 -28.08 12.68 -15.30
C THR B 456 -28.79 13.56 -14.29
N GLY B 457 -29.10 13.05 -13.11
CA GLY B 457 -29.65 13.85 -12.03
C GLY B 457 -28.61 14.31 -11.03
N THR B 458 -27.33 14.09 -11.32
CA THR B 458 -26.23 14.60 -10.51
C THR B 458 -25.28 15.47 -11.31
N ILE B 459 -24.93 15.08 -12.53
CA ILE B 459 -24.04 15.87 -13.36
C ILE B 459 -24.72 17.16 -13.79
N LEU B 460 -25.99 17.08 -14.17
CA LEU B 460 -26.77 18.29 -14.40
C LEU B 460 -26.96 19.07 -13.10
N ALA B 461 -27.15 18.36 -11.98
CA ALA B 461 -27.37 19.02 -10.71
C ALA B 461 -26.10 19.59 -10.12
N ILE B 462 -24.94 19.27 -10.67
CA ILE B 462 -23.70 19.87 -10.20
C ILE B 462 -23.33 20.98 -11.17
N ALA B 463 -23.78 20.85 -12.43
CA ALA B 463 -23.51 21.88 -13.41
C ALA B 463 -24.39 23.10 -13.19
N THR B 464 -25.64 22.88 -12.78
CA THR B 464 -26.57 23.96 -12.50
C THR B 464 -26.23 24.73 -11.23
N THR B 465 -25.32 24.22 -10.40
CA THR B 465 -24.85 24.96 -9.25
C THR B 465 -23.48 25.56 -9.49
N SER B 466 -22.63 24.87 -10.25
CA SER B 466 -21.38 25.46 -10.71
C SER B 466 -21.63 26.69 -11.55
N ALA B 467 -22.69 26.67 -12.36
CA ALA B 467 -23.07 27.86 -13.12
C ALA B 467 -23.44 29.02 -12.20
N VAL B 468 -24.09 28.72 -11.08
CA VAL B 468 -24.45 29.76 -10.12
C VAL B 468 -23.20 30.31 -9.44
N TYR B 469 -22.32 29.42 -8.96
CA TYR B 469 -21.12 29.87 -8.25
C TYR B 469 -20.11 30.55 -9.16
N ILE B 470 -20.16 30.31 -10.46
CA ILE B 470 -19.25 30.99 -11.39
C ILE B 470 -19.86 32.29 -11.91
N SER B 471 -21.16 32.33 -12.19
CA SER B 471 -21.76 33.58 -12.64
C SER B 471 -21.89 34.58 -11.50
N SER B 472 -22.13 34.11 -10.28
CA SER B 472 -22.32 35.03 -9.17
C SER B 472 -21.01 35.63 -8.68
N VAL B 473 -19.89 34.92 -8.84
CA VAL B 473 -18.63 35.43 -8.31
C VAL B 473 -18.14 36.59 -9.17
N VAL B 474 -18.46 36.61 -10.47
CA VAL B 474 -18.16 37.79 -11.28
C VAL B 474 -19.34 38.74 -11.34
N LEU B 475 -20.53 38.30 -10.93
CA LEU B 475 -21.71 39.15 -10.87
C LEU B 475 -21.82 39.88 -9.54
N PHE B 476 -20.90 39.62 -8.61
CA PHE B 476 -20.65 40.56 -7.51
C PHE B 476 -19.54 41.53 -7.83
N GLY B 477 -19.37 41.89 -9.10
CA GLY B 477 -18.56 43.03 -9.47
C GLY B 477 -19.40 44.28 -9.58
N ALA B 478 -20.24 44.50 -8.58
CA ALA B 478 -21.12 45.64 -8.44
C ALA B 478 -20.96 46.33 -7.09
N CYS B 479 -20.71 45.58 -6.03
CA CYS B 479 -20.54 46.18 -4.72
C CYS B 479 -19.13 46.72 -4.56
N ILE B 480 -18.94 47.55 -3.54
CA ILE B 480 -17.66 48.19 -3.25
C ILE B 480 -17.35 48.00 -1.78
N GLU B 481 -16.15 47.50 -1.48
CA GLU B 481 -15.68 47.16 -0.14
C GLU B 481 -16.66 46.23 0.57
N GLY B 482 -16.85 45.06 -0.03
CA GLY B 482 -17.57 43.97 0.61
C GLY B 482 -16.61 43.05 1.32
N VAL B 483 -15.72 43.63 2.11
CA VAL B 483 -14.64 42.91 2.78
C VAL B 483 -15.01 42.87 4.25
N VAL B 484 -15.90 43.78 4.65
CA VAL B 484 -16.47 43.75 5.99
C VAL B 484 -17.36 42.52 6.13
N LEU B 485 -17.07 41.68 7.11
CA LEU B 485 -17.76 40.40 7.22
C LEU B 485 -19.15 40.58 7.83
N ARG B 486 -19.24 41.24 8.98
CA ARG B 486 -20.49 41.26 9.72
C ARG B 486 -21.50 42.23 9.11
N ASP B 487 -21.21 43.53 9.15
CA ASP B 487 -22.23 44.52 8.83
C ASP B 487 -21.62 45.90 8.62
N LYS B 488 -22.16 46.62 7.65
CA LYS B 488 -22.08 48.07 7.56
C LYS B 488 -23.51 48.56 7.36
N PHE B 489 -24.09 49.15 8.42
CA PHE B 489 -25.51 49.49 8.53
C PHE B 489 -26.42 48.27 8.40
N GLY B 490 -25.94 47.11 8.88
CA GLY B 490 -26.75 45.94 9.25
C GLY B 490 -27.55 45.37 8.08
N GLU B 491 -26.81 44.83 7.11
CA GLU B 491 -27.43 44.11 6.00
C GLU B 491 -26.43 43.11 5.44
N ALA B 492 -26.91 41.93 5.06
CA ALA B 492 -26.01 40.88 4.61
C ALA B 492 -25.61 41.05 3.14
N VAL B 493 -26.57 40.96 2.23
CA VAL B 493 -26.30 41.05 0.80
C VAL B 493 -26.77 42.37 0.21
N ASN B 494 -28.01 42.78 0.53
CA ASN B 494 -28.59 44.09 0.20
C ASN B 494 -28.62 44.35 -1.30
N GLY B 495 -28.84 43.32 -2.10
CA GLY B 495 -28.89 43.43 -3.55
C GLY B 495 -30.09 42.67 -4.10
N ASN B 496 -31.25 42.86 -3.50
CA ASN B 496 -32.44 42.12 -3.89
C ASN B 496 -33.68 42.99 -3.69
N LEU B 497 -34.79 42.55 -4.26
CA LEU B 497 -36.05 43.27 -4.14
C LEU B 497 -36.66 43.11 -2.76
N TRP B 508 -33.88 42.14 2.01
CA TRP B 508 -34.49 41.85 3.30
C TRP B 508 -35.29 40.55 3.22
N VAL B 509 -35.57 40.10 2.00
CA VAL B 509 -36.13 38.77 1.81
C VAL B 509 -35.08 37.72 2.13
N ILE B 510 -33.81 37.99 1.80
CA ILE B 510 -32.76 37.00 1.91
C ILE B 510 -32.38 36.76 3.38
N VAL B 511 -32.58 37.74 4.26
CA VAL B 511 -32.20 37.54 5.65
C VAL B 511 -33.23 36.73 6.43
N ILE B 512 -34.34 36.34 5.81
CA ILE B 512 -35.20 35.32 6.37
C ILE B 512 -35.32 34.10 5.47
N GLY B 513 -35.10 34.23 4.17
CA GLY B 513 -35.02 33.06 3.31
C GLY B 513 -33.76 32.25 3.54
N SER B 514 -32.70 32.90 3.99
CA SER B 514 -31.45 32.23 4.33
C SER B 514 -31.42 31.78 5.78
N PHE B 515 -32.56 31.86 6.48
CA PHE B 515 -32.70 31.32 7.82
C PHE B 515 -33.34 29.94 7.81
N PHE B 516 -34.48 29.81 7.14
CA PHE B 516 -35.14 28.52 7.04
C PHE B 516 -34.34 27.56 6.19
N SER B 517 -33.61 28.07 5.19
CA SER B 517 -32.72 27.24 4.39
C SER B 517 -31.60 26.65 5.25
N THR B 518 -30.99 27.46 6.09
CA THR B 518 -29.90 26.97 6.93
C THR B 518 -30.43 26.06 8.03
N CYS B 519 -31.64 26.34 8.54
CA CYS B 519 -32.28 25.47 9.51
C CYS B 519 -32.59 24.10 8.91
N GLY B 520 -33.11 24.10 7.67
CA GLY B 520 -33.40 22.84 7.01
C GLY B 520 -32.16 22.06 6.62
N ALA B 521 -31.11 22.75 6.20
CA ALA B 521 -29.86 22.08 5.87
C ALA B 521 -29.07 21.68 7.10
N GLY B 522 -29.40 22.20 8.27
CA GLY B 522 -28.85 21.68 9.50
C GLY B 522 -29.69 20.62 10.15
N LEU B 523 -30.95 20.50 9.74
CA LEU B 523 -31.82 19.45 10.23
C LEU B 523 -31.79 18.20 9.35
N GLN B 524 -31.56 18.37 8.05
CA GLN B 524 -31.33 17.23 7.17
C GLN B 524 -30.06 16.47 7.55
N SER B 525 -29.00 17.21 7.89
CA SER B 525 -27.76 16.60 8.32
C SER B 525 -27.82 16.04 9.74
N LEU B 526 -28.95 16.17 10.41
CA LEU B 526 -29.06 15.63 11.75
C LEU B 526 -29.73 14.26 11.66
N THR B 527 -30.84 14.21 10.94
CA THR B 527 -31.57 12.96 10.74
C THR B 527 -30.76 11.97 9.91
N GLY B 528 -30.12 12.48 8.87
CA GLY B 528 -29.32 11.66 7.97
C GLY B 528 -28.11 10.99 8.58
N ALA B 529 -27.40 11.69 9.44
CA ALA B 529 -26.21 11.17 10.08
C ALA B 529 -26.45 9.95 11.00
N PRO B 530 -27.47 9.90 11.89
CA PRO B 530 -27.64 8.68 12.68
C PRO B 530 -28.11 7.50 11.85
N ARG B 531 -28.87 7.77 10.78
CA ARG B 531 -29.36 6.73 9.89
C ARG B 531 -28.22 6.09 9.10
N LEU B 532 -27.08 6.77 9.02
CA LEU B 532 -25.90 6.18 8.41
C LEU B 532 -25.14 5.30 9.38
N LEU B 533 -25.06 5.70 10.66
CA LEU B 533 -24.49 4.82 11.67
C LEU B 533 -25.31 3.56 11.84
N GLN B 534 -26.63 3.65 11.71
CA GLN B 534 -27.45 2.45 11.73
C GLN B 534 -27.12 1.52 10.56
N ALA B 535 -26.88 2.08 9.37
CA ALA B 535 -26.52 1.27 8.22
C ALA B 535 -25.13 0.68 8.30
N ILE B 536 -24.19 1.36 8.94
CA ILE B 536 -22.86 0.79 9.12
C ILE B 536 -22.87 -0.26 10.22
N SER B 537 -23.61 -0.01 11.28
CA SER B 537 -23.60 -0.90 12.44
C SER B 537 -24.43 -2.14 12.19
N ARG B 538 -25.44 -2.03 11.34
CA ARG B 538 -26.30 -3.17 11.03
C ARG B 538 -25.57 -4.30 10.32
N ASP B 539 -24.66 -3.95 9.43
CA ASP B 539 -23.99 -4.93 8.59
C ASP B 539 -23.01 -5.79 9.38
N GLY B 540 -22.61 -5.33 10.56
CA GLY B 540 -21.57 -6.00 11.31
C GLY B 540 -20.20 -5.87 10.69
N ILE B 541 -19.98 -4.84 9.87
CA ILE B 541 -18.68 -4.57 9.27
C ILE B 541 -17.68 -4.20 10.35
N VAL B 542 -18.10 -3.38 11.29
CA VAL B 542 -17.28 -3.00 12.45
C VAL B 542 -17.85 -3.70 13.66
N PRO B 543 -17.05 -4.43 14.43
CA PRO B 543 -17.61 -5.24 15.52
C PRO B 543 -17.94 -4.47 16.79
N PHE B 544 -17.19 -3.41 17.10
CA PHE B 544 -17.53 -2.63 18.29
C PHE B 544 -18.63 -1.61 18.02
N LEU B 545 -19.14 -1.53 16.80
CA LEU B 545 -20.36 -0.80 16.50
C LEU B 545 -21.56 -1.73 16.62
N GLN B 546 -21.69 -2.35 17.79
CA GLN B 546 -22.78 -3.27 18.05
C GLN B 546 -23.99 -2.56 18.64
N VAL B 547 -23.76 -1.55 19.47
CA VAL B 547 -24.84 -0.90 20.21
C VAL B 547 -25.70 -0.05 19.28
N PHE B 548 -25.11 0.48 18.21
CA PHE B 548 -25.71 1.56 17.43
C PHE B 548 -26.60 1.06 16.31
N GLY B 549 -27.19 -0.11 16.46
CA GLY B 549 -28.22 -0.56 15.54
C GLY B 549 -29.49 -0.87 16.29
N HIS B 550 -29.80 -0.07 17.30
CA HIS B 550 -30.92 -0.39 18.19
C HIS B 550 -32.25 -0.05 17.56
N GLY B 551 -32.52 1.24 17.35
CA GLY B 551 -33.79 1.65 16.79
C GLY B 551 -34.97 1.55 17.74
N LYS B 552 -36.11 2.13 17.35
CA LYS B 552 -37.35 2.02 18.15
C LYS B 552 -38.47 1.56 17.22
N ALA B 553 -38.51 0.24 17.00
CA ALA B 553 -39.62 -0.55 16.47
C ALA B 553 -39.97 -0.30 15.00
N ASN B 554 -39.48 0.78 14.41
CA ASN B 554 -39.53 0.98 12.95
C ASN B 554 -38.44 1.99 12.61
N GLY B 555 -37.26 1.50 12.24
CA GLY B 555 -36.14 2.38 11.95
C GLY B 555 -35.76 3.19 13.17
N GLU B 556 -35.62 4.51 12.98
CA GLU B 556 -35.51 5.54 14.01
C GLU B 556 -34.33 5.28 14.95
N PRO B 557 -33.09 5.49 14.49
CA PRO B 557 -31.93 5.21 15.35
C PRO B 557 -31.87 6.14 16.55
N THR B 558 -31.48 5.56 17.69
CA THR B 558 -31.56 6.23 18.98
C THR B 558 -30.18 6.51 19.57
N TRP B 559 -29.34 5.49 19.74
CA TRP B 559 -28.02 5.70 20.29
C TRP B 559 -27.11 6.42 19.31
N ALA B 560 -27.33 6.20 18.01
CA ALA B 560 -26.58 6.91 16.99
C ALA B 560 -26.89 8.40 17.02
N LEU B 561 -28.13 8.77 17.36
CA LEU B 561 -28.46 10.19 17.51
C LEU B 561 -27.78 10.79 18.72
N LEU B 562 -27.62 10.00 19.79
CA LEU B 562 -26.88 10.45 20.95
C LEU B 562 -25.41 10.70 20.61
N LEU B 563 -24.79 9.77 19.87
CA LEU B 563 -23.38 9.94 19.54
C LEU B 563 -23.18 11.08 18.54
N THR B 564 -24.09 11.25 17.58
CA THR B 564 -23.91 12.38 16.68
C THR B 564 -24.22 13.70 17.35
N ALA B 565 -25.05 13.70 18.41
CA ALA B 565 -25.24 14.91 19.20
C ALA B 565 -23.97 15.23 19.98
N CYS B 566 -23.29 14.21 20.50
CA CYS B 566 -22.05 14.48 21.24
C CYS B 566 -20.92 14.92 20.32
N ILE B 567 -20.75 14.26 19.16
CA ILE B 567 -19.65 14.64 18.28
C ILE B 567 -20.02 15.79 17.35
N CYS B 568 -21.25 16.30 17.45
CA CYS B 568 -21.57 17.61 16.94
C CYS B 568 -21.38 18.69 18.01
N GLU B 569 -21.59 18.32 19.27
CA GLU B 569 -21.37 19.26 20.37
C GLU B 569 -19.89 19.56 20.54
N ILE B 570 -19.00 18.58 20.30
CA ILE B 570 -17.58 18.90 20.36
C ILE B 570 -17.10 19.64 19.13
N GLY B 571 -17.97 19.87 18.14
CA GLY B 571 -17.66 20.74 17.04
C GLY B 571 -18.33 22.10 17.18
N ILE B 572 -19.33 22.19 18.07
CA ILE B 572 -19.97 23.48 18.30
C ILE B 572 -19.24 24.27 19.39
N LEU B 573 -18.41 23.62 20.20
CA LEU B 573 -17.60 24.34 21.18
C LEU B 573 -16.40 25.03 20.56
N ILE B 574 -16.05 24.70 19.31
CA ILE B 574 -15.09 25.52 18.58
C ILE B 574 -15.71 26.87 18.27
N ALA B 575 -17.00 26.87 17.91
CA ALA B 575 -17.88 28.05 17.94
C ALA B 575 -17.41 29.16 17.03
N SER B 576 -16.91 28.81 15.85
CA SER B 576 -16.65 29.80 14.83
C SER B 576 -16.82 29.13 13.48
N LEU B 577 -17.53 29.81 12.58
CA LEU B 577 -17.88 29.23 11.30
C LEU B 577 -16.66 29.03 10.41
N ASP B 578 -15.62 29.83 10.62
CA ASP B 578 -14.43 29.80 9.79
C ASP B 578 -13.39 28.82 10.28
N GLU B 579 -13.65 28.12 11.39
CA GLU B 579 -12.73 27.09 11.86
C GLU B 579 -13.34 25.70 11.91
N VAL B 580 -14.65 25.57 11.73
CA VAL B 580 -15.25 24.25 11.56
C VAL B 580 -15.34 23.87 10.09
N ALA B 581 -15.11 24.80 9.19
CA ALA B 581 -15.11 24.53 7.76
C ALA B 581 -13.84 23.84 7.24
N PRO B 582 -12.61 24.12 7.71
CA PRO B 582 -11.48 23.29 7.27
C PRO B 582 -11.35 21.96 7.98
N ILE B 583 -12.33 21.62 8.81
CA ILE B 583 -12.38 20.34 9.49
C ILE B 583 -13.37 19.49 8.71
N LEU B 584 -14.52 20.10 8.44
CA LEU B 584 -15.58 19.47 7.67
C LEU B 584 -15.13 19.24 6.25
N SER B 585 -14.40 20.20 5.70
CA SER B 585 -13.91 20.13 4.33
C SER B 585 -12.96 18.95 4.14
N MET B 586 -12.09 18.72 5.10
CA MET B 586 -11.14 17.62 5.03
C MET B 586 -11.82 16.26 5.12
N PHE B 587 -12.94 16.14 5.85
CA PHE B 587 -13.61 14.85 5.91
C PHE B 587 -14.31 14.53 4.60
N PHE B 588 -15.00 15.51 4.00
CA PHE B 588 -15.57 15.27 2.68
C PHE B 588 -14.51 15.09 1.60
N LEU B 589 -13.33 15.70 1.77
CA LEU B 589 -12.27 15.48 0.79
C LEU B 589 -11.73 14.06 0.85
N MET B 590 -11.55 13.49 2.04
CA MET B 590 -11.08 12.11 2.04
C MET B 590 -12.18 11.11 1.68
N CYS B 591 -13.43 11.46 1.95
CA CYS B 591 -14.53 10.62 1.50
C CYS B 591 -14.64 10.63 -0.03
N TYR B 592 -14.43 11.79 -0.65
CA TYR B 592 -14.42 11.87 -2.11
C TYR B 592 -13.16 11.28 -2.70
N MET B 593 -12.08 11.21 -1.92
CA MET B 593 -10.83 10.68 -2.44
C MET B 593 -10.79 9.17 -2.43
N PHE B 594 -11.42 8.52 -1.43
CA PHE B 594 -11.43 7.06 -1.42
C PHE B 594 -12.31 6.48 -2.52
N VAL B 595 -13.36 7.19 -2.93
CA VAL B 595 -14.19 6.72 -4.04
C VAL B 595 -13.41 6.74 -5.35
N ASN B 596 -12.66 7.81 -5.59
CA ASN B 596 -11.83 7.88 -6.78
C ASN B 596 -10.64 6.93 -6.71
N LEU B 597 -10.18 6.60 -5.50
CA LEU B 597 -9.11 5.62 -5.39
C LEU B 597 -9.64 4.21 -5.66
N ALA B 598 -10.88 3.94 -5.27
CA ALA B 598 -11.42 2.60 -5.44
C ALA B 598 -11.84 2.36 -6.89
N CYS B 599 -12.54 3.32 -7.49
CA CYS B 599 -13.09 3.15 -8.82
C CYS B 599 -12.07 3.32 -9.92
N ALA B 600 -10.80 3.51 -9.58
CA ALA B 600 -9.72 3.44 -10.54
C ALA B 600 -8.83 2.23 -10.35
N VAL B 601 -8.81 1.64 -9.16
CA VAL B 601 -8.04 0.42 -8.95
C VAL B 601 -8.89 -0.81 -9.25
N GLN B 602 -10.23 -0.69 -9.25
CA GLN B 602 -11.05 -1.80 -9.68
C GLN B 602 -11.00 -2.02 -11.18
N THR B 603 -10.53 -1.03 -11.95
CA THR B 603 -10.48 -1.15 -13.40
C THR B 603 -9.13 -1.69 -13.87
N LEU B 604 -8.04 -1.28 -13.23
CA LEU B 604 -6.74 -1.89 -13.51
C LEU B 604 -6.70 -3.34 -13.06
N LEU B 605 -6.90 -3.57 -11.76
CA LEU B 605 -7.02 -4.92 -11.22
C LEU B 605 -8.42 -5.41 -11.54
N ARG B 606 -8.56 -6.29 -12.54
CA ARG B 606 -9.85 -6.64 -13.12
C ARG B 606 -10.65 -7.50 -12.14
N THR B 607 -11.29 -6.83 -11.19
CA THR B 607 -12.21 -7.48 -10.27
C THR B 607 -13.41 -8.00 -11.05
N PRO B 608 -13.87 -9.24 -10.78
CA PRO B 608 -14.92 -9.84 -11.64
C PRO B 608 -16.26 -9.13 -11.62
N ASN B 609 -16.80 -8.77 -10.46
CA ASN B 609 -18.06 -8.04 -10.42
C ASN B 609 -17.86 -6.53 -10.49
N TRP B 610 -17.09 -6.08 -11.48
CA TRP B 610 -16.86 -4.65 -11.72
C TRP B 610 -16.87 -4.42 -13.22
N ARG B 611 -18.03 -4.03 -13.76
CA ARG B 611 -18.18 -3.71 -15.17
C ARG B 611 -19.15 -2.55 -15.30
N PRO B 612 -18.66 -1.33 -15.41
CA PRO B 612 -19.56 -0.18 -15.54
C PRO B 612 -20.13 -0.06 -16.93
N ARG B 613 -21.34 0.48 -17.01
CA ARG B 613 -22.02 0.66 -18.29
C ARG B 613 -22.53 2.08 -18.39
N PHE B 614 -21.59 3.01 -18.52
CA PHE B 614 -21.93 4.43 -18.62
C PHE B 614 -20.92 5.15 -19.50
N ARG B 615 -21.30 6.33 -19.98
CA ARG B 615 -20.41 7.14 -20.82
C ARG B 615 -19.19 7.55 -20.02
N TYR B 616 -18.03 7.58 -20.70
CA TYR B 616 -16.74 7.93 -20.11
C TYR B 616 -16.39 7.01 -18.95
N TYR B 617 -16.11 7.60 -17.80
CA TYR B 617 -15.74 6.89 -16.57
C TYR B 617 -14.49 6.02 -16.70
N HIS B 618 -13.55 6.52 -17.51
CA HIS B 618 -12.26 5.88 -17.73
C HIS B 618 -11.40 6.02 -16.49
N TRP B 619 -10.46 5.08 -16.30
CA TRP B 619 -9.70 5.04 -15.05
C TRP B 619 -8.73 6.20 -14.94
N THR B 620 -8.29 6.77 -16.06
CA THR B 620 -7.47 7.96 -16.03
C THR B 620 -8.24 9.15 -15.47
N LEU B 621 -9.54 9.21 -15.74
CA LEU B 621 -10.38 10.30 -15.28
C LEU B 621 -10.58 10.23 -13.76
N SER B 622 -10.86 9.03 -13.25
CA SER B 622 -10.96 8.85 -11.80
C SER B 622 -9.60 8.97 -11.12
N PHE B 623 -8.51 8.68 -11.83
CA PHE B 623 -7.19 8.91 -11.27
C PHE B 623 -6.90 10.40 -11.13
N LEU B 624 -7.33 11.19 -12.12
CA LEU B 624 -7.24 12.64 -11.99
C LEU B 624 -8.12 13.16 -10.86
N GLY B 625 -9.26 12.50 -10.64
CA GLY B 625 -10.08 12.83 -9.48
C GLY B 625 -9.37 12.57 -8.16
N MET B 626 -8.70 11.42 -8.07
CA MET B 626 -7.85 11.08 -6.92
C MET B 626 -6.79 12.15 -6.67
N SER B 627 -6.05 12.51 -7.73
CA SER B 627 -4.96 13.48 -7.59
C SER B 627 -5.48 14.86 -7.20
N LEU B 628 -6.60 15.27 -7.78
CA LEU B 628 -7.13 16.60 -7.48
C LEU B 628 -7.70 16.68 -6.07
N CYS B 629 -8.39 15.62 -5.63
CA CYS B 629 -8.90 15.61 -4.26
C CYS B 629 -7.77 15.55 -3.24
N LEU B 630 -6.69 14.83 -3.58
CA LEU B 630 -5.55 14.74 -2.68
C LEU B 630 -4.80 16.07 -2.58
N ALA B 631 -4.66 16.77 -3.71
CA ALA B 631 -4.02 18.07 -3.72
C ALA B 631 -4.83 19.10 -2.95
N LEU B 632 -6.16 19.12 -3.13
CA LEU B 632 -6.97 20.05 -2.34
C LEU B 632 -7.07 19.62 -0.89
N MET B 633 -6.76 18.36 -0.57
CA MET B 633 -6.64 17.97 0.84
C MET B 633 -5.38 18.56 1.45
N PHE B 634 -4.26 18.44 0.75
CA PHE B 634 -3.00 18.93 1.33
C PHE B 634 -2.85 20.45 1.26
N ILE B 635 -3.65 21.13 0.43
CA ILE B 635 -3.61 22.59 0.44
C ILE B 635 -4.23 23.13 1.72
N CYS B 636 -5.30 22.49 2.22
CA CYS B 636 -6.03 23.00 3.38
C CYS B 636 -5.21 22.91 4.65
N SER B 637 -4.87 21.68 5.09
CA SER B 637 -4.09 21.50 6.31
C SER B 637 -3.36 20.16 6.20
N TRP B 638 -2.06 20.21 5.90
CA TRP B 638 -1.34 18.97 5.60
C TRP B 638 -1.05 18.17 6.87
N TYR B 639 -0.77 18.85 7.99
CA TYR B 639 -0.48 18.16 9.24
C TYR B 639 -1.71 17.51 9.84
N TYR B 640 -2.90 17.89 9.37
CA TYR B 640 -4.10 17.11 9.66
C TYR B 640 -4.42 16.13 8.55
N ALA B 641 -3.95 16.41 7.32
CA ALA B 641 -4.18 15.50 6.21
C ALA B 641 -3.49 14.16 6.41
N LEU B 642 -2.22 14.20 6.84
CA LEU B 642 -1.49 12.96 7.09
C LEU B 642 -2.10 12.18 8.24
N VAL B 643 -2.49 12.87 9.32
CA VAL B 643 -3.04 12.20 10.49
C VAL B 643 -4.40 11.58 10.19
N ALA B 644 -5.30 12.36 9.59
CA ALA B 644 -6.63 11.85 9.30
C ALA B 644 -6.67 10.99 8.04
N MET B 645 -5.56 10.85 7.32
CA MET B 645 -5.49 9.82 6.29
C MET B 645 -4.90 8.52 6.81
N LEU B 646 -3.94 8.62 7.75
CA LEU B 646 -3.47 7.41 8.44
C LEU B 646 -4.50 6.84 9.38
N ILE B 647 -5.46 7.62 9.86
CA ILE B 647 -6.58 7.04 10.59
C ILE B 647 -7.55 6.36 9.63
N ALA B 648 -7.86 7.02 8.53
CA ALA B 648 -8.78 6.43 7.56
C ALA B 648 -8.14 5.32 6.74
N GLY B 649 -6.82 5.26 6.71
CA GLY B 649 -6.11 4.12 6.16
C GLY B 649 -5.80 3.04 7.17
N LEU B 650 -6.36 3.16 8.37
CA LEU B 650 -6.21 2.16 9.42
C LEU B 650 -7.51 1.43 9.71
N ILE B 651 -8.65 2.03 9.42
CA ILE B 651 -9.90 1.29 9.48
C ILE B 651 -9.95 0.29 8.33
N TYR B 652 -9.34 0.63 7.19
CA TYR B 652 -9.31 -0.25 6.02
C TYR B 652 -8.54 -1.54 6.27
N LYS B 653 -7.61 -1.55 7.24
CA LYS B 653 -6.98 -2.80 7.62
C LYS B 653 -7.72 -3.50 8.76
N TYR B 654 -8.43 -2.75 9.60
CA TYR B 654 -9.17 -3.39 10.69
C TYR B 654 -10.38 -4.13 10.17
N ILE B 655 -11.03 -3.58 9.15
CA ILE B 655 -12.12 -4.29 8.47
C ILE B 655 -11.58 -5.53 7.78
N GLU B 656 -10.36 -5.45 7.26
CA GLU B 656 -9.77 -6.60 6.58
C GLU B 656 -9.41 -7.70 7.55
N TYR B 657 -8.96 -7.34 8.75
CA TYR B 657 -8.69 -8.36 9.77
C TYR B 657 -9.98 -8.98 10.29
N ARG B 658 -10.98 -8.15 10.62
CA ARG B 658 -12.22 -8.73 11.14
C ARG B 658 -13.09 -9.36 10.07
N GLY B 659 -12.79 -9.16 8.79
CA GLY B 659 -13.52 -9.84 7.74
C GLY B 659 -12.83 -11.11 7.32
N ALA B 660 -11.49 -11.11 7.29
CA ALA B 660 -10.73 -12.30 6.99
C ALA B 660 -10.65 -13.26 8.15
N GLU B 661 -11.18 -12.91 9.31
CA GLU B 661 -11.36 -13.84 10.41
C GLU B 661 -12.73 -14.52 10.38
N LYS B 662 -13.74 -13.84 9.83
CA LYS B 662 -15.08 -14.39 9.86
C LYS B 662 -15.25 -15.53 8.87
N GLU B 663 -14.63 -15.43 7.70
CA GLU B 663 -14.84 -16.42 6.66
C GLU B 663 -13.83 -17.55 6.67
N TRP B 664 -12.63 -17.34 7.22
CA TRP B 664 -11.65 -18.41 7.29
C TRP B 664 -11.43 -18.96 8.69
N GLY B 665 -11.89 -18.25 9.73
CA GLY B 665 -11.83 -18.76 11.08
C GLY B 665 -10.47 -18.72 11.74
N ASP B 666 -9.44 -18.21 11.08
CA ASP B 666 -8.08 -18.24 11.61
C ASP B 666 -7.51 -16.87 11.91
N GLY B 667 -7.87 -15.84 11.16
CA GLY B 667 -7.32 -14.54 11.42
C GLY B 667 -6.09 -14.20 10.60
N ILE B 668 -4.92 -14.42 11.18
CA ILE B 668 -3.67 -13.98 10.57
C ILE B 668 -3.32 -14.80 9.33
N ARG B 669 -3.77 -16.05 9.26
CA ARG B 669 -3.56 -16.87 8.06
C ARG B 669 -4.64 -16.66 7.02
N GLY B 670 -5.87 -16.43 7.48
CA GLY B 670 -6.97 -16.21 6.56
C GLY B 670 -6.82 -14.95 5.76
N LEU B 671 -6.11 -13.95 6.30
CA LEU B 671 -5.78 -12.75 5.56
C LEU B 671 -4.93 -13.05 4.34
N SER B 672 -3.81 -13.74 4.57
CA SER B 672 -2.93 -14.12 3.48
C SER B 672 -3.67 -15.05 2.55
N LEU B 673 -4.44 -15.95 3.14
CA LEU B 673 -5.21 -16.93 2.37
C LEU B 673 -6.24 -16.24 1.49
N SER B 674 -6.92 -15.24 2.05
CA SER B 674 -7.93 -14.52 1.29
C SER B 674 -7.28 -13.78 0.13
N ALA B 675 -6.11 -13.19 0.39
CA ALA B 675 -5.38 -12.47 -0.65
C ALA B 675 -5.01 -13.40 -1.80
N ALA B 676 -4.65 -14.65 -1.48
CA ALA B 676 -4.39 -15.65 -2.52
C ALA B 676 -5.65 -15.98 -3.30
N ARG B 677 -6.80 -16.05 -2.62
CA ARG B 677 -8.06 -16.34 -3.30
C ARG B 677 -8.47 -15.21 -4.23
N TYR B 678 -8.30 -13.95 -3.81
CA TYR B 678 -8.58 -12.84 -4.70
C TYR B 678 -7.59 -12.79 -5.86
N ALA B 679 -6.34 -13.14 -5.62
CA ALA B 679 -5.38 -13.12 -6.71
C ALA B 679 -5.55 -14.27 -7.68
N LEU B 680 -6.23 -15.34 -7.28
CA LEU B 680 -6.58 -16.37 -8.24
C LEU B 680 -7.88 -16.09 -8.97
N LEU B 681 -8.89 -15.54 -8.28
CA LEU B 681 -10.18 -15.27 -8.91
C LEU B 681 -10.07 -14.15 -9.93
N ARG B 682 -9.24 -13.14 -9.67
CA ARG B 682 -8.97 -12.10 -10.64
C ARG B 682 -8.30 -12.67 -11.88
N LEU B 683 -7.50 -13.70 -11.72
CA LEU B 683 -6.85 -14.37 -12.82
C LEU B 683 -7.85 -15.25 -13.57
N TRP B 693 5.77 -19.86 -23.87
CA TRP B 693 6.49 -18.89 -23.06
C TRP B 693 7.36 -19.57 -22.01
N ARG B 694 7.45 -18.92 -20.85
CA ARG B 694 8.34 -19.39 -19.78
C ARG B 694 7.81 -20.69 -19.20
N PRO B 695 8.65 -21.71 -19.05
CA PRO B 695 8.17 -23.02 -18.57
C PRO B 695 7.97 -23.02 -17.07
N GLN B 696 6.75 -23.32 -16.63
CA GLN B 696 6.45 -23.61 -15.23
C GLN B 696 5.96 -25.04 -15.18
N LEU B 697 6.66 -25.88 -14.41
CA LEU B 697 6.64 -27.30 -14.68
C LEU B 697 6.18 -28.13 -13.50
N LEU B 698 5.69 -29.31 -13.86
CA LEU B 698 5.43 -30.40 -12.93
C LEU B 698 6.47 -31.47 -13.20
N VAL B 699 7.20 -31.87 -12.15
CA VAL B 699 8.21 -32.91 -12.27
C VAL B 699 7.68 -34.19 -11.66
N LEU B 700 7.85 -35.29 -12.37
CA LEU B 700 7.29 -36.58 -12.00
C LEU B 700 8.41 -37.50 -11.51
N VAL B 701 8.70 -37.42 -10.22
CA VAL B 701 9.63 -38.34 -9.61
C VAL B 701 8.85 -39.50 -9.03
N ARG B 702 9.55 -40.60 -8.76
CA ARG B 702 8.93 -41.77 -8.16
C ARG B 702 9.70 -42.16 -6.92
N VAL B 703 9.05 -42.96 -6.08
CA VAL B 703 9.49 -43.24 -4.73
C VAL B 703 9.96 -44.68 -4.67
N ASP B 704 11.00 -44.94 -3.88
CA ASP B 704 11.65 -46.25 -3.78
C ASP B 704 10.85 -47.23 -2.94
N GLN B 705 11.50 -48.32 -2.51
CA GLN B 705 10.83 -49.32 -1.67
C GLN B 705 10.43 -48.75 -0.32
N ASP B 706 11.19 -47.79 0.19
CA ASP B 706 10.79 -47.02 1.36
C ASP B 706 10.01 -45.81 0.90
N GLN B 707 9.79 -44.85 1.82
CA GLN B 707 9.35 -43.53 1.41
C GLN B 707 10.57 -42.66 1.18
N ASN B 708 11.25 -42.94 0.07
CA ASN B 708 12.48 -42.26 -0.29
C ASN B 708 12.49 -41.97 -1.78
N VAL B 709 12.99 -40.79 -2.15
CA VAL B 709 13.11 -40.44 -3.56
C VAL B 709 14.21 -41.28 -4.20
N VAL B 710 14.14 -41.41 -5.52
CA VAL B 710 14.99 -42.35 -6.24
C VAL B 710 16.02 -41.66 -7.14
N HIS B 711 15.85 -40.39 -7.45
CA HIS B 711 16.81 -39.68 -8.32
C HIS B 711 16.80 -38.20 -7.97
N PRO B 712 17.56 -37.79 -6.95
CA PRO B 712 17.62 -36.36 -6.61
C PRO B 712 18.33 -35.49 -7.64
N GLN B 713 19.00 -36.08 -8.63
CA GLN B 713 19.60 -35.29 -9.70
C GLN B 713 18.54 -34.62 -10.57
N LEU B 714 17.33 -35.19 -10.62
CA LEU B 714 16.24 -34.52 -11.33
C LEU B 714 15.81 -33.25 -10.61
N LEU B 715 15.76 -33.29 -9.28
CA LEU B 715 15.53 -32.07 -8.51
C LEU B 715 16.69 -31.10 -8.64
N SER B 716 17.92 -31.61 -8.75
CA SER B 716 19.06 -30.73 -8.96
C SER B 716 19.06 -30.12 -10.35
N LEU B 717 18.41 -30.76 -11.32
CA LEU B 717 18.28 -30.18 -12.65
C LEU B 717 17.14 -29.17 -12.69
N THR B 718 16.04 -29.43 -11.99
CA THR B 718 14.95 -28.47 -12.00
C THR B 718 15.19 -27.30 -11.08
N SER B 719 16.18 -27.38 -10.18
CA SER B 719 16.52 -26.22 -9.39
C SER B 719 17.31 -25.21 -10.19
N GLN B 720 18.13 -25.67 -11.14
CA GLN B 720 18.95 -24.78 -11.93
C GLN B 720 18.34 -24.44 -13.27
N LEU B 721 17.30 -25.16 -13.70
CA LEU B 721 16.58 -24.79 -14.90
C LEU B 721 15.69 -23.57 -14.66
N LYS B 722 15.32 -23.33 -13.42
CA LYS B 722 14.27 -22.38 -13.10
C LYS B 722 14.65 -21.38 -12.01
N ALA B 723 15.58 -21.73 -11.11
CA ALA B 723 16.22 -20.82 -10.15
C ALA B 723 15.22 -20.20 -9.18
N GLY B 724 14.19 -20.93 -8.81
CA GLY B 724 13.25 -20.46 -7.81
C GLY B 724 12.37 -19.32 -8.26
N LYS B 725 12.12 -19.21 -9.57
CA LYS B 725 11.36 -18.10 -10.13
C LYS B 725 10.22 -18.68 -10.96
N GLY B 726 9.11 -19.00 -10.30
CA GLY B 726 7.94 -19.49 -10.98
C GLY B 726 7.28 -20.60 -10.20
N LEU B 727 6.42 -21.35 -10.88
CA LEU B 727 5.62 -22.39 -10.26
C LEU B 727 6.22 -23.75 -10.60
N THR B 728 6.42 -24.58 -9.57
CA THR B 728 6.99 -25.91 -9.71
C THR B 728 6.19 -26.88 -8.85
N ILE B 729 5.49 -27.80 -9.49
CA ILE B 729 4.72 -28.81 -8.77
C ILE B 729 5.46 -30.13 -8.87
N VAL B 730 5.75 -30.75 -7.74
CA VAL B 730 6.62 -31.91 -7.69
C VAL B 730 5.74 -33.10 -7.30
N GLY B 731 5.25 -33.84 -8.30
CA GLY B 731 4.29 -34.88 -8.03
C GLY B 731 4.90 -36.24 -7.87
N SER B 732 4.08 -37.18 -7.39
CA SER B 732 4.46 -38.58 -7.28
C SER B 732 3.20 -39.42 -7.34
N VAL B 733 3.38 -40.73 -7.19
CA VAL B 733 2.27 -41.68 -7.30
C VAL B 733 2.68 -42.96 -6.61
N LEU B 734 1.71 -43.63 -5.98
CA LEU B 734 1.95 -44.80 -5.16
C LEU B 734 1.08 -45.97 -5.58
N GLU B 735 0.98 -46.98 -4.72
CA GLU B 735 0.04 -48.09 -4.90
C GLU B 735 -1.38 -47.64 -4.52
N GLY B 736 -2.31 -48.58 -4.41
CA GLY B 736 -3.72 -48.23 -4.33
C GLY B 736 -4.27 -48.07 -2.92
N THR B 737 -5.56 -47.73 -2.86
CA THR B 737 -6.43 -47.78 -1.68
C THR B 737 -5.95 -46.95 -0.50
N PHE B 738 -6.17 -45.62 -0.58
CA PHE B 738 -5.83 -44.59 0.43
C PHE B 738 -6.02 -45.00 1.88
N LEU B 739 -7.10 -45.74 2.17
CA LEU B 739 -7.31 -46.35 3.49
C LEU B 739 -6.11 -47.16 3.93
N ASP B 740 -5.60 -47.99 3.05
CA ASP B 740 -4.52 -48.90 3.42
C ASP B 740 -3.15 -48.26 3.34
N ASN B 741 -3.02 -47.09 2.72
CA ASN B 741 -1.69 -46.59 2.40
C ASN B 741 -1.46 -45.12 2.71
N HIS B 742 -2.34 -44.45 3.44
CA HIS B 742 -2.07 -43.04 3.76
C HIS B 742 -0.84 -42.75 4.64
N PRO B 743 -0.33 -43.65 5.52
CA PRO B 743 0.98 -43.36 6.09
C PRO B 743 2.12 -43.43 5.09
N GLN B 744 2.00 -44.27 4.06
CA GLN B 744 3.01 -44.31 3.00
C GLN B 744 3.09 -42.97 2.28
N ALA B 745 1.94 -42.40 1.92
CA ALA B 745 1.91 -41.10 1.27
C ALA B 745 2.33 -39.99 2.21
N GLN B 746 2.03 -40.13 3.51
CA GLN B 746 2.45 -39.13 4.48
C GLN B 746 3.97 -39.07 4.59
N ARG B 747 4.62 -40.23 4.74
CA ARG B 747 6.07 -40.25 4.83
C ARG B 747 6.72 -39.91 3.48
N ALA B 748 6.05 -40.22 2.37
CA ALA B 748 6.61 -39.87 1.06
C ALA B 748 6.59 -38.37 0.84
N GLU B 749 5.50 -37.68 1.20
CA GLU B 749 5.47 -36.24 1.03
C GLU B 749 6.36 -35.55 2.06
N GLU B 750 6.57 -36.16 3.23
CA GLU B 750 7.54 -35.63 4.17
C GLU B 750 8.96 -35.71 3.63
N SER B 751 9.30 -36.85 3.01
CA SER B 751 10.63 -37.01 2.42
C SER B 751 10.84 -36.08 1.24
N ILE B 752 9.83 -35.90 0.39
CA ILE B 752 10.02 -35.06 -0.78
C ILE B 752 10.00 -33.59 -0.39
N ARG B 753 9.33 -33.23 0.72
CA ARG B 753 9.42 -31.86 1.22
C ARG B 753 10.75 -31.61 1.91
N ARG B 754 11.33 -32.65 2.50
CA ARG B 754 12.70 -32.54 3.02
C ARG B 754 13.69 -32.33 1.88
N LEU B 755 13.49 -33.03 0.77
CA LEU B 755 14.40 -32.87 -0.37
C LEU B 755 14.22 -31.54 -1.07
N MET B 756 12.99 -31.02 -1.14
CA MET B 756 12.67 -29.88 -1.98
C MET B 756 13.36 -28.61 -1.49
N GLU B 757 13.46 -28.42 -0.18
CA GLU B 757 14.16 -27.25 0.33
C GLU B 757 15.67 -27.43 0.33
N ALA B 758 16.15 -28.66 0.27
CA ALA B 758 17.58 -28.90 0.25
C ALA B 758 18.20 -28.52 -1.09
N GLU B 759 17.45 -28.65 -2.17
CA GLU B 759 17.93 -28.28 -3.49
C GLU B 759 17.63 -26.83 -3.82
N LYS B 760 17.04 -26.08 -2.88
CA LYS B 760 16.71 -24.66 -3.01
C LYS B 760 15.76 -24.40 -4.19
N VAL B 761 14.67 -25.15 -4.24
CA VAL B 761 13.58 -24.92 -5.18
C VAL B 761 12.31 -24.66 -4.38
N LYS B 762 11.54 -23.66 -4.81
CA LYS B 762 10.37 -23.20 -4.08
C LYS B 762 9.11 -23.64 -4.83
N GLY B 763 8.44 -24.65 -4.30
CA GLY B 763 7.30 -25.20 -4.97
C GLY B 763 6.44 -26.02 -4.03
N PHE B 764 5.50 -26.76 -4.63
CA PHE B 764 4.49 -27.49 -3.88
C PHE B 764 4.53 -28.95 -4.25
N CYS B 765 4.35 -29.83 -3.26
CA CYS B 765 4.34 -31.26 -3.49
C CYS B 765 2.92 -31.81 -3.38
N GLN B 766 2.59 -32.75 -4.25
CA GLN B 766 1.32 -33.47 -4.20
C GLN B 766 1.59 -34.93 -4.44
N VAL B 767 1.12 -35.78 -3.53
CA VAL B 767 1.35 -37.22 -3.58
C VAL B 767 -0.01 -37.90 -3.66
N VAL B 768 -0.23 -38.64 -4.73
CA VAL B 768 -1.53 -39.22 -5.04
C VAL B 768 -1.46 -40.73 -4.90
N ILE B 769 -2.39 -41.31 -4.15
CA ILE B 769 -2.56 -42.75 -4.06
C ILE B 769 -3.62 -43.17 -5.06
N SER B 770 -3.28 -44.10 -5.95
CA SER B 770 -4.24 -44.57 -6.94
C SER B 770 -3.99 -46.05 -7.18
N SER B 771 -5.03 -46.73 -7.66
CA SER B 771 -4.96 -48.18 -7.85
C SER B 771 -4.00 -48.54 -8.98
N ASN B 772 -4.28 -48.08 -10.19
CA ASN B 772 -3.37 -48.28 -11.30
C ASN B 772 -2.32 -47.18 -11.30
N LEU B 773 -1.13 -47.52 -11.78
CA LEU B 773 -0.04 -46.55 -11.80
C LEU B 773 -0.22 -45.54 -12.92
N ARG B 774 -0.98 -45.89 -13.96
CA ARG B 774 -1.14 -44.98 -15.09
C ARG B 774 -2.03 -43.80 -14.73
N ASP B 775 -3.26 -44.07 -14.30
CA ASP B 775 -4.21 -42.99 -14.04
C ASP B 775 -4.01 -42.32 -12.68
N GLY B 776 -2.89 -42.58 -12.00
CA GLY B 776 -2.38 -41.72 -10.98
C GLY B 776 -1.35 -40.76 -11.51
N VAL B 777 -1.10 -40.79 -12.82
CA VAL B 777 -0.33 -39.76 -13.50
C VAL B 777 -1.24 -38.90 -14.36
N SER B 778 -2.20 -39.52 -15.06
CA SER B 778 -3.17 -38.78 -15.82
C SER B 778 -4.23 -38.10 -14.96
N HIS B 779 -4.22 -38.32 -13.64
CA HIS B 779 -5.06 -37.53 -12.75
C HIS B 779 -4.25 -36.46 -12.01
N LEU B 780 -2.98 -36.30 -12.36
CA LEU B 780 -2.16 -35.15 -11.97
C LEU B 780 -2.00 -34.15 -13.10
N ILE B 781 -1.87 -34.64 -14.33
CA ILE B 781 -1.66 -33.75 -15.47
C ILE B 781 -2.91 -32.94 -15.76
N GLN B 782 -4.08 -33.54 -15.60
CA GLN B 782 -5.33 -32.82 -15.84
C GLN B 782 -5.63 -31.85 -14.72
N SER B 783 -5.21 -32.17 -13.49
CA SER B 783 -5.50 -31.35 -12.32
C SER B 783 -4.18 -31.11 -11.59
N GLY B 784 -3.48 -30.05 -11.99
CA GLY B 784 -2.24 -29.68 -11.34
C GLY B 784 -2.48 -28.55 -10.37
N GLY B 785 -2.18 -27.32 -10.78
CA GLY B 785 -2.43 -26.16 -9.95
C GLY B 785 -3.90 -25.87 -9.83
N LEU B 786 -4.22 -24.87 -9.01
CA LEU B 786 -5.61 -24.67 -8.64
C LEU B 786 -6.39 -23.90 -9.70
N GLY B 787 -6.00 -22.66 -9.95
CA GLY B 787 -6.80 -21.83 -10.83
C GLY B 787 -6.10 -21.55 -12.14
N GLY B 788 -5.56 -20.35 -12.27
CA GLY B 788 -4.72 -20.04 -13.41
C GLY B 788 -3.26 -20.38 -13.22
N LEU B 789 -2.91 -21.02 -12.10
CA LEU B 789 -1.56 -21.53 -11.88
C LEU B 789 -1.39 -22.91 -12.51
N GLN B 790 -1.75 -23.06 -13.77
CA GLN B 790 -1.56 -24.32 -14.46
C GLN B 790 -0.10 -24.50 -14.81
N HIS B 791 0.40 -25.71 -14.60
CA HIS B 791 1.74 -26.07 -15.05
C HIS B 791 1.79 -26.06 -16.57
N ASN B 792 2.82 -25.42 -17.12
CA ASN B 792 2.96 -25.29 -18.57
C ASN B 792 3.61 -26.51 -19.20
N THR B 793 4.37 -27.28 -18.44
CA THR B 793 5.10 -28.40 -19.00
C THR B 793 5.36 -29.46 -17.94
N VAL B 794 5.74 -30.65 -18.41
CA VAL B 794 5.95 -31.81 -17.56
C VAL B 794 7.36 -32.33 -17.79
N LEU B 795 8.11 -32.50 -16.72
CA LEU B 795 9.47 -33.01 -16.79
C LEU B 795 9.53 -34.38 -16.12
N VAL B 796 10.24 -35.31 -16.75
CA VAL B 796 10.22 -36.70 -16.32
C VAL B 796 11.54 -37.36 -16.74
N GLY B 797 11.93 -38.39 -16.00
CA GLY B 797 13.10 -39.16 -16.35
C GLY B 797 12.77 -40.32 -17.29
N TRP B 798 13.75 -40.70 -18.09
CA TRP B 798 13.59 -41.81 -19.01
C TRP B 798 13.47 -43.12 -18.25
N PRO B 799 12.66 -44.07 -18.73
CA PRO B 799 12.64 -45.40 -18.10
C PRO B 799 13.92 -46.17 -18.41
N ARG B 800 14.79 -46.29 -17.41
CA ARG B 800 16.12 -46.85 -17.64
C ARG B 800 16.05 -48.35 -17.91
N ASN B 801 15.31 -49.09 -17.08
CA ASN B 801 15.18 -50.53 -17.23
C ASN B 801 14.03 -50.90 -18.18
N TRP B 802 14.09 -50.34 -19.37
CA TRP B 802 13.21 -50.78 -20.44
C TRP B 802 13.63 -52.17 -20.90
N ARG B 803 12.64 -52.94 -21.40
CA ARG B 803 12.75 -54.30 -21.95
C ARG B 803 13.51 -55.26 -21.04
N GLN B 804 13.42 -55.06 -19.73
CA GLN B 804 14.09 -55.92 -18.77
C GLN B 804 13.17 -57.02 -18.26
N LYS B 805 12.03 -56.64 -17.68
CA LYS B 805 11.08 -57.61 -17.17
C LYS B 805 10.29 -58.24 -18.32
N GLU B 806 9.53 -59.28 -17.99
CA GLU B 806 8.80 -60.02 -19.01
C GLU B 806 7.54 -59.27 -19.44
N ASP B 807 6.78 -58.75 -18.48
CA ASP B 807 5.52 -58.05 -18.71
C ASP B 807 5.49 -56.75 -17.91
N HIS B 808 6.56 -55.95 -18.07
CA HIS B 808 6.76 -54.76 -17.25
C HIS B 808 5.66 -53.74 -17.43
N GLN B 809 5.37 -53.36 -18.68
CA GLN B 809 4.36 -52.36 -19.05
C GLN B 809 4.59 -51.03 -18.35
N THR B 810 5.87 -50.66 -18.20
CA THR B 810 6.25 -49.36 -17.70
C THR B 810 6.65 -48.40 -18.82
N TRP B 811 6.80 -48.90 -20.03
CA TRP B 811 7.05 -48.06 -21.18
C TRP B 811 5.80 -47.79 -21.99
N ARG B 812 4.80 -48.67 -21.92
CA ARG B 812 3.45 -48.31 -22.37
C ARG B 812 2.93 -47.14 -21.57
N ASN B 813 3.25 -47.09 -20.28
CA ASN B 813 3.06 -45.90 -19.45
C ASN B 813 3.75 -44.70 -20.07
N PHE B 814 4.98 -44.87 -20.56
CA PHE B 814 5.73 -43.72 -21.07
C PHE B 814 5.18 -43.24 -22.41
N ILE B 815 4.83 -44.16 -23.31
CA ILE B 815 4.32 -43.74 -24.61
C ILE B 815 2.92 -43.16 -24.47
N GLU B 816 2.14 -43.71 -23.55
CA GLU B 816 0.85 -43.11 -23.25
C GLU B 816 1.01 -41.75 -22.59
N LEU B 817 2.09 -41.56 -21.82
CA LEU B 817 2.40 -40.25 -21.27
C LEU B 817 2.74 -39.24 -22.36
N VAL B 818 3.51 -39.67 -23.37
CA VAL B 818 3.90 -38.75 -24.44
C VAL B 818 2.69 -38.36 -25.27
N ARG B 819 1.83 -39.34 -25.59
CA ARG B 819 0.60 -39.04 -26.33
C ARG B 819 -0.34 -38.15 -25.50
N GLU B 820 -0.42 -38.41 -24.19
CA GLU B 820 -1.20 -37.61 -23.25
C GLU B 820 -0.74 -36.15 -23.25
N THR B 821 0.57 -35.94 -23.12
CA THR B 821 1.13 -34.60 -23.03
C THR B 821 1.00 -33.84 -24.34
N THR B 822 1.19 -34.53 -25.47
CA THR B 822 1.06 -33.87 -26.76
C THR B 822 -0.39 -33.53 -27.08
N ALA B 823 -1.32 -34.45 -26.84
CA ALA B 823 -2.72 -34.18 -27.11
C ALA B 823 -3.39 -33.37 -26.01
N GLY B 824 -2.68 -33.02 -24.95
CA GLY B 824 -3.17 -32.08 -23.97
C GLY B 824 -2.72 -30.65 -24.19
N HIS B 825 -2.04 -30.38 -25.30
CA HIS B 825 -1.39 -29.09 -25.60
C HIS B 825 -0.47 -28.66 -24.48
N LEU B 826 0.56 -29.47 -24.26
CA LEU B 826 1.42 -29.36 -23.09
C LEU B 826 2.80 -29.84 -23.50
N ALA B 827 3.84 -29.23 -22.96
CA ALA B 827 5.19 -29.56 -23.37
C ALA B 827 5.80 -30.61 -22.47
N LEU B 828 6.79 -31.34 -23.01
CA LEU B 828 7.41 -32.45 -22.31
C LEU B 828 8.92 -32.31 -22.33
N LEU B 829 9.55 -32.60 -21.18
CA LEU B 829 11.00 -32.53 -21.01
C LEU B 829 11.45 -33.85 -20.38
N VAL B 830 12.04 -34.75 -21.16
CA VAL B 830 12.45 -36.05 -20.64
C VAL B 830 13.97 -36.12 -20.60
N THR B 831 14.52 -36.35 -19.41
CA THR B 831 15.95 -36.51 -19.23
C THR B 831 16.31 -37.98 -19.38
N LYS B 832 17.38 -38.27 -20.11
CA LYS B 832 17.66 -39.67 -20.44
C LYS B 832 18.57 -40.34 -19.42
N ASN B 833 19.80 -39.85 -19.27
CA ASN B 833 20.71 -40.36 -18.25
C ASN B 833 20.56 -39.47 -17.05
N VAL B 834 19.65 -39.85 -16.14
CA VAL B 834 19.29 -38.98 -15.04
C VAL B 834 20.42 -38.89 -14.02
N SER B 835 21.22 -39.94 -13.86
CA SER B 835 22.44 -39.79 -13.10
C SER B 835 23.50 -39.12 -13.98
N MET B 836 24.53 -38.59 -13.32
CA MET B 836 25.55 -37.70 -13.90
C MET B 836 24.88 -36.46 -14.51
N PHE B 837 24.16 -35.75 -13.64
CA PHE B 837 23.83 -34.35 -13.78
C PHE B 837 24.42 -33.59 -12.61
N PRO B 838 24.97 -32.40 -12.85
CA PRO B 838 25.70 -31.72 -11.77
C PRO B 838 24.76 -31.15 -10.72
N GLY B 839 25.16 -31.31 -9.46
CA GLY B 839 24.41 -30.75 -8.35
C GLY B 839 25.06 -29.48 -7.84
N ASN B 840 25.83 -29.60 -6.76
CA ASN B 840 26.53 -28.46 -6.19
C ASN B 840 27.75 -28.12 -7.03
N PRO B 841 28.43 -29.12 -7.61
CA PRO B 841 29.71 -28.84 -8.28
C PRO B 841 29.50 -28.14 -9.61
N GLU B 842 30.39 -27.19 -9.90
CA GLU B 842 30.30 -26.36 -11.10
C GLU B 842 30.88 -27.11 -12.29
N ARG B 843 31.03 -26.41 -13.41
CA ARG B 843 31.55 -27.01 -14.62
C ARG B 843 32.32 -25.95 -15.41
N PHE B 844 33.13 -26.42 -16.35
CA PHE B 844 33.92 -25.53 -17.20
C PHE B 844 34.22 -26.18 -18.55
N SER B 848 30.30 -27.07 -22.95
CA SER B 848 29.89 -26.68 -24.29
C SER B 848 28.51 -27.24 -24.62
N ILE B 849 27.47 -26.52 -24.21
CA ILE B 849 26.10 -26.95 -24.40
C ILE B 849 25.77 -26.92 -25.88
N ASP B 850 25.24 -28.03 -26.40
CA ASP B 850 24.98 -28.18 -27.83
C ASP B 850 23.51 -28.50 -28.02
N VAL B 851 22.84 -27.74 -28.89
CA VAL B 851 21.45 -28.01 -29.19
C VAL B 851 21.31 -28.40 -30.66
N TRP B 852 20.30 -29.22 -30.94
CA TRP B 852 20.10 -29.83 -32.25
C TRP B 852 18.69 -29.51 -32.72
N TRP B 853 18.58 -28.43 -33.49
CA TRP B 853 17.33 -28.00 -34.09
C TRP B 853 16.93 -29.00 -35.16
N ILE B 854 15.98 -29.85 -34.84
CA ILE B 854 15.21 -30.52 -35.88
C ILE B 854 14.09 -29.55 -36.24
N VAL B 855 13.43 -29.77 -37.39
CA VAL B 855 12.58 -28.77 -38.03
C VAL B 855 11.38 -28.36 -37.16
N HIS B 856 10.93 -29.23 -36.26
CA HIS B 856 9.78 -28.92 -35.43
C HIS B 856 10.20 -28.40 -34.06
N ASP B 857 9.30 -27.62 -33.45
CA ASP B 857 9.27 -27.26 -32.04
C ASP B 857 10.44 -26.39 -31.61
N GLY B 858 11.09 -25.68 -32.54
CA GLY B 858 12.19 -24.82 -32.19
C GLY B 858 11.75 -23.56 -31.46
N GLY B 859 12.74 -22.78 -31.08
CA GLY B 859 12.46 -21.58 -30.28
C GLY B 859 12.44 -21.89 -28.80
N MET B 860 11.72 -22.93 -28.41
CA MET B 860 11.86 -23.53 -27.08
C MET B 860 13.26 -24.11 -26.89
N LEU B 861 13.90 -24.54 -27.99
CA LEU B 861 15.23 -25.13 -27.95
C LEU B 861 16.30 -24.12 -27.59
N MET B 862 16.03 -22.83 -27.69
CA MET B 862 17.02 -21.82 -27.36
C MET B 862 16.66 -21.00 -26.14
N LEU B 863 15.46 -21.16 -25.58
CA LEU B 863 15.18 -20.55 -24.30
C LEU B 863 15.85 -21.31 -23.17
N LEU B 864 15.86 -22.64 -23.26
CA LEU B 864 16.35 -23.50 -22.18
C LEU B 864 17.86 -23.36 -21.92
N PRO B 865 18.76 -23.30 -22.93
CA PRO B 865 20.15 -22.95 -22.58
C PRO B 865 20.29 -21.51 -22.12
N PHE B 866 19.44 -20.61 -22.63
CA PHE B 866 19.45 -19.22 -22.18
C PHE B 866 19.01 -19.10 -20.74
N LEU B 867 18.24 -20.07 -20.23
CA LEU B 867 17.91 -20.11 -18.82
C LEU B 867 18.92 -20.90 -18.00
N LEU B 868 19.63 -21.85 -18.62
CA LEU B 868 20.58 -22.66 -17.86
C LEU B 868 21.86 -21.91 -17.52
N ARG B 869 22.29 -20.96 -18.36
CA ARG B 869 23.59 -20.34 -18.13
C ARG B 869 23.55 -19.32 -17.00
N HIS B 870 22.37 -18.86 -16.59
CA HIS B 870 22.29 -17.97 -15.42
C HIS B 870 22.63 -18.70 -14.13
N HIS B 871 22.54 -20.01 -14.11
CA HIS B 871 23.05 -20.84 -13.03
C HIS B 871 24.36 -21.47 -13.48
N LYS B 872 25.15 -21.92 -12.52
CA LYS B 872 26.46 -22.52 -12.80
C LYS B 872 26.34 -23.88 -13.52
N LYS B 876 28.07 -22.21 -16.78
CA LYS B 876 28.44 -21.20 -17.77
C LYS B 876 29.46 -21.73 -18.76
N CYS B 877 28.98 -22.22 -19.90
CA CYS B 877 29.83 -22.72 -20.96
C CYS B 877 29.43 -22.10 -22.29
N LYS B 878 30.00 -22.58 -23.39
CA LYS B 878 29.61 -22.13 -24.71
C LYS B 878 28.43 -22.94 -25.20
N MET B 879 27.87 -22.55 -26.34
CA MET B 879 26.76 -23.27 -26.91
C MET B 879 26.85 -23.30 -28.43
N ARG B 880 26.31 -24.36 -29.00
CA ARG B 880 26.39 -24.64 -30.42
C ARG B 880 24.99 -24.90 -30.94
N ILE B 881 24.48 -23.99 -31.76
CA ILE B 881 23.24 -24.20 -32.48
C ILE B 881 23.55 -25.09 -33.67
N PHE B 882 22.85 -26.22 -33.79
CA PHE B 882 23.04 -27.14 -34.90
C PHE B 882 21.70 -27.39 -35.57
N THR B 883 21.41 -26.69 -36.65
CA THR B 883 20.17 -26.92 -37.36
C THR B 883 20.34 -27.98 -38.43
N VAL B 884 19.22 -28.42 -39.00
CA VAL B 884 19.23 -29.40 -40.08
C VAL B 884 18.37 -28.88 -41.22
N ALA B 885 18.70 -29.33 -42.44
CA ALA B 885 17.99 -28.95 -43.64
C ALA B 885 18.25 -30.00 -44.72
N GLN B 886 17.69 -29.77 -45.90
CA GLN B 886 17.86 -30.68 -47.03
C GLN B 886 17.99 -29.92 -48.34
N ILE B 892 21.04 -22.99 -46.42
CA ILE B 892 21.52 -22.11 -47.49
C ILE B 892 21.58 -20.68 -47.00
N GLN B 893 20.50 -19.93 -47.22
CA GLN B 893 20.39 -18.58 -46.70
C GLN B 893 19.97 -18.54 -45.25
N MET B 894 19.58 -19.68 -44.67
CA MET B 894 19.10 -19.70 -43.30
C MET B 894 20.22 -19.53 -42.30
N LYS B 895 21.47 -19.72 -42.72
CA LYS B 895 22.61 -19.47 -41.84
C LYS B 895 22.73 -18.00 -41.50
N LYS B 896 22.57 -17.13 -42.50
CA LYS B 896 22.64 -15.70 -42.26
C LYS B 896 21.44 -15.22 -41.45
N ASP B 897 20.26 -15.80 -41.70
CA ASP B 897 19.07 -15.44 -40.94
C ASP B 897 19.18 -15.87 -39.48
N LEU B 898 19.71 -17.07 -39.25
CA LEU B 898 19.90 -17.54 -37.88
C LEU B 898 20.99 -16.78 -37.16
N THR B 899 22.04 -16.37 -37.87
CA THR B 899 23.09 -15.56 -37.27
C THR B 899 22.58 -14.18 -36.90
N THR B 900 21.77 -13.57 -37.77
CA THR B 900 21.16 -12.29 -37.46
C THR B 900 20.15 -12.40 -36.34
N PHE B 901 19.47 -13.54 -36.24
CA PHE B 901 18.52 -13.74 -35.15
C PHE B 901 19.24 -13.92 -33.81
N LEU B 902 20.33 -14.68 -33.80
CA LEU B 902 21.08 -14.88 -32.56
C LEU B 902 21.85 -13.62 -32.16
N TYR B 903 22.24 -12.79 -33.13
CA TYR B 903 22.91 -11.54 -32.80
C TYR B 903 21.93 -10.46 -32.41
N HIS B 904 20.70 -10.50 -32.94
CA HIS B 904 19.72 -9.48 -32.63
C HIS B 904 19.21 -9.60 -31.20
N LEU B 905 19.22 -10.81 -30.64
CA LEU B 905 18.93 -10.97 -29.24
C LEU B 905 20.13 -10.69 -28.35
N ARG B 906 21.33 -10.69 -28.95
CA ARG B 906 22.62 -10.47 -28.27
C ARG B 906 22.79 -11.42 -27.08
N ILE B 907 22.43 -12.69 -27.30
CA ILE B 907 22.31 -13.64 -26.20
C ILE B 907 23.67 -14.11 -25.69
N THR B 908 24.44 -14.76 -26.55
CA THR B 908 25.65 -15.44 -26.10
C THR B 908 26.58 -15.61 -27.29
N ALA B 909 27.56 -16.50 -27.14
CA ALA B 909 28.57 -16.77 -28.16
C ALA B 909 28.20 -17.98 -29.00
N GLU B 910 26.92 -18.12 -29.31
CA GLU B 910 26.41 -19.27 -30.03
C GLU B 910 26.93 -19.30 -31.47
N VAL B 911 27.53 -20.42 -31.86
CA VAL B 911 27.92 -20.64 -33.25
C VAL B 911 26.73 -21.17 -34.04
N GLU B 912 26.99 -21.58 -35.28
CA GLU B 912 25.92 -22.09 -36.13
C GLU B 912 26.52 -22.99 -37.20
N VAL B 913 25.96 -24.18 -37.33
CA VAL B 913 26.40 -25.14 -38.32
C VAL B 913 25.19 -25.58 -39.11
N VAL B 914 25.31 -25.61 -40.43
CA VAL B 914 24.19 -26.03 -41.25
C VAL B 914 24.41 -27.48 -41.65
N GLU B 915 23.45 -28.32 -41.30
CA GLU B 915 23.54 -29.74 -41.62
C GLU B 915 22.42 -30.13 -42.58
N MET B 916 22.80 -30.80 -43.66
CA MET B 916 21.81 -31.22 -44.64
C MET B 916 21.75 -32.75 -44.68
N HIS B 917 20.55 -33.27 -44.51
CA HIS B 917 20.33 -34.72 -44.54
C HIS B 917 19.32 -35.03 -45.63
N GLU B 918 19.65 -35.99 -46.48
CA GLU B 918 18.74 -36.35 -47.56
C GLU B 918 17.45 -36.90 -46.99
N SER B 919 17.56 -37.74 -45.97
CA SER B 919 16.38 -38.32 -45.34
C SER B 919 16.35 -38.18 -43.81
N ASP B 920 15.24 -37.68 -43.30
CA ASP B 920 15.00 -37.55 -41.87
C ASP B 920 13.50 -37.59 -41.63
N ILE B 921 13.06 -38.53 -40.79
CA ILE B 921 11.65 -38.75 -40.56
C ILE B 921 11.11 -37.73 -39.57
N SER B 922 9.89 -37.97 -39.09
CA SER B 922 9.11 -37.07 -38.24
C SER B 922 8.92 -35.70 -38.92
N ALA B 923 8.21 -35.72 -40.05
CA ALA B 923 7.98 -34.53 -40.84
C ALA B 923 6.56 -34.53 -41.38
N TYR B 924 5.96 -33.35 -41.43
CA TYR B 924 4.67 -33.12 -42.05
C TYR B 924 4.58 -31.65 -42.44
N THR B 925 4.17 -31.39 -43.68
CA THR B 925 4.21 -30.03 -44.22
C THR B 925 2.98 -29.20 -43.85
N TYR B 926 1.87 -29.86 -43.51
CA TYR B 926 0.64 -29.14 -43.15
C TYR B 926 0.54 -28.90 -41.66
N GLU B 927 1.60 -28.34 -41.07
CA GLU B 927 1.63 -27.96 -39.67
C GLU B 927 2.01 -26.51 -39.45
N LYS B 928 2.87 -25.95 -40.31
CA LYS B 928 3.19 -24.53 -40.23
C LYS B 928 1.99 -23.68 -40.62
N THR B 929 1.12 -24.19 -41.49
CA THR B 929 -0.14 -23.50 -41.76
C THR B 929 -1.11 -23.63 -40.59
N LEU B 930 -0.95 -24.64 -39.75
CA LEU B 930 -1.73 -24.72 -38.52
C LEU B 930 -1.11 -23.88 -37.41
N VAL B 931 0.21 -23.70 -37.43
CA VAL B 931 0.87 -22.86 -36.44
C VAL B 931 0.67 -21.38 -36.75
N MET B 932 0.62 -21.01 -38.03
CA MET B 932 0.44 -19.61 -38.40
C MET B 932 -0.96 -19.12 -38.11
N GLU B 933 -1.95 -20.01 -38.04
CA GLU B 933 -3.29 -19.60 -37.64
C GLU B 933 -3.34 -19.21 -36.17
N GLN B 934 -2.50 -19.84 -35.34
CA GLN B 934 -2.39 -19.43 -33.95
C GLN B 934 -1.45 -18.24 -33.78
N ARG B 935 -0.45 -18.12 -34.65
CA ARG B 935 0.49 -17.00 -34.57
C ARG B 935 -0.18 -15.70 -34.99
N SER B 936 -0.99 -15.74 -36.06
CA SER B 936 -1.70 -14.53 -36.51
C SER B 936 -2.82 -14.14 -35.55
N GLN B 937 -3.33 -15.09 -34.76
CA GLN B 937 -4.34 -14.77 -33.76
C GLN B 937 -3.77 -14.02 -32.56
N ILE B 938 -2.46 -13.99 -32.41
CA ILE B 938 -1.83 -13.26 -31.31
C ILE B 938 -1.49 -11.84 -31.74
N GLN B 941 1.36 -9.28 -34.29
CA GLN B 941 2.05 -8.10 -33.80
C GLN B 941 3.20 -7.71 -34.73
N MET B 942 3.93 -6.66 -34.36
CA MET B 942 5.05 -6.17 -35.13
C MET B 942 6.35 -6.37 -34.35
N HIS B 943 7.46 -6.24 -35.07
CA HIS B 943 8.82 -6.51 -34.60
C HIS B 943 8.94 -7.90 -33.99
N LEU B 944 8.67 -8.90 -34.84
CA LEU B 944 8.70 -10.30 -34.43
C LEU B 944 10.14 -10.75 -34.28
N THR B 945 10.62 -10.77 -33.03
CA THR B 945 11.95 -11.29 -32.72
C THR B 945 11.88 -12.76 -32.32
N LYS B 946 11.26 -13.56 -33.19
CA LYS B 946 11.07 -14.98 -32.96
C LYS B 946 11.62 -15.76 -34.14
N ASN B 947 11.91 -17.05 -33.88
CA ASN B 947 12.55 -17.90 -34.88
C ASN B 947 11.48 -18.51 -35.79
N GLU B 948 11.37 -17.98 -37.00
CA GLU B 948 10.47 -18.51 -38.03
C GLU B 948 11.29 -18.80 -39.27
N ARG B 949 11.33 -20.06 -39.68
CA ARG B 949 12.13 -20.50 -40.82
C ARG B 949 11.22 -20.71 -42.02
N GLU B 950 11.63 -20.21 -43.18
CA GLU B 950 10.80 -20.27 -44.37
C GLU B 950 10.92 -21.62 -45.07
N ARG B 951 12.13 -21.96 -45.52
CA ARG B 951 12.33 -23.19 -46.30
C ARG B 951 12.27 -24.43 -45.42
N ALA B 1075 9.58 -47.99 -42.82
CA ALA B 1075 10.10 -47.93 -41.46
C ALA B 1075 11.13 -46.82 -41.33
N VAL B 1076 10.92 -45.94 -40.35
CA VAL B 1076 11.85 -44.86 -40.09
C VAL B 1076 13.13 -45.41 -39.49
N ARG B 1077 14.26 -45.18 -40.16
CA ARG B 1077 15.51 -45.80 -39.75
C ARG B 1077 16.09 -45.11 -38.51
N LEU B 1078 16.45 -43.83 -38.65
CA LEU B 1078 17.15 -43.03 -37.64
C LEU B 1078 18.41 -43.73 -37.13
N ASN B 1079 19.15 -44.33 -38.06
CA ASN B 1079 20.40 -45.00 -37.77
C ASN B 1079 21.60 -44.31 -38.39
N GLU B 1080 21.37 -43.22 -39.14
CA GLU B 1080 22.48 -42.39 -39.62
C GLU B 1080 23.21 -41.77 -38.44
N VAL B 1081 22.51 -40.93 -37.68
CA VAL B 1081 22.96 -40.37 -36.39
C VAL B 1081 24.26 -39.59 -36.53
N ILE B 1082 24.20 -38.50 -37.28
CA ILE B 1082 25.32 -37.59 -37.43
C ILE B 1082 25.52 -36.70 -36.21
N VAL B 1083 24.68 -36.83 -35.19
CA VAL B 1083 24.77 -36.05 -33.96
C VAL B 1083 25.72 -36.66 -32.95
N ASN B 1084 26.67 -37.49 -33.39
CA ASN B 1084 27.76 -37.95 -32.55
C ASN B 1084 29.13 -37.64 -33.14
N LYS B 1085 29.19 -37.13 -34.38
CA LYS B 1085 30.47 -36.73 -34.96
C LYS B 1085 31.00 -35.46 -34.30
N SER B 1086 30.11 -34.58 -33.87
CA SER B 1086 30.48 -33.40 -33.06
C SER B 1086 29.56 -33.41 -31.84
N ARG B 1087 29.97 -34.17 -30.83
CA ARG B 1087 29.17 -34.39 -29.62
C ARG B 1087 30.09 -34.95 -28.55
N ASP B 1088 29.47 -35.50 -27.49
CA ASP B 1088 30.13 -36.06 -26.32
C ASP B 1088 30.98 -35.00 -25.61
N ALA B 1089 30.40 -33.82 -25.44
CA ALA B 1089 31.04 -32.72 -24.72
C ALA B 1089 30.27 -32.29 -23.49
N LYS B 1090 28.99 -31.98 -23.63
CA LYS B 1090 28.20 -31.45 -22.52
C LYS B 1090 26.75 -31.86 -22.74
N LEU B 1091 25.83 -31.14 -22.08
CA LEU B 1091 24.39 -31.41 -22.21
C LEU B 1091 23.92 -31.21 -23.65
N VAL B 1092 23.14 -32.18 -24.13
CA VAL B 1092 22.66 -32.21 -25.51
C VAL B 1092 21.15 -32.08 -25.47
N LEU B 1093 20.57 -31.40 -26.47
CA LEU B 1093 19.12 -31.26 -26.58
C LEU B 1093 18.67 -31.67 -27.98
N LEU B 1094 17.55 -32.40 -28.05
CA LEU B 1094 16.98 -32.80 -29.32
C LEU B 1094 15.46 -32.70 -29.26
N ASN B 1095 14.85 -32.86 -30.43
CA ASN B 1095 13.40 -32.98 -30.56
C ASN B 1095 13.04 -34.46 -30.64
N MET B 1096 12.02 -34.85 -29.90
CA MET B 1096 11.56 -36.21 -30.11
C MET B 1096 10.67 -36.28 -31.35
N PRO B 1097 10.63 -37.43 -32.02
CA PRO B 1097 9.64 -37.63 -33.07
C PRO B 1097 8.24 -37.77 -32.49
N GLY B 1098 7.26 -37.47 -33.32
CA GLY B 1098 5.87 -37.62 -32.94
C GLY B 1098 5.49 -39.07 -32.78
N PRO B 1099 4.59 -39.36 -31.83
CA PRO B 1099 4.19 -40.74 -31.61
C PRO B 1099 3.29 -41.24 -32.74
N PRO B 1100 3.36 -42.52 -33.09
CA PRO B 1100 2.53 -43.06 -34.17
C PRO B 1100 1.09 -43.27 -33.72
N ASP B 1106 -2.34 -45.50 -32.10
CA ASP B 1106 -2.02 -46.55 -33.05
C ASP B 1106 -1.23 -47.67 -32.39
N GLU B 1107 -0.91 -48.70 -33.15
CA GLU B 1107 -0.12 -49.81 -32.65
C GLU B 1107 1.36 -49.55 -32.92
N ASN B 1108 2.18 -50.58 -32.73
CA ASN B 1108 3.63 -50.58 -32.98
C ASN B 1108 4.35 -49.51 -32.15
N TYR B 1109 4.01 -49.46 -30.86
CA TYR B 1109 4.68 -48.55 -29.95
C TYR B 1109 6.10 -49.00 -29.63
N MET B 1110 6.38 -50.30 -29.75
CA MET B 1110 7.73 -50.80 -29.54
C MET B 1110 8.65 -50.41 -30.69
N GLU B 1111 8.11 -50.15 -31.88
CA GLU B 1111 8.92 -49.62 -32.96
C GLU B 1111 9.21 -48.14 -32.79
N PHE B 1112 8.39 -47.42 -32.02
CA PHE B 1112 8.69 -46.03 -31.73
C PHE B 1112 9.89 -45.90 -30.81
N LEU B 1113 10.17 -46.92 -30.01
CA LEU B 1113 11.31 -46.88 -29.10
C LEU B 1113 12.61 -47.10 -29.87
N GLU B 1114 12.95 -46.09 -30.67
CA GLU B 1114 14.29 -45.91 -31.17
C GLU B 1114 15.04 -45.05 -30.16
N VAL B 1115 16.29 -45.40 -29.91
CA VAL B 1115 17.07 -44.73 -28.88
C VAL B 1115 18.26 -44.03 -29.53
N LEU B 1116 18.34 -42.73 -29.32
CA LEU B 1116 19.45 -41.92 -29.80
C LEU B 1116 20.49 -41.73 -28.71
N THR B 1117 20.94 -42.84 -28.15
CA THR B 1117 22.01 -42.83 -27.15
C THR B 1117 23.12 -43.77 -27.61
N GLU B 1118 23.51 -43.64 -28.88
CA GLU B 1118 24.64 -44.42 -29.39
C GLU B 1118 25.93 -44.06 -28.66
N GLN B 1119 26.19 -42.77 -28.48
CA GLN B 1119 27.32 -42.34 -27.70
C GLN B 1119 27.05 -41.12 -26.83
N LEU B 1120 25.81 -40.62 -26.80
CA LEU B 1120 25.51 -39.39 -26.06
C LEU B 1120 25.49 -39.65 -24.56
N ASP B 1121 26.30 -38.90 -23.82
CA ASP B 1121 26.45 -39.15 -22.39
C ASP B 1121 25.25 -38.63 -21.61
N ARG B 1122 24.95 -37.34 -21.74
CA ARG B 1122 23.76 -36.76 -21.12
C ARG B 1122 22.99 -36.00 -22.19
N VAL B 1123 21.66 -36.12 -22.14
CA VAL B 1123 20.81 -35.52 -23.17
C VAL B 1123 19.42 -35.34 -22.55
N MET B 1124 18.80 -34.21 -22.88
CA MET B 1124 17.46 -33.87 -22.41
C MET B 1124 16.58 -33.67 -23.63
N LEU B 1125 15.78 -34.69 -23.95
CA LEU B 1125 14.92 -34.64 -25.11
C LEU B 1125 13.71 -33.76 -24.80
N VAL B 1126 13.41 -32.83 -25.70
CA VAL B 1126 12.30 -31.91 -25.50
C VAL B 1126 11.22 -32.23 -26.53
N ARG B 1127 10.00 -31.80 -26.23
CA ARG B 1127 8.91 -31.86 -27.21
C ARG B 1127 7.90 -30.79 -26.88
N GLY B 1128 7.72 -29.83 -27.77
CA GLY B 1128 6.82 -28.74 -27.50
C GLY B 1128 5.37 -29.07 -27.78
N GLY B 1129 4.50 -28.18 -27.38
CA GLY B 1129 3.10 -28.22 -27.73
C GLY B 1129 2.84 -27.47 -29.01
N GLY B 1130 1.66 -26.89 -29.11
CA GLY B 1130 1.33 -26.08 -30.27
C GLY B 1130 1.49 -24.60 -30.05
N ARG B 1131 0.94 -24.10 -28.95
CA ARG B 1131 0.87 -22.67 -28.67
C ARG B 1131 2.06 -22.28 -27.81
N GLU B 1132 3.17 -21.90 -28.45
CA GLU B 1132 4.38 -21.45 -27.77
C GLU B 1132 4.87 -20.16 -28.42
N VAL B 1133 4.42 -19.03 -27.90
CA VAL B 1133 4.87 -17.71 -28.34
C VAL B 1133 6.08 -17.32 -27.50
N ILE B 1134 7.20 -17.06 -28.17
CA ILE B 1134 8.51 -17.05 -27.52
C ILE B 1134 9.20 -15.70 -27.76
N THR B 1135 8.40 -14.63 -27.76
CA THR B 1135 8.74 -13.33 -28.36
C THR B 1135 10.03 -12.73 -27.79
N ILE B 1136 10.09 -12.49 -26.49
CA ILE B 1136 11.21 -11.76 -25.91
C ILE B 1136 12.18 -12.73 -25.23
N TYR B 1137 13.47 -12.43 -25.36
CA TYR B 1137 14.58 -13.17 -24.74
C TYR B 1137 14.60 -14.64 -25.15
N SER B 1138 14.34 -14.90 -26.43
CA SER B 1138 14.23 -16.25 -26.95
C SER B 1138 15.58 -16.98 -26.97
#